data_4GML
#
_entry.id   4GML
#
_cell.length_a   88.270
_cell.length_b   133.823
_cell.length_c   331.843
_cell.angle_alpha   90.00
_cell.angle_beta   90.00
_cell.angle_gamma   90.00
#
_symmetry.space_group_name_H-M   'C 2 2 21'
#
loop_
_entity.id
_entity.type
_entity.pdbx_description
1 polymer 'CCR4-NOT transcription complex subunit 1'
2 water water
#
_entity_poly.entity_id   1
_entity_poly.type   'polypeptide(L)'
_entity_poly.pdbx_seq_one_letter_code
;VLFQGPHMLEENIQEKIAFIFNNLSQSNMTQKVEELKETVKEEFMPWVSQYLVMKRVSIEPNFHSLYSNFLDTLKNPEFN
KMVLNETYRNIKVLLTSDKAAANFSDRSLLKNLGHWLGMITLAKNKPILHTDLDVKSLLLEAYVKGQQELLYVVPFVAKV
LESSIRSVVFRPPNPWTMAIMNVLAELHQEHDLKLNLKFEIEVLCKNLALDINELKPGNLLKDKDRLKNLDEQLS
;
_entity_poly.pdbx_strand_id   A,B,C,D,E,F
#
# COMPACT_ATOMS: atom_id res chain seq x y z
N VAL A 1 -21.43 -28.15 -35.37
CA VAL A 1 -20.45 -27.07 -35.43
C VAL A 1 -19.17 -27.53 -36.14
N LEU A 2 -18.96 -28.83 -36.17
CA LEU A 2 -17.93 -29.41 -37.03
C LEU A 2 -18.54 -29.51 -38.41
N PHE A 3 -17.87 -28.95 -39.41
CA PHE A 3 -18.38 -28.94 -40.78
C PHE A 3 -19.74 -28.27 -40.93
N GLN A 4 -19.95 -27.14 -40.25
CA GLN A 4 -21.25 -26.46 -40.28
C GLN A 4 -21.76 -26.20 -41.69
N GLY A 5 -22.93 -26.79 -42.01
CA GLY A 5 -23.47 -26.73 -43.36
C GLY A 5 -24.36 -25.54 -43.66
N PRO A 6 -24.93 -25.52 -44.89
CA PRO A 6 -25.71 -24.40 -45.43
C PRO A 6 -26.99 -24.11 -44.67
N HIS A 7 -27.62 -25.16 -44.12
CA HIS A 7 -28.90 -24.99 -43.45
C HIS A 7 -28.73 -24.52 -42.02
N MET A 8 -27.49 -24.36 -41.58
CA MET A 8 -27.26 -24.05 -40.17
C MET A 8 -26.68 -22.67 -40.02
N LEU A 9 -27.00 -21.80 -40.98
CA LEU A 9 -26.54 -20.43 -40.96
C LEU A 9 -27.61 -19.49 -40.42
N GLU A 10 -28.81 -19.58 -40.98
CA GLU A 10 -29.92 -18.76 -40.54
C GLU A 10 -30.09 -18.85 -39.04
N GLU A 11 -30.28 -20.08 -38.54
CA GLU A 11 -30.42 -20.31 -37.11
C GLU A 11 -29.05 -20.26 -36.42
N ASN A 12 -28.01 -20.51 -37.20
CA ASN A 12 -26.64 -20.49 -36.68
C ASN A 12 -26.52 -21.17 -35.33
N ILE A 13 -26.51 -22.50 -35.33
CA ILE A 13 -26.36 -23.26 -34.10
C ILE A 13 -25.01 -23.02 -33.42
N GLN A 14 -23.94 -22.93 -34.21
CA GLN A 14 -22.62 -22.67 -33.64
C GLN A 14 -22.56 -21.29 -33.02
N GLU A 15 -23.16 -20.33 -33.72
CA GLU A 15 -23.25 -18.96 -33.24
C GLU A 15 -24.10 -18.87 -31.98
N LYS A 16 -24.96 -19.87 -31.78
CA LYS A 16 -25.79 -19.94 -30.59
C LYS A 16 -25.07 -20.64 -29.44
N ILE A 17 -24.34 -21.70 -29.76
CA ILE A 17 -23.55 -22.42 -28.76
C ILE A 17 -22.38 -21.55 -28.30
N ALA A 18 -21.82 -20.79 -29.23
CA ALA A 18 -20.71 -19.89 -28.94
C ALA A 18 -21.09 -18.84 -27.91
N PHE A 19 -22.36 -18.45 -27.90
CA PHE A 19 -22.86 -17.43 -26.99
C PHE A 19 -22.82 -17.90 -25.54
N ILE A 20 -22.80 -19.22 -25.35
CA ILE A 20 -22.79 -19.81 -24.02
C ILE A 20 -21.40 -19.75 -23.37
N PHE A 21 -20.38 -20.13 -24.12
CA PHE A 21 -19.03 -20.31 -23.56
C PHE A 21 -18.16 -19.05 -23.64
N ASN A 22 -18.59 -18.06 -24.41
CA ASN A 22 -17.85 -16.81 -24.49
C ASN A 22 -18.32 -15.82 -23.43
N ASN A 23 -17.37 -15.08 -22.87
CA ASN A 23 -17.61 -14.22 -21.71
C ASN A 23 -18.18 -15.00 -20.52
N LEU A 24 -17.94 -16.31 -20.50
CA LEU A 24 -18.31 -17.14 -19.37
C LEU A 24 -17.43 -16.79 -18.18
N SER A 25 -18.01 -16.79 -17.00
CA SER A 25 -17.26 -16.49 -15.78
C SER A 25 -17.91 -17.19 -14.59
N GLN A 26 -17.29 -17.07 -13.43
CA GLN A 26 -17.85 -17.66 -12.22
C GLN A 26 -19.09 -16.88 -11.79
N SER A 27 -19.21 -15.65 -12.27
CA SER A 27 -20.34 -14.80 -11.95
C SER A 27 -21.60 -15.24 -12.69
N ASN A 28 -21.48 -15.41 -14.01
CA ASN A 28 -22.64 -15.74 -14.84
C ASN A 28 -22.80 -17.23 -15.13
N MET A 29 -22.04 -18.06 -14.44
CA MET A 29 -22.02 -19.50 -14.73
C MET A 29 -23.37 -20.18 -14.65
N THR A 30 -24.06 -20.04 -13.53
CA THR A 30 -25.36 -20.68 -13.35
C THR A 30 -26.40 -20.17 -14.35
N GLN A 31 -26.21 -18.95 -14.83
CA GLN A 31 -27.09 -18.38 -15.84
C GLN A 31 -26.80 -19.00 -17.21
N LYS A 32 -25.52 -19.23 -17.48
CA LYS A 32 -25.10 -19.82 -18.75
C LYS A 32 -25.44 -21.31 -18.82
N VAL A 33 -25.40 -21.99 -17.67
CA VAL A 33 -25.75 -23.40 -17.60
C VAL A 33 -27.23 -23.61 -17.93
N GLU A 34 -28.08 -22.81 -17.29
CA GLU A 34 -29.52 -22.89 -17.52
C GLU A 34 -29.87 -22.45 -18.94
N GLU A 35 -29.04 -21.59 -19.51
CA GLU A 35 -29.28 -21.09 -20.86
C GLU A 35 -28.95 -22.16 -21.89
N LEU A 36 -27.92 -22.96 -21.61
CA LEU A 36 -27.54 -24.05 -22.48
C LEU A 36 -28.66 -25.09 -22.57
N LYS A 37 -29.27 -25.38 -21.43
CA LYS A 37 -30.35 -26.35 -21.37
C LYS A 37 -31.63 -25.80 -22.00
N GLU A 38 -31.78 -24.48 -21.97
CA GLU A 38 -33.00 -23.83 -22.42
C GLU A 38 -32.99 -23.54 -23.92
N THR A 39 -31.85 -23.16 -24.46
CA THR A 39 -31.76 -22.70 -25.84
C THR A 39 -31.21 -23.75 -26.80
N VAL A 40 -30.74 -24.88 -26.25
CA VAL A 40 -30.18 -25.94 -27.08
C VAL A 40 -30.85 -27.29 -26.83
N LYS A 41 -31.37 -27.90 -27.89
CA LYS A 41 -32.00 -29.20 -27.80
C LYS A 41 -31.00 -30.26 -27.34
N GLU A 42 -31.48 -31.23 -26.57
CA GLU A 42 -30.63 -32.32 -26.08
C GLU A 42 -30.03 -33.12 -27.22
N GLU A 43 -30.72 -33.13 -28.36
CA GLU A 43 -30.22 -33.80 -29.55
C GLU A 43 -28.96 -33.15 -30.10
N PHE A 44 -28.72 -31.90 -29.71
CA PHE A 44 -27.62 -31.13 -30.28
C PHE A 44 -26.37 -31.15 -29.40
N MET A 45 -26.49 -31.73 -28.21
CA MET A 45 -25.37 -31.81 -27.27
C MET A 45 -24.05 -32.37 -27.83
N PRO A 46 -24.11 -33.38 -28.73
CA PRO A 46 -22.86 -33.79 -29.38
C PRO A 46 -22.13 -32.65 -30.07
N TRP A 47 -22.86 -31.77 -30.73
CA TRP A 47 -22.27 -30.61 -31.40
C TRP A 47 -21.69 -29.63 -30.39
N VAL A 48 -22.39 -29.48 -29.26
CA VAL A 48 -21.93 -28.61 -28.18
C VAL A 48 -20.61 -29.15 -27.64
N SER A 49 -20.54 -30.47 -27.54
CA SER A 49 -19.32 -31.15 -27.11
C SER A 49 -18.18 -30.89 -28.08
N GLN A 50 -18.48 -30.90 -29.38
CA GLN A 50 -17.47 -30.67 -30.40
C GLN A 50 -16.96 -29.24 -30.37
N TYR A 51 -17.85 -28.30 -30.14
CA TYR A 51 -17.47 -26.88 -30.09
C TYR A 51 -16.59 -26.60 -28.87
N LEU A 52 -16.97 -27.19 -27.73
CA LEU A 52 -16.25 -26.99 -26.48
C LEU A 52 -14.80 -27.45 -26.57
N VAL A 53 -14.61 -28.70 -26.99
CA VAL A 53 -13.29 -29.32 -26.99
C VAL A 53 -12.41 -28.68 -28.03
N MET A 54 -12.97 -28.52 -29.22
CA MET A 54 -12.18 -28.15 -30.37
C MET A 54 -11.94 -26.66 -30.50
N LYS A 55 -13.00 -25.87 -30.37
CA LYS A 55 -12.94 -24.44 -30.61
C LYS A 55 -12.52 -23.61 -29.40
N ARG A 56 -12.69 -24.16 -28.21
CA ARG A 56 -12.38 -23.41 -26.98
C ARG A 56 -11.22 -24.05 -26.22
N VAL A 57 -11.47 -25.24 -25.70
CA VAL A 57 -10.53 -25.97 -24.86
C VAL A 57 -9.12 -26.09 -25.43
N SER A 58 -9.00 -26.36 -26.71
CA SER A 58 -7.70 -26.63 -27.34
C SER A 58 -6.81 -25.39 -27.45
N ILE A 59 -7.40 -24.21 -27.26
CA ILE A 59 -6.63 -22.97 -27.35
C ILE A 59 -6.84 -22.06 -26.14
N GLU A 60 -7.51 -22.56 -25.12
CA GLU A 60 -7.72 -21.79 -23.90
C GLU A 60 -7.44 -22.61 -22.64
N PRO A 61 -6.16 -23.00 -22.43
CA PRO A 61 -5.86 -23.76 -21.20
C PRO A 61 -6.06 -22.93 -19.94
N ASN A 62 -6.08 -21.61 -20.08
CA ASN A 62 -6.33 -20.73 -18.94
C ASN A 62 -7.78 -20.79 -18.49
N PHE A 63 -8.63 -21.33 -19.35
CA PHE A 63 -10.07 -21.38 -19.11
C PHE A 63 -10.56 -22.77 -18.70
N HIS A 64 -9.64 -23.73 -18.59
CA HIS A 64 -10.01 -25.11 -18.33
C HIS A 64 -10.70 -25.31 -16.98
N SER A 65 -10.27 -24.58 -15.96
CA SER A 65 -10.88 -24.66 -14.64
C SER A 65 -12.33 -24.19 -14.73
N LEU A 66 -12.55 -23.15 -15.51
CA LEU A 66 -13.89 -22.58 -15.70
C LEU A 66 -14.80 -23.55 -16.45
N TYR A 67 -14.28 -24.17 -17.49
CA TYR A 67 -15.05 -25.11 -18.30
C TYR A 67 -15.32 -26.40 -17.53
N SER A 68 -14.37 -26.81 -16.70
CA SER A 68 -14.53 -28.01 -15.88
C SER A 68 -15.60 -27.77 -14.82
N ASN A 69 -15.66 -26.54 -14.31
CA ASN A 69 -16.72 -26.15 -13.38
C ASN A 69 -18.07 -26.11 -14.07
N PHE A 70 -18.06 -25.74 -15.35
CA PHE A 70 -19.27 -25.73 -16.16
C PHE A 70 -19.86 -27.13 -16.22
N LEU A 71 -19.01 -28.11 -16.50
CA LEU A 71 -19.41 -29.51 -16.53
C LEU A 71 -19.95 -29.96 -15.17
N ASP A 72 -19.36 -29.44 -14.10
CA ASP A 72 -19.77 -29.78 -12.75
C ASP A 72 -21.15 -29.22 -12.40
N THR A 73 -21.40 -27.97 -12.79
CA THR A 73 -22.68 -27.33 -12.55
C THR A 73 -23.77 -27.95 -13.43
N LEU A 74 -23.37 -28.35 -14.63
CA LEU A 74 -24.31 -28.92 -15.60
C LEU A 74 -24.87 -30.27 -15.12
N LYS A 75 -24.02 -31.08 -14.51
CA LYS A 75 -24.40 -32.39 -13.98
C LYS A 75 -25.02 -33.30 -15.04
N ASN A 76 -24.37 -33.37 -16.19
CA ASN A 76 -24.83 -34.22 -17.29
C ASN A 76 -23.77 -35.24 -17.66
N PRO A 77 -23.78 -36.40 -16.98
CA PRO A 77 -22.81 -37.47 -17.18
C PRO A 77 -22.77 -37.96 -18.63
N GLU A 78 -23.92 -37.94 -19.30
CA GLU A 78 -23.98 -38.32 -20.71
C GLU A 78 -23.21 -37.32 -21.56
N PHE A 79 -23.35 -36.04 -21.23
CA PHE A 79 -22.63 -34.99 -21.94
C PHE A 79 -21.15 -34.99 -21.58
N ASN A 80 -20.83 -35.41 -20.36
CA ASN A 80 -19.45 -35.49 -19.93
C ASN A 80 -18.66 -36.54 -20.71
N LYS A 81 -19.32 -37.65 -21.04
CA LYS A 81 -18.67 -38.70 -21.82
C LYS A 81 -18.57 -38.31 -23.28
N MET A 82 -19.53 -37.52 -23.77
CA MET A 82 -19.44 -36.97 -25.11
C MET A 82 -18.17 -36.13 -25.21
N VAL A 83 -17.99 -35.24 -24.24
CA VAL A 83 -16.81 -34.39 -24.18
C VAL A 83 -15.53 -35.20 -24.10
N LEU A 84 -15.53 -36.24 -23.27
CA LEU A 84 -14.36 -37.10 -23.11
C LEU A 84 -14.01 -37.86 -24.39
N ASN A 85 -15.01 -38.47 -25.01
CA ASN A 85 -14.81 -39.17 -26.28
C ASN A 85 -14.35 -38.21 -27.38
N GLU A 86 -14.84 -36.98 -27.31
CA GLU A 86 -14.47 -35.97 -28.29
C GLU A 86 -13.07 -35.44 -27.99
N THR A 87 -12.67 -35.55 -26.73
CA THR A 87 -11.32 -35.14 -26.33
C THR A 87 -10.31 -36.13 -26.86
N TYR A 88 -10.65 -37.42 -26.79
CA TYR A 88 -9.80 -38.47 -27.31
C TYR A 88 -9.67 -38.41 -28.84
N ARG A 89 -10.78 -38.10 -29.51
CA ARG A 89 -10.78 -37.98 -30.96
C ARG A 89 -9.83 -36.89 -31.43
N ASN A 90 -9.87 -35.74 -30.77
CA ASN A 90 -8.98 -34.63 -31.12
C ASN A 90 -7.52 -34.92 -30.82
N ILE A 91 -7.26 -35.62 -29.73
CA ILE A 91 -5.91 -36.00 -29.35
C ILE A 91 -5.28 -36.89 -30.43
N LYS A 92 -6.10 -37.79 -30.97
CA LYS A 92 -5.60 -38.76 -31.94
C LYS A 92 -5.33 -38.15 -33.32
N VAL A 93 -6.10 -37.12 -33.68
CA VAL A 93 -5.85 -36.39 -34.92
C VAL A 93 -4.45 -35.80 -34.90
N LEU A 94 -4.05 -35.28 -33.75
CA LEU A 94 -2.73 -34.69 -33.57
C LEU A 94 -1.65 -35.75 -33.40
N LEU A 95 -1.98 -36.85 -32.75
CA LEU A 95 -1.02 -37.93 -32.54
C LEU A 95 -0.70 -38.66 -33.84
N THR A 96 -1.71 -38.83 -34.69
CA THR A 96 -1.55 -39.56 -35.93
C THR A 96 -1.16 -38.63 -37.08
N SER A 97 -1.10 -37.34 -36.80
CA SER A 97 -0.70 -36.36 -37.81
C SER A 97 0.80 -36.48 -38.08
N ASP A 98 1.25 -35.89 -39.19
CA ASP A 98 2.67 -35.90 -39.52
C ASP A 98 3.40 -34.77 -38.80
N LYS A 99 4.48 -35.12 -38.11
CA LYS A 99 5.13 -34.21 -37.19
C LYS A 99 6.23 -33.34 -37.82
N ALA A 100 6.43 -32.16 -37.25
CA ALA A 100 7.54 -31.28 -37.59
C ALA A 100 7.91 -30.47 -36.36
N ALA A 101 9.12 -29.94 -36.33
CA ALA A 101 9.52 -29.03 -35.26
C ALA A 101 9.02 -27.64 -35.60
N ALA A 102 8.74 -27.42 -36.89
CA ALA A 102 8.37 -26.11 -37.41
C ALA A 102 6.95 -25.69 -37.03
N ASN A 103 6.07 -26.66 -36.85
CA ASN A 103 4.68 -26.36 -36.46
C ASN A 103 4.45 -26.42 -34.93
N PHE A 104 4.28 -25.22 -34.34
CA PHE A 104 4.16 -25.04 -32.90
C PHE A 104 2.71 -25.17 -32.45
N SER A 105 1.80 -24.67 -33.29
CA SER A 105 0.36 -24.69 -33.03
C SER A 105 -0.15 -26.09 -32.68
N ASP A 106 0.17 -27.06 -33.53
CA ASP A 106 -0.23 -28.44 -33.33
C ASP A 106 0.27 -29.02 -31.99
N ARG A 107 1.44 -28.56 -31.54
CA ARG A 107 2.01 -29.00 -30.27
C ARG A 107 1.33 -28.32 -29.09
N SER A 108 0.94 -27.06 -29.28
CA SER A 108 0.22 -26.32 -28.26
C SER A 108 -1.21 -26.85 -28.12
N LEU A 109 -1.80 -27.22 -29.26
CA LEU A 109 -3.11 -27.85 -29.27
C LEU A 109 -3.08 -29.19 -28.53
N LEU A 110 -2.07 -30.00 -28.85
CA LEU A 110 -1.91 -31.32 -28.23
C LEU A 110 -1.73 -31.22 -26.72
N LYS A 111 -0.90 -30.27 -26.30
CA LYS A 111 -0.66 -30.03 -24.88
C LYS A 111 -1.94 -29.62 -24.16
N ASN A 112 -2.62 -28.61 -24.70
CA ASN A 112 -3.84 -28.08 -24.08
C ASN A 112 -4.92 -29.15 -23.95
N LEU A 113 -5.00 -30.03 -24.94
CA LEU A 113 -5.94 -31.14 -24.90
C LEU A 113 -5.53 -32.14 -23.82
N GLY A 114 -4.23 -32.35 -23.69
CA GLY A 114 -3.69 -33.23 -22.67
C GLY A 114 -3.97 -32.69 -21.27
N HIS A 115 -3.75 -31.40 -21.09
CA HIS A 115 -4.04 -30.74 -19.83
C HIS A 115 -5.53 -30.86 -19.49
N TRP A 116 -6.37 -30.63 -20.50
CA TRP A 116 -7.82 -30.75 -20.35
C TRP A 116 -8.23 -32.19 -20.06
N LEU A 117 -7.56 -33.14 -20.74
CA LEU A 117 -7.83 -34.55 -20.54
C LEU A 117 -7.70 -34.94 -19.08
N GLY A 118 -6.58 -34.52 -18.47
CA GLY A 118 -6.31 -34.85 -17.08
C GLY A 118 -7.26 -34.17 -16.11
N MET A 119 -7.80 -33.03 -16.51
CA MET A 119 -8.68 -32.28 -15.63
C MET A 119 -10.10 -32.84 -15.57
N ILE A 120 -10.49 -33.60 -16.59
CA ILE A 120 -11.81 -34.24 -16.60
C ILE A 120 -11.72 -35.73 -16.30
N THR A 121 -10.51 -36.25 -16.19
CA THR A 121 -10.31 -37.64 -15.84
C THR A 121 -9.66 -37.80 -14.47
N LEU A 122 -8.35 -37.61 -14.41
CA LEU A 122 -7.59 -37.81 -13.18
C LEU A 122 -8.08 -36.95 -12.02
N ALA A 123 -8.24 -35.66 -12.26
CA ALA A 123 -8.66 -34.73 -11.21
C ALA A 123 -10.08 -35.03 -10.71
N LYS A 124 -10.86 -35.74 -11.51
CA LYS A 124 -12.21 -36.14 -11.11
C LYS A 124 -12.21 -37.58 -10.66
N ASN A 125 -11.02 -38.11 -10.38
CA ASN A 125 -10.84 -39.48 -9.92
C ASN A 125 -11.38 -40.53 -10.87
N LYS A 126 -11.18 -40.31 -12.16
CA LYS A 126 -11.59 -41.25 -13.20
C LYS A 126 -10.37 -41.60 -14.05
N PRO A 127 -10.12 -42.90 -14.23
CA PRO A 127 -8.88 -43.34 -14.89
C PRO A 127 -8.88 -43.11 -16.39
N ILE A 128 -7.70 -42.87 -16.95
CA ILE A 128 -7.53 -42.86 -18.40
C ILE A 128 -7.33 -44.29 -18.86
N LEU A 129 -8.40 -44.91 -19.34
CA LEU A 129 -8.37 -46.31 -19.76
C LEU A 129 -7.39 -46.49 -20.92
N HIS A 130 -6.62 -47.57 -20.88
CA HIS A 130 -5.59 -47.81 -21.88
C HIS A 130 -6.19 -48.20 -23.23
N THR A 131 -7.48 -48.51 -23.22
CA THR A 131 -8.20 -48.80 -24.46
C THR A 131 -8.40 -47.51 -25.24
N ASP A 132 -8.51 -46.40 -24.50
CA ASP A 132 -8.65 -45.08 -25.11
C ASP A 132 -7.28 -44.48 -25.37
N LEU A 133 -6.42 -44.52 -24.35
CA LEU A 133 -5.08 -43.99 -24.47
C LEU A 133 -4.11 -44.72 -23.54
N ASP A 134 -3.08 -45.32 -24.13
CA ASP A 134 -2.04 -45.99 -23.34
C ASP A 134 -0.86 -45.04 -23.17
N VAL A 135 -0.86 -44.31 -22.06
CA VAL A 135 0.13 -43.25 -21.83
C VAL A 135 1.56 -43.76 -21.77
N LYS A 136 1.80 -44.82 -21.00
CA LYS A 136 3.14 -45.37 -20.85
C LYS A 136 3.66 -45.92 -22.17
N SER A 137 2.79 -46.57 -22.92
CA SER A 137 3.16 -47.12 -24.23
C SER A 137 3.37 -46.00 -25.25
N LEU A 138 2.74 -44.86 -25.00
CA LEU A 138 2.88 -43.70 -25.88
C LEU A 138 4.29 -43.14 -25.78
N LEU A 139 4.83 -43.13 -24.56
CA LEU A 139 6.19 -42.66 -24.33
C LEU A 139 7.20 -43.61 -24.93
N LEU A 140 6.96 -44.91 -24.78
CA LEU A 140 7.84 -45.93 -25.33
C LEU A 140 7.87 -45.88 -26.85
N GLU A 141 6.71 -45.59 -27.45
CA GLU A 141 6.60 -45.50 -28.89
C GLU A 141 7.30 -44.24 -29.41
N ALA A 142 7.15 -43.14 -28.67
CA ALA A 142 7.77 -41.88 -29.04
C ALA A 142 9.29 -41.97 -29.00
N TYR A 143 9.80 -42.90 -28.19
CA TYR A 143 11.23 -43.08 -28.05
C TYR A 143 11.86 -43.74 -29.28
N VAL A 144 11.14 -44.69 -29.88
CA VAL A 144 11.68 -45.44 -31.02
C VAL A 144 11.54 -44.69 -32.33
N LYS A 145 10.63 -43.72 -32.38
CA LYS A 145 10.34 -43.02 -33.62
C LYS A 145 11.21 -41.78 -33.80
N GLY A 146 11.78 -41.28 -32.71
CA GLY A 146 12.71 -40.17 -32.79
C GLY A 146 12.31 -38.95 -32.01
N GLN A 147 13.19 -37.93 -32.03
CA GLN A 147 13.01 -36.70 -31.28
C GLN A 147 11.75 -35.94 -31.68
N GLN A 148 11.35 -36.09 -32.93
CA GLN A 148 10.18 -35.39 -33.47
C GLN A 148 8.92 -35.80 -32.70
N GLU A 149 8.77 -37.10 -32.47
CA GLU A 149 7.63 -37.62 -31.73
C GLU A 149 7.74 -37.32 -30.24
N LEU A 150 8.96 -37.37 -29.72
CA LEU A 150 9.20 -37.06 -28.31
C LEU A 150 8.83 -35.63 -27.98
N LEU A 151 9.08 -34.74 -28.93
CA LEU A 151 8.77 -33.33 -28.77
C LEU A 151 7.26 -33.12 -28.64
N TYR A 152 6.49 -33.99 -29.27
CA TYR A 152 5.03 -33.92 -29.23
C TYR A 152 4.47 -34.54 -27.96
N VAL A 153 5.05 -35.67 -27.57
CA VAL A 153 4.48 -36.53 -26.54
C VAL A 153 4.83 -36.14 -25.10
N VAL A 154 6.12 -35.91 -24.84
CA VAL A 154 6.58 -35.62 -23.48
C VAL A 154 5.88 -34.44 -22.79
N PRO A 155 5.77 -33.28 -23.46
CA PRO A 155 5.04 -32.20 -22.81
C PRO A 155 3.54 -32.48 -22.72
N PHE A 156 3.04 -33.27 -23.66
CA PHE A 156 1.64 -33.69 -23.65
C PHE A 156 1.35 -34.55 -22.43
N VAL A 157 2.21 -35.54 -22.19
CA VAL A 157 2.08 -36.42 -21.03
C VAL A 157 2.25 -35.64 -19.74
N ALA A 158 3.14 -34.66 -19.74
CA ALA A 158 3.37 -33.83 -18.56
C ALA A 158 2.10 -33.06 -18.17
N LYS A 159 1.38 -32.56 -19.16
CA LYS A 159 0.18 -31.75 -18.91
C LYS A 159 -0.98 -32.55 -18.34
N VAL A 160 -1.07 -33.82 -18.70
CA VAL A 160 -2.16 -34.66 -18.20
C VAL A 160 -1.85 -35.17 -16.79
N LEU A 161 -0.57 -35.42 -16.51
CA LEU A 161 -0.14 -35.88 -15.20
C LEU A 161 -0.17 -34.78 -14.15
N GLU A 162 -0.17 -33.53 -14.61
CA GLU A 162 -0.23 -32.38 -13.71
C GLU A 162 -1.49 -32.37 -12.86
N SER A 163 -2.52 -33.07 -13.31
CA SER A 163 -3.81 -33.07 -12.63
C SER A 163 -3.89 -34.14 -11.55
N SER A 164 -2.86 -34.97 -11.46
CA SER A 164 -2.82 -36.02 -10.44
C SER A 164 -2.74 -35.43 -9.04
N ILE A 165 -2.21 -34.21 -8.96
CA ILE A 165 -2.11 -33.50 -7.69
C ILE A 165 -3.49 -33.17 -7.13
N ARG A 166 -4.38 -32.72 -8.00
CA ARG A 166 -5.74 -32.39 -7.60
C ARG A 166 -6.61 -33.64 -7.54
N SER A 167 -5.98 -34.79 -7.70
CA SER A 167 -6.68 -36.06 -7.58
C SER A 167 -6.45 -36.67 -6.19
N VAL A 168 -7.41 -37.47 -5.76
CA VAL A 168 -7.34 -38.11 -4.47
C VAL A 168 -6.72 -39.50 -4.62
N VAL A 169 -6.75 -40.00 -5.85
CA VAL A 169 -6.29 -41.36 -6.14
C VAL A 169 -5.00 -41.40 -6.93
N PHE A 170 -4.85 -40.46 -7.88
CA PHE A 170 -3.75 -40.53 -8.83
C PHE A 170 -2.51 -39.76 -8.40
N ARG A 171 -2.58 -39.11 -7.24
CA ARG A 171 -1.41 -38.45 -6.68
C ARG A 171 -0.35 -39.50 -6.40
N PRO A 172 0.94 -39.10 -6.40
CA PRO A 172 1.99 -40.01 -5.96
C PRO A 172 1.68 -40.51 -4.54
N PRO A 173 2.02 -41.77 -4.23
CA PRO A 173 2.75 -42.70 -5.10
C PRO A 173 1.82 -43.69 -5.79
N ASN A 174 0.87 -43.21 -6.58
CA ASN A 174 -0.01 -44.09 -7.34
C ASN A 174 0.83 -44.95 -8.29
N PRO A 175 0.60 -46.28 -8.24
CA PRO A 175 1.33 -47.21 -9.12
C PRO A 175 1.23 -46.84 -10.59
N TRP A 176 0.08 -46.37 -11.03
CA TRP A 176 -0.10 -45.96 -12.42
C TRP A 176 0.65 -44.67 -12.72
N THR A 177 0.51 -43.69 -11.84
CA THR A 177 1.19 -42.41 -12.02
C THR A 177 2.70 -42.57 -11.96
N MET A 178 3.16 -43.36 -10.99
CA MET A 178 4.60 -43.55 -10.79
C MET A 178 5.23 -44.43 -11.88
N ALA A 179 4.46 -45.35 -12.45
CA ALA A 179 4.96 -46.19 -13.53
C ALA A 179 5.33 -45.32 -14.73
N ILE A 180 4.53 -44.30 -14.97
CA ILE A 180 4.80 -43.36 -16.06
C ILE A 180 5.97 -42.46 -15.71
N MET A 181 6.04 -42.01 -14.46
CA MET A 181 7.11 -41.14 -14.00
C MET A 181 8.47 -41.84 -14.06
N ASN A 182 8.46 -43.16 -13.85
CA ASN A 182 9.69 -43.95 -13.93
C ASN A 182 10.21 -44.07 -15.36
N VAL A 183 9.29 -44.16 -16.32
CA VAL A 183 9.66 -44.20 -17.72
C VAL A 183 10.22 -42.85 -18.16
N LEU A 184 9.59 -41.77 -17.70
CA LEU A 184 10.08 -40.43 -17.95
C LEU A 184 11.44 -40.24 -17.31
N ALA A 185 11.65 -40.88 -16.16
CA ALA A 185 12.93 -40.84 -15.48
C ALA A 185 13.99 -41.57 -16.32
N GLU A 186 13.55 -42.61 -17.01
CA GLU A 186 14.43 -43.39 -17.88
C GLU A 186 14.81 -42.56 -19.11
N LEU A 187 13.83 -41.86 -19.67
CA LEU A 187 14.07 -40.97 -20.81
C LEU A 187 14.96 -39.80 -20.43
N HIS A 188 14.83 -39.35 -19.17
CA HIS A 188 15.58 -38.20 -18.68
C HIS A 188 17.08 -38.45 -18.72
N GLN A 189 17.50 -39.64 -18.29
CA GLN A 189 18.91 -39.98 -18.28
C GLN A 189 19.36 -40.66 -19.57
N GLU A 190 18.87 -40.14 -20.69
CA GLU A 190 19.27 -40.62 -22.00
C GLU A 190 20.02 -39.52 -22.72
N HIS A 191 21.28 -39.79 -23.08
CA HIS A 191 22.12 -38.80 -23.75
C HIS A 191 21.49 -38.28 -25.02
N ASP A 192 20.55 -39.06 -25.54
CA ASP A 192 19.92 -38.76 -26.80
C ASP A 192 18.87 -37.66 -26.68
N LEU A 193 18.15 -37.67 -25.57
CA LEU A 193 17.03 -36.77 -25.38
C LEU A 193 17.48 -35.32 -25.33
N LYS A 194 16.75 -34.45 -26.02
CA LYS A 194 17.06 -33.04 -26.06
C LYS A 194 16.98 -32.41 -24.66
N LEU A 195 17.67 -31.29 -24.48
CA LEU A 195 17.77 -30.65 -23.17
C LEU A 195 16.44 -30.09 -22.68
N ASN A 196 15.62 -29.60 -23.60
CA ASN A 196 14.33 -29.01 -23.25
C ASN A 196 13.37 -30.05 -22.68
N LEU A 197 13.47 -31.28 -23.16
CA LEU A 197 12.63 -32.37 -22.68
C LEU A 197 13.15 -32.91 -21.35
N LYS A 198 14.46 -32.91 -21.20
CA LYS A 198 15.06 -33.25 -19.91
C LYS A 198 14.62 -32.22 -18.88
N PHE A 199 14.53 -30.98 -19.31
CA PHE A 199 14.10 -29.90 -18.45
C PHE A 199 12.61 -30.00 -18.16
N GLU A 200 11.85 -30.35 -19.20
CA GLU A 200 10.40 -30.52 -19.09
C GLU A 200 10.04 -31.54 -18.01
N ILE A 201 10.78 -32.64 -18.00
CA ILE A 201 10.54 -33.72 -17.04
C ILE A 201 10.85 -33.29 -15.61
N GLU A 202 11.92 -32.51 -15.45
CA GLU A 202 12.30 -32.00 -14.14
C GLU A 202 11.27 -31.00 -13.62
N VAL A 203 10.76 -30.17 -14.51
CA VAL A 203 9.69 -29.23 -14.17
C VAL A 203 8.46 -30.00 -13.71
N LEU A 204 8.14 -31.07 -14.43
CA LEU A 204 7.00 -31.92 -14.10
C LEU A 204 7.15 -32.56 -12.73
N CYS A 205 8.36 -33.01 -12.43
CA CYS A 205 8.65 -33.66 -11.14
C CYS A 205 8.35 -32.72 -9.98
N LYS A 206 8.87 -31.50 -10.05
CA LYS A 206 8.64 -30.52 -8.99
C LYS A 206 7.17 -30.08 -8.97
N ASN A 207 6.53 -30.08 -10.13
CA ASN A 207 5.10 -29.78 -10.22
C ASN A 207 4.25 -30.87 -9.57
N LEU A 208 4.82 -32.06 -9.42
CA LEU A 208 4.15 -33.15 -8.74
C LEU A 208 4.72 -33.36 -7.34
N ALA A 209 5.56 -32.41 -6.92
CA ALA A 209 6.25 -32.46 -5.63
C ALA A 209 7.12 -33.72 -5.49
N LEU A 210 7.91 -33.99 -6.53
CA LEU A 210 8.77 -35.16 -6.55
C LEU A 210 10.22 -34.79 -6.80
N ASP A 211 11.13 -35.55 -6.21
CA ASP A 211 12.55 -35.43 -6.52
C ASP A 211 12.89 -36.41 -7.62
N ILE A 212 13.36 -35.90 -8.76
CA ILE A 212 13.67 -36.72 -9.92
C ILE A 212 14.71 -37.81 -9.62
N ASN A 213 15.53 -37.56 -8.61
CA ASN A 213 16.53 -38.54 -8.19
C ASN A 213 15.95 -39.59 -7.25
N GLU A 214 14.73 -39.34 -6.77
CA GLU A 214 14.02 -40.33 -5.94
C GLU A 214 13.17 -41.25 -6.79
N LEU A 215 13.05 -40.92 -8.08
CA LEU A 215 12.36 -41.80 -9.01
C LEU A 215 13.21 -43.05 -9.27
N LYS A 216 12.60 -44.06 -9.87
CA LYS A 216 13.26 -45.36 -10.05
C LYS A 216 13.17 -45.85 -11.50
N PRO A 217 14.05 -45.32 -12.38
CA PRO A 217 14.09 -45.72 -13.79
C PRO A 217 14.31 -47.22 -13.95
N GLY A 218 13.71 -47.83 -14.96
CA GLY A 218 13.88 -49.25 -15.20
C GLY A 218 14.73 -49.51 -16.42
N ASN A 219 14.42 -50.57 -17.14
CA ASN A 219 15.14 -50.92 -18.35
C ASN A 219 14.19 -51.10 -19.53
N LEU A 220 13.11 -50.34 -19.52
CA LEU A 220 12.09 -50.45 -20.56
C LEU A 220 12.58 -49.92 -21.91
N LEU A 221 13.55 -49.01 -21.90
CA LEU A 221 14.07 -48.46 -23.14
C LEU A 221 15.09 -49.38 -23.80
N LYS A 222 15.41 -50.49 -23.14
CA LYS A 222 16.36 -51.44 -23.68
C LYS A 222 15.68 -52.74 -24.07
N ASP A 223 14.43 -52.88 -23.64
CA ASP A 223 13.62 -54.04 -24.01
C ASP A 223 13.21 -53.91 -25.47
N LYS A 224 14.13 -54.21 -26.38
CA LYS A 224 13.90 -54.06 -27.81
C LYS A 224 12.80 -54.99 -28.31
N ASP A 225 12.58 -56.08 -27.58
CA ASP A 225 11.53 -57.03 -27.91
C ASP A 225 10.16 -56.38 -27.69
N ARG A 226 10.03 -55.65 -26.59
CA ARG A 226 8.79 -54.96 -26.25
C ARG A 226 8.60 -53.70 -27.10
N LEU A 227 9.71 -53.06 -27.43
CA LEU A 227 9.69 -51.81 -28.18
C LEU A 227 9.17 -51.95 -29.60
N LYS A 228 9.49 -53.06 -30.25
CA LYS A 228 9.07 -53.28 -31.63
C LYS A 228 7.57 -53.57 -31.71
N ASN A 229 7.11 -54.46 -30.83
CA ASN A 229 5.72 -54.92 -30.88
C ASN A 229 4.76 -54.08 -30.03
N LEU A 230 4.91 -52.76 -30.11
CA LEU A 230 3.98 -51.83 -29.44
C LEU A 230 2.75 -51.61 -30.31
N ASP A 231 1.59 -51.50 -29.67
CA ASP A 231 0.38 -51.05 -30.37
C ASP A 231 0.53 -49.56 -30.65
N GLU A 232 0.77 -49.23 -31.91
CA GLU A 232 1.08 -47.86 -32.31
C GLU A 232 -0.07 -46.89 -32.11
N GLN A 233 0.25 -45.72 -31.55
CA GLN A 233 -0.73 -44.66 -31.33
C GLN A 233 -0.28 -43.40 -32.06
N LEU A 234 0.88 -43.48 -32.70
CA LEU A 234 1.44 -42.36 -33.43
C LEU A 234 1.55 -42.66 -34.92
N SER A 235 2.11 -41.71 -35.67
CA SER A 235 2.33 -41.90 -37.09
C SER A 235 3.75 -42.40 -37.36
N VAL B 1 14.66 -19.55 7.43
CA VAL B 1 14.60 -20.30 6.18
C VAL B 1 15.68 -19.84 5.22
N LEU B 2 15.61 -18.58 4.82
CA LEU B 2 16.68 -17.94 4.06
C LEU B 2 17.87 -17.68 4.99
N PHE B 3 19.03 -18.22 4.62
CA PHE B 3 20.20 -18.26 5.51
C PHE B 3 19.85 -18.86 6.87
N GLN B 4 19.92 -20.18 7.00
CA GLN B 4 19.63 -20.80 8.28
C GLN B 4 20.87 -20.91 9.16
N GLY B 5 20.81 -20.30 10.34
CA GLY B 5 21.89 -20.39 11.30
C GLY B 5 21.77 -21.69 12.07
N PRO B 6 22.84 -22.08 12.79
CA PRO B 6 22.91 -23.38 13.49
C PRO B 6 21.77 -23.59 14.48
N HIS B 7 21.31 -22.52 15.12
CA HIS B 7 20.23 -22.60 16.09
C HIS B 7 18.88 -22.85 15.42
N MET B 8 18.80 -22.58 14.13
CA MET B 8 17.59 -22.82 13.35
C MET B 8 17.46 -24.28 12.95
N LEU B 9 18.57 -24.88 12.52
CA LEU B 9 18.59 -26.26 12.06
C LEU B 9 18.35 -27.24 13.20
N GLU B 10 18.80 -26.87 14.39
CA GLU B 10 18.60 -27.71 15.56
C GLU B 10 17.12 -27.78 15.91
N GLU B 11 16.46 -26.63 15.89
CA GLU B 11 15.03 -26.58 16.20
C GLU B 11 14.21 -27.14 15.05
N ASN B 12 14.85 -27.35 13.90
CA ASN B 12 14.16 -27.82 12.69
C ASN B 12 12.96 -26.94 12.36
N ILE B 13 13.20 -25.63 12.33
CA ILE B 13 12.13 -24.66 12.13
C ILE B 13 11.65 -24.60 10.68
N GLN B 14 12.59 -24.65 9.73
CA GLN B 14 12.22 -24.68 8.32
C GLN B 14 11.47 -25.96 7.99
N GLU B 15 11.73 -26.99 8.80
CA GLU B 15 11.10 -28.29 8.61
C GLU B 15 9.71 -28.32 9.24
N LYS B 16 9.54 -27.51 10.29
CA LYS B 16 8.24 -27.40 10.97
C LYS B 16 7.27 -26.61 10.10
N ILE B 17 7.80 -25.95 9.08
CA ILE B 17 6.99 -25.18 8.14
C ILE B 17 6.70 -26.00 6.87
N ALA B 18 7.72 -26.72 6.40
CA ALA B 18 7.58 -27.58 5.24
C ALA B 18 6.48 -28.62 5.45
N PHE B 19 6.33 -29.03 6.70
CA PHE B 19 5.31 -29.98 7.11
C PHE B 19 3.91 -29.45 6.78
N ILE B 20 3.71 -28.17 7.04
CA ILE B 20 2.43 -27.52 6.83
C ILE B 20 2.01 -27.50 5.35
N PHE B 21 2.98 -27.27 4.47
CA PHE B 21 2.67 -27.08 3.05
C PHE B 21 2.74 -28.35 2.20
N ASN B 22 3.29 -29.42 2.76
CA ASN B 22 3.36 -30.69 2.03
C ASN B 22 2.06 -31.47 2.07
N ASN B 23 1.78 -32.22 1.00
CA ASN B 23 0.59 -33.04 0.89
C ASN B 23 -0.69 -32.22 1.07
N LEU B 24 -0.75 -31.08 0.38
CA LEU B 24 -1.83 -30.12 0.58
C LEU B 24 -2.95 -30.29 -0.45
N SER B 25 -4.18 -30.20 0.02
CA SER B 25 -5.35 -30.23 -0.87
C SER B 25 -6.58 -29.67 -0.16
N GLN B 26 -7.64 -29.42 -0.93
CA GLN B 26 -8.82 -28.71 -0.44
C GLN B 26 -9.46 -29.31 0.80
N SER B 27 -9.19 -30.58 1.05
CA SER B 27 -9.79 -31.30 2.17
C SER B 27 -9.16 -30.90 3.50
N ASN B 28 -7.83 -30.96 3.55
CA ASN B 28 -7.10 -30.72 4.80
C ASN B 28 -6.75 -29.26 5.02
N MET B 29 -7.20 -28.39 4.12
CA MET B 29 -6.82 -26.98 4.14
C MET B 29 -7.20 -26.26 5.42
N THR B 30 -8.42 -26.48 5.89
CA THR B 30 -8.86 -25.87 7.13
C THR B 30 -8.03 -26.37 8.31
N GLN B 31 -7.61 -27.63 8.23
CA GLN B 31 -6.80 -28.23 9.29
C GLN B 31 -5.41 -27.60 9.36
N LYS B 32 -4.68 -27.68 8.26
CA LYS B 32 -3.30 -27.22 8.15
C LYS B 32 -3.11 -25.77 8.58
N VAL B 33 -4.04 -24.91 8.16
CA VAL B 33 -4.02 -23.49 8.53
C VAL B 33 -3.97 -23.33 10.05
N GLU B 34 -4.86 -24.04 10.75
CA GLU B 34 -4.88 -23.99 12.21
C GLU B 34 -3.67 -24.66 12.83
N GLU B 35 -3.01 -25.53 12.07
CA GLU B 35 -1.80 -26.18 12.54
C GLU B 35 -0.62 -25.23 12.39
N LEU B 36 -0.64 -24.44 11.31
CA LEU B 36 0.37 -23.41 11.08
C LEU B 36 0.25 -22.33 12.15
N LYS B 37 -0.98 -22.04 12.55
CA LYS B 37 -1.25 -20.99 13.54
C LYS B 37 -0.91 -21.42 14.96
N GLU B 38 -0.67 -22.71 15.16
CA GLU B 38 -0.42 -23.23 16.50
C GLU B 38 1.04 -23.64 16.71
N THR B 39 1.63 -24.26 15.70
CA THR B 39 3.00 -24.77 15.81
C THR B 39 4.03 -23.74 15.37
N VAL B 40 3.56 -22.62 14.85
CA VAL B 40 4.45 -21.54 14.42
C VAL B 40 3.99 -20.19 14.99
N LYS B 41 4.91 -19.48 15.63
CA LYS B 41 4.59 -18.22 16.30
C LYS B 41 4.37 -17.08 15.31
N GLU B 42 3.69 -16.04 15.79
CA GLU B 42 3.35 -14.88 14.96
C GLU B 42 4.59 -14.06 14.62
N GLU B 43 5.58 -14.10 15.50
CA GLU B 43 6.82 -13.39 15.27
C GLU B 43 7.66 -14.01 14.15
N PHE B 44 7.37 -15.27 13.84
CA PHE B 44 8.18 -16.01 12.87
C PHE B 44 7.55 -16.03 11.48
N MET B 45 6.37 -15.45 11.36
CA MET B 45 5.67 -15.38 10.06
C MET B 45 6.49 -14.84 8.88
N PRO B 46 7.39 -13.87 9.12
CA PRO B 46 8.29 -13.48 8.03
C PRO B 46 9.11 -14.64 7.48
N TRP B 47 9.48 -15.59 8.33
CA TRP B 47 10.24 -16.76 7.90
C TRP B 47 9.34 -17.74 7.13
N VAL B 48 8.09 -17.84 7.57
CA VAL B 48 7.10 -18.67 6.89
C VAL B 48 6.84 -18.13 5.49
N SER B 49 6.59 -16.82 5.43
CA SER B 49 6.40 -16.13 4.17
C SER B 49 7.62 -16.29 3.28
N GLN B 50 8.79 -16.33 3.91
CA GLN B 50 10.05 -16.49 3.20
C GLN B 50 10.17 -17.88 2.60
N TYR B 51 9.74 -18.89 3.36
CA TYR B 51 9.80 -20.28 2.89
C TYR B 51 8.82 -20.53 1.76
N LEU B 52 7.59 -20.05 1.92
CA LEU B 52 6.54 -20.27 0.93
C LEU B 52 6.92 -19.74 -0.45
N VAL B 53 7.34 -18.48 -0.51
CA VAL B 53 7.68 -17.85 -1.78
C VAL B 53 8.92 -18.45 -2.42
N MET B 54 10.00 -18.56 -1.64
CA MET B 54 11.30 -18.95 -2.18
C MET B 54 11.46 -20.46 -2.42
N LYS B 55 10.91 -21.27 -1.52
CA LYS B 55 11.17 -22.71 -1.56
C LYS B 55 10.03 -23.55 -2.12
N ARG B 56 8.86 -22.95 -2.31
CA ARG B 56 7.69 -23.68 -2.80
C ARG B 56 7.14 -23.05 -4.07
N VAL B 57 6.60 -21.84 -3.91
CA VAL B 57 5.99 -21.08 -4.99
C VAL B 57 6.85 -21.01 -6.25
N SER B 58 8.15 -20.80 -6.08
CA SER B 58 9.05 -20.56 -7.20
C SER B 58 9.25 -21.76 -8.12
N ILE B 59 8.96 -22.96 -7.62
CA ILE B 59 9.19 -24.18 -8.39
C ILE B 59 7.95 -25.04 -8.55
N GLU B 60 6.84 -24.61 -7.94
CA GLU B 60 5.60 -25.38 -7.99
C GLU B 60 4.41 -24.53 -8.40
N PRO B 61 4.36 -24.09 -9.67
CA PRO B 61 3.19 -23.33 -10.14
C PRO B 61 1.93 -24.19 -10.13
N ASN B 62 2.10 -25.50 -10.12
CA ASN B 62 0.99 -26.44 -10.08
C ASN B 62 0.21 -26.34 -8.77
N PHE B 63 0.89 -25.92 -7.71
CA PHE B 63 0.30 -25.86 -6.38
C PHE B 63 -0.19 -24.47 -5.99
N HIS B 64 -0.06 -23.50 -6.89
CA HIS B 64 -0.44 -22.11 -6.60
C HIS B 64 -1.90 -21.97 -6.19
N SER B 65 -2.78 -22.73 -6.84
CA SER B 65 -4.20 -22.70 -6.52
C SER B 65 -4.44 -23.12 -5.07
N LEU B 66 -3.57 -23.98 -4.56
CA LEU B 66 -3.67 -24.46 -3.19
C LEU B 66 -3.03 -23.51 -2.20
N TYR B 67 -1.89 -22.94 -2.58
CA TYR B 67 -1.17 -22.01 -1.71
C TYR B 67 -1.94 -20.70 -1.57
N SER B 68 -2.59 -20.27 -2.64
CA SER B 68 -3.43 -19.08 -2.61
C SER B 68 -4.66 -19.33 -1.75
N ASN B 69 -5.25 -20.51 -1.92
CA ASN B 69 -6.39 -20.94 -1.12
C ASN B 69 -6.02 -20.97 0.37
N PHE B 70 -4.77 -21.31 0.64
CA PHE B 70 -4.25 -21.33 2.00
C PHE B 70 -4.29 -19.94 2.59
N LEU B 71 -3.83 -18.95 1.83
CA LEU B 71 -3.84 -17.56 2.24
C LEU B 71 -5.26 -17.08 2.48
N ASP B 72 -6.17 -17.47 1.60
CA ASP B 72 -7.58 -17.12 1.74
C ASP B 72 -8.16 -17.72 3.01
N THR B 73 -7.75 -18.94 3.32
CA THR B 73 -8.25 -19.63 4.50
C THR B 73 -7.65 -19.06 5.78
N LEU B 74 -6.38 -18.66 5.68
CA LEU B 74 -5.65 -18.11 6.82
C LEU B 74 -6.20 -16.75 7.25
N LYS B 75 -6.55 -15.92 6.27
CA LYS B 75 -7.15 -14.61 6.50
C LYS B 75 -6.24 -13.67 7.31
N ASN B 76 -4.94 -13.69 7.00
CA ASN B 76 -4.00 -12.82 7.68
C ASN B 76 -3.40 -11.79 6.72
N PRO B 77 -3.97 -10.58 6.71
CA PRO B 77 -3.55 -9.52 5.80
C PRO B 77 -2.09 -9.10 5.98
N GLU B 78 -1.58 -9.22 7.21
CA GLU B 78 -0.18 -8.92 7.49
C GLU B 78 0.71 -9.93 6.79
N PHE B 79 0.32 -11.21 6.90
CA PHE B 79 1.05 -12.28 6.24
C PHE B 79 0.94 -12.17 4.73
N ASN B 80 -0.25 -11.79 4.26
CA ASN B 80 -0.47 -11.57 2.84
C ASN B 80 0.44 -10.49 2.30
N LYS B 81 0.68 -9.47 3.12
CA LYS B 81 1.57 -8.38 2.73
C LYS B 81 3.03 -8.82 2.77
N MET B 82 3.36 -9.71 3.72
CA MET B 82 4.71 -10.25 3.80
C MET B 82 5.02 -11.09 2.56
N VAL B 83 4.09 -11.96 2.20
CA VAL B 83 4.24 -12.82 1.04
C VAL B 83 4.36 -12.03 -0.26
N LEU B 84 3.53 -11.00 -0.40
CA LEU B 84 3.57 -10.14 -1.58
C LEU B 84 4.90 -9.40 -1.70
N ASN B 85 5.34 -8.81 -0.59
CA ASN B 85 6.63 -8.13 -0.55
C ASN B 85 7.79 -9.10 -0.78
N GLU B 86 7.61 -10.33 -0.33
CA GLU B 86 8.62 -11.36 -0.52
C GLU B 86 8.63 -11.81 -1.98
N THR B 87 7.48 -11.72 -2.62
CA THR B 87 7.35 -12.09 -4.03
C THR B 87 8.06 -11.06 -4.91
N TYR B 88 7.76 -9.79 -4.69
CA TYR B 88 8.41 -8.71 -5.42
C TYR B 88 9.93 -8.77 -5.30
N ARG B 89 10.42 -9.05 -4.09
CA ARG B 89 11.85 -9.19 -3.83
C ARG B 89 12.47 -10.26 -4.73
N ASN B 90 11.90 -11.46 -4.71
CA ASN B 90 12.39 -12.56 -5.52
C ASN B 90 12.29 -12.28 -7.02
N ILE B 91 11.25 -11.58 -7.42
CA ILE B 91 11.11 -11.17 -8.82
C ILE B 91 12.25 -10.24 -9.21
N LYS B 92 12.55 -9.28 -8.33
CA LYS B 92 13.60 -8.30 -8.60
C LYS B 92 15.00 -8.91 -8.67
N VAL B 93 15.24 -9.94 -7.87
CA VAL B 93 16.51 -10.66 -7.90
C VAL B 93 16.78 -11.20 -9.30
N LEU B 94 15.76 -11.84 -9.86
CA LEU B 94 15.86 -12.47 -11.17
C LEU B 94 15.84 -11.44 -12.30
N LEU B 95 15.07 -10.37 -12.11
CA LEU B 95 14.98 -9.31 -13.12
C LEU B 95 16.29 -8.56 -13.27
N THR B 96 17.09 -8.51 -12.20
CA THR B 96 18.32 -7.74 -12.20
C THR B 96 19.57 -8.60 -12.32
N SER B 97 19.39 -9.92 -12.42
CA SER B 97 20.52 -10.82 -12.62
C SER B 97 21.07 -10.65 -14.04
N ASP B 98 22.22 -11.27 -14.31
CA ASP B 98 22.83 -11.16 -15.63
C ASP B 98 22.29 -12.22 -16.60
N LYS B 99 21.50 -11.75 -17.56
CA LYS B 99 20.74 -12.61 -18.45
C LYS B 99 21.60 -13.48 -19.36
N ALA B 100 21.13 -14.70 -19.60
CA ALA B 100 21.73 -15.62 -20.54
C ALA B 100 20.66 -16.64 -20.92
N ALA B 101 20.39 -16.77 -22.20
CA ALA B 101 19.30 -17.63 -22.68
C ALA B 101 19.40 -19.06 -22.19
N ALA B 102 20.62 -19.50 -21.88
CA ALA B 102 20.86 -20.86 -21.40
C ALA B 102 20.50 -21.03 -19.93
N ASN B 103 20.11 -19.93 -19.28
CA ASN B 103 19.64 -20.01 -17.89
C ASN B 103 18.16 -20.34 -17.83
N PHE B 104 17.82 -21.58 -18.19
CA PHE B 104 16.43 -22.03 -18.22
C PHE B 104 15.77 -21.94 -16.85
N SER B 105 16.50 -22.33 -15.81
CA SER B 105 15.98 -22.29 -14.45
C SER B 105 15.61 -20.87 -14.03
N ASP B 106 16.46 -19.92 -14.36
CA ASP B 106 16.22 -18.52 -14.05
C ASP B 106 14.94 -18.01 -14.69
N ARG B 107 14.74 -18.39 -15.95
CA ARG B 107 13.55 -17.97 -16.69
C ARG B 107 12.31 -18.69 -16.17
N SER B 108 12.50 -19.88 -15.62
CA SER B 108 11.40 -20.66 -15.05
C SER B 108 10.97 -20.11 -13.70
N LEU B 109 11.95 -19.85 -12.83
CA LEU B 109 11.68 -19.29 -11.51
C LEU B 109 11.01 -17.92 -11.63
N LEU B 110 11.39 -17.17 -12.66
CA LEU B 110 10.81 -15.85 -12.90
C LEU B 110 9.39 -15.97 -13.40
N LYS B 111 9.15 -16.95 -14.29
CA LYS B 111 7.80 -17.20 -14.82
C LYS B 111 6.83 -17.59 -13.72
N ASN B 112 7.26 -18.51 -12.86
CA ASN B 112 6.41 -19.02 -11.80
C ASN B 112 6.04 -17.97 -10.76
N LEU B 113 7.00 -17.12 -10.40
CA LEU B 113 6.74 -16.03 -9.48
C LEU B 113 5.78 -15.03 -10.11
N GLY B 114 5.89 -14.86 -11.43
CA GLY B 114 4.99 -14.01 -12.17
C GLY B 114 3.57 -14.57 -12.14
N HIS B 115 3.46 -15.88 -12.33
CA HIS B 115 2.17 -16.56 -12.26
C HIS B 115 1.60 -16.43 -10.85
N TRP B 116 2.46 -16.57 -9.86
CA TRP B 116 2.06 -16.46 -8.47
C TRP B 116 1.63 -15.04 -8.12
N LEU B 117 2.33 -14.06 -8.68
CA LEU B 117 2.04 -12.65 -8.42
C LEU B 117 0.61 -12.29 -8.79
N GLY B 118 0.21 -12.66 -10.01
CA GLY B 118 -1.13 -12.37 -10.49
C GLY B 118 -2.22 -13.03 -9.67
N MET B 119 -1.92 -14.21 -9.14
CA MET B 119 -2.91 -14.97 -8.38
C MET B 119 -3.19 -14.41 -6.99
N ILE B 120 -2.26 -13.62 -6.46
CA ILE B 120 -2.43 -13.03 -5.15
C ILE B 120 -2.68 -11.52 -5.24
N THR B 121 -2.57 -10.98 -6.45
CA THR B 121 -2.92 -9.60 -6.70
C THR B 121 -4.19 -9.50 -7.54
N LEU B 122 -4.02 -9.61 -8.86
CA LEU B 122 -5.11 -9.42 -9.82
C LEU B 122 -6.33 -10.29 -9.53
N ALA B 123 -6.11 -11.59 -9.40
CA ALA B 123 -7.22 -12.55 -9.21
C ALA B 123 -8.01 -12.29 -7.93
N LYS B 124 -7.43 -11.55 -7.00
CA LYS B 124 -8.11 -11.22 -5.75
C LYS B 124 -8.56 -9.76 -5.73
N ASN B 125 -8.59 -9.15 -6.91
CA ASN B 125 -8.97 -7.75 -7.07
C ASN B 125 -8.04 -6.80 -6.34
N LYS B 126 -6.75 -7.10 -6.37
CA LYS B 126 -5.72 -6.24 -5.80
C LYS B 126 -4.78 -5.79 -6.90
N PRO B 127 -4.27 -4.55 -6.81
CA PRO B 127 -3.42 -4.00 -7.87
C PRO B 127 -1.98 -4.48 -7.82
N ILE B 128 -1.27 -4.26 -8.93
CA ILE B 128 0.18 -4.35 -8.95
C ILE B 128 0.68 -2.92 -9.10
N LEU B 129 0.85 -2.24 -7.97
CA LEU B 129 1.26 -0.84 -7.95
C LEU B 129 2.60 -0.64 -8.66
N HIS B 130 2.71 0.45 -9.40
CA HIS B 130 3.91 0.70 -10.21
C HIS B 130 5.11 1.06 -9.34
N THR B 131 4.87 1.40 -8.09
CA THR B 131 5.94 1.63 -7.14
C THR B 131 6.69 0.33 -6.86
N ASP B 132 5.96 -0.78 -6.86
CA ASP B 132 6.56 -2.08 -6.62
C ASP B 132 7.04 -2.71 -7.94
N LEU B 133 6.17 -2.71 -8.94
CA LEU B 133 6.52 -3.26 -10.24
C LEU B 133 5.70 -2.60 -11.34
N ASP B 134 6.38 -1.90 -12.24
CA ASP B 134 5.72 -1.28 -13.38
C ASP B 134 5.80 -2.23 -14.57
N VAL B 135 4.77 -3.06 -14.71
CA VAL B 135 4.73 -4.08 -15.75
C VAL B 135 4.86 -3.50 -17.14
N LYS B 136 4.13 -2.40 -17.38
CA LYS B 136 4.15 -1.73 -18.68
C LYS B 136 5.55 -1.28 -19.07
N SER B 137 6.18 -0.51 -18.19
CA SER B 137 7.53 -0.01 -18.43
C SER B 137 8.55 -1.14 -18.56
N LEU B 138 8.30 -2.24 -17.86
CA LEU B 138 9.21 -3.39 -17.90
C LEU B 138 9.33 -3.93 -19.32
N LEU B 139 8.21 -3.96 -20.04
CA LEU B 139 8.20 -4.39 -21.43
C LEU B 139 8.95 -3.40 -22.31
N LEU B 140 8.69 -2.11 -22.10
CA LEU B 140 9.36 -1.06 -22.85
C LEU B 140 10.87 -1.06 -22.60
N GLU B 141 11.25 -1.26 -21.35
CA GLU B 141 12.67 -1.33 -20.98
C GLU B 141 13.32 -2.58 -21.55
N ALA B 142 12.59 -3.69 -21.54
CA ALA B 142 13.10 -4.94 -22.08
C ALA B 142 13.38 -4.80 -23.57
N TYR B 143 12.50 -4.07 -24.24
CA TYR B 143 12.60 -3.87 -25.68
C TYR B 143 13.89 -3.15 -26.09
N VAL B 144 14.25 -2.11 -25.35
CA VAL B 144 15.40 -1.28 -25.71
C VAL B 144 16.73 -1.94 -25.38
N LYS B 145 16.71 -2.99 -24.58
CA LYS B 145 17.93 -3.68 -24.19
C LYS B 145 18.35 -4.74 -25.21
N GLY B 146 17.41 -5.60 -25.58
CA GLY B 146 17.68 -6.62 -26.57
C GLY B 146 16.89 -7.91 -26.38
N GLN B 147 17.08 -8.86 -27.28
CA GLN B 147 16.34 -10.12 -27.28
C GLN B 147 16.52 -10.92 -25.99
N GLN B 148 17.67 -10.73 -25.35
CA GLN B 148 18.00 -11.48 -24.14
C GLN B 148 17.04 -11.09 -23.01
N GLU B 149 16.66 -9.82 -22.98
CA GLU B 149 15.75 -9.32 -21.96
C GLU B 149 14.30 -9.73 -22.22
N LEU B 150 13.86 -9.61 -23.47
CA LEU B 150 12.49 -9.95 -23.83
C LEU B 150 12.17 -11.42 -23.56
N LEU B 151 13.17 -12.28 -23.72
CA LEU B 151 13.01 -13.70 -23.44
C LEU B 151 12.66 -13.93 -21.97
N TYR B 152 13.24 -13.10 -21.10
CA TYR B 152 12.95 -13.16 -19.68
C TYR B 152 11.60 -12.53 -19.35
N VAL B 153 11.36 -11.35 -19.93
CA VAL B 153 10.25 -10.50 -19.50
C VAL B 153 8.87 -10.91 -20.05
N VAL B 154 8.77 -11.09 -21.36
CA VAL B 154 7.47 -11.35 -22.00
C VAL B 154 6.70 -12.57 -21.46
N PRO B 155 7.36 -13.73 -21.33
CA PRO B 155 6.64 -14.86 -20.72
C PRO B 155 6.27 -14.59 -19.27
N PHE B 156 7.12 -13.85 -18.57
CA PHE B 156 6.85 -13.44 -17.19
C PHE B 156 5.59 -12.57 -17.12
N VAL B 157 5.51 -11.58 -18.02
CA VAL B 157 4.35 -10.72 -18.10
C VAL B 157 3.12 -11.51 -18.53
N ALA B 158 3.33 -12.53 -19.35
CA ALA B 158 2.24 -13.40 -19.79
C ALA B 158 1.65 -14.14 -18.61
N LYS B 159 2.50 -14.66 -17.73
CA LYS B 159 2.06 -15.45 -16.59
C LYS B 159 1.24 -14.65 -15.58
N VAL B 160 1.56 -13.37 -15.43
CA VAL B 160 0.83 -12.55 -14.46
C VAL B 160 -0.53 -12.09 -15.01
N LEU B 161 -0.56 -11.70 -16.29
CA LEU B 161 -1.81 -11.26 -16.90
C LEU B 161 -2.81 -12.39 -17.12
N GLU B 162 -2.37 -13.63 -16.98
CA GLU B 162 -3.25 -14.78 -17.08
C GLU B 162 -4.29 -14.79 -15.97
N SER B 163 -3.97 -14.16 -14.85
CA SER B 163 -4.84 -14.16 -13.69
C SER B 163 -5.90 -13.05 -13.76
N SER B 164 -5.95 -12.35 -14.88
CA SER B 164 -6.94 -11.29 -15.08
C SER B 164 -8.32 -11.89 -15.35
N ILE B 165 -8.34 -13.12 -15.88
CA ILE B 165 -9.58 -13.81 -16.18
C ILE B 165 -10.38 -14.06 -14.91
N ARG B 166 -9.68 -14.36 -13.83
CA ARG B 166 -10.32 -14.72 -12.57
C ARG B 166 -10.58 -13.51 -11.69
N SER B 167 -10.55 -12.32 -12.31
CA SER B 167 -10.84 -11.09 -11.60
C SER B 167 -12.07 -10.42 -12.18
N VAL B 168 -13.04 -10.13 -11.31
CA VAL B 168 -14.28 -9.49 -11.71
C VAL B 168 -14.03 -8.04 -12.16
N VAL B 169 -12.86 -7.51 -11.80
CA VAL B 169 -12.52 -6.12 -12.11
C VAL B 169 -11.42 -6.00 -13.18
N PHE B 170 -10.48 -6.94 -13.17
CA PHE B 170 -9.25 -6.83 -13.98
C PHE B 170 -9.28 -7.52 -15.34
N ARG B 171 -10.45 -8.00 -15.75
CA ARG B 171 -10.60 -8.65 -17.06
C ARG B 171 -10.90 -7.62 -18.15
N PRO B 172 -10.48 -7.90 -19.39
CA PRO B 172 -10.76 -7.07 -20.58
C PRO B 172 -12.17 -6.49 -20.62
N PRO B 173 -12.31 -5.23 -21.08
CA PRO B 173 -11.20 -4.37 -21.50
C PRO B 173 -10.77 -3.37 -20.41
N ASN B 174 -10.11 -3.88 -19.37
CA ASN B 174 -9.63 -3.03 -18.30
C ASN B 174 -8.52 -2.11 -18.82
N PRO B 175 -8.60 -0.82 -18.49
CA PRO B 175 -7.66 0.21 -18.97
C PRO B 175 -6.23 -0.22 -18.71
N TRP B 176 -6.03 -0.88 -17.57
CA TRP B 176 -4.69 -1.29 -17.16
C TRP B 176 -4.26 -2.56 -17.87
N THR B 177 -5.12 -3.57 -17.89
CA THR B 177 -4.83 -4.84 -18.55
C THR B 177 -4.60 -4.60 -20.04
N MET B 178 -5.48 -3.80 -20.65
CA MET B 178 -5.37 -3.48 -22.07
C MET B 178 -4.16 -2.64 -22.38
N ALA B 179 -3.74 -1.81 -21.42
CA ALA B 179 -2.55 -1.00 -21.57
C ALA B 179 -1.34 -1.89 -21.87
N ILE B 180 -1.25 -3.00 -21.14
CA ILE B 180 -0.16 -3.94 -21.30
C ILE B 180 -0.35 -4.79 -22.56
N MET B 181 -1.58 -5.23 -22.79
CA MET B 181 -1.90 -6.04 -23.97
C MET B 181 -1.67 -5.28 -25.27
N ASN B 182 -2.04 -3.99 -25.28
CA ASN B 182 -1.79 -3.15 -26.45
C ASN B 182 -0.30 -2.98 -26.72
N VAL B 183 0.46 -2.80 -25.65
CA VAL B 183 1.92 -2.70 -25.77
C VAL B 183 2.49 -4.03 -26.26
N LEU B 184 1.89 -5.13 -25.81
CA LEU B 184 2.29 -6.46 -26.26
C LEU B 184 1.98 -6.65 -27.74
N ALA B 185 0.80 -6.21 -28.16
CA ALA B 185 0.39 -6.30 -29.56
C ALA B 185 1.35 -5.50 -30.44
N GLU B 186 1.89 -4.42 -29.87
CA GLU B 186 2.83 -3.53 -30.54
C GLU B 186 4.19 -4.21 -30.68
N LEU B 187 4.58 -4.97 -29.65
CA LEU B 187 5.81 -5.74 -29.71
C LEU B 187 5.67 -6.86 -30.73
N HIS B 188 4.46 -7.39 -30.85
CA HIS B 188 4.18 -8.51 -31.77
C HIS B 188 4.49 -8.14 -33.22
N GLN B 189 4.07 -6.95 -33.65
CA GLN B 189 4.38 -6.50 -35.00
C GLN B 189 5.74 -5.82 -35.06
N GLU B 190 6.79 -6.59 -34.75
CA GLU B 190 8.15 -6.11 -34.82
C GLU B 190 9.01 -7.19 -35.49
N HIS B 191 9.45 -6.91 -36.70
CA HIS B 191 10.16 -7.88 -37.52
C HIS B 191 11.32 -8.56 -36.80
N ASP B 192 12.00 -7.83 -35.92
CA ASP B 192 13.18 -8.36 -35.25
C ASP B 192 12.82 -9.24 -34.04
N LEU B 193 11.56 -9.21 -33.64
CA LEU B 193 11.11 -10.04 -32.53
C LEU B 193 11.20 -11.51 -32.90
N LYS B 194 11.77 -12.32 -32.01
CA LYS B 194 11.93 -13.75 -32.28
C LYS B 194 10.56 -14.44 -32.36
N LEU B 195 10.55 -15.63 -32.96
CA LEU B 195 9.31 -16.33 -33.27
C LEU B 195 8.55 -16.84 -32.04
N ASN B 196 9.26 -17.49 -31.12
CA ASN B 196 8.62 -18.08 -29.94
C ASN B 196 7.99 -17.03 -29.03
N LEU B 197 8.50 -15.80 -29.09
CA LEU B 197 7.94 -14.71 -28.29
C LEU B 197 6.73 -14.09 -28.98
N LYS B 198 6.75 -14.03 -30.30
CA LYS B 198 5.58 -13.63 -31.08
C LYS B 198 4.47 -14.64 -30.80
N PHE B 199 4.86 -15.91 -30.77
CA PHE B 199 3.96 -17.00 -30.47
C PHE B 199 3.42 -16.87 -29.05
N GLU B 200 4.32 -16.57 -28.12
CA GLU B 200 3.97 -16.42 -26.71
C GLU B 200 2.87 -15.37 -26.50
N ILE B 201 2.91 -14.31 -27.31
CA ILE B 201 1.92 -13.25 -27.22
C ILE B 201 0.56 -13.70 -27.75
N GLU B 202 0.56 -14.40 -28.88
CA GLU B 202 -0.67 -14.93 -29.46
C GLU B 202 -1.34 -15.91 -28.51
N VAL B 203 -0.55 -16.77 -27.90
CA VAL B 203 -1.04 -17.74 -26.93
C VAL B 203 -1.71 -17.04 -25.76
N LEU B 204 -1.13 -15.92 -25.35
CA LEU B 204 -1.66 -15.15 -24.22
C LEU B 204 -3.02 -14.54 -24.54
N CYS B 205 -3.16 -14.01 -25.75
CA CYS B 205 -4.40 -13.37 -26.16
C CYS B 205 -5.58 -14.33 -26.11
N LYS B 206 -5.37 -15.55 -26.60
CA LYS B 206 -6.41 -16.58 -26.55
C LYS B 206 -6.69 -16.99 -25.11
N ASN B 207 -5.65 -16.99 -24.29
CA ASN B 207 -5.81 -17.31 -22.87
C ASN B 207 -6.62 -16.24 -22.13
N LEU B 208 -6.70 -15.05 -22.71
CA LEU B 208 -7.53 -13.99 -22.16
C LEU B 208 -8.77 -13.76 -23.03
N ALA B 209 -9.03 -14.71 -23.91
CA ALA B 209 -10.16 -14.64 -24.84
C ALA B 209 -10.14 -13.36 -25.67
N LEU B 210 -8.96 -13.02 -26.18
CA LEU B 210 -8.79 -11.81 -26.97
C LEU B 210 -8.39 -12.12 -28.41
N ASP B 211 -8.96 -11.37 -29.34
CA ASP B 211 -8.53 -11.43 -30.73
C ASP B 211 -7.35 -10.48 -30.85
N ILE B 212 -6.18 -11.02 -31.16
CA ILE B 212 -4.96 -10.21 -31.26
C ILE B 212 -5.11 -9.13 -32.34
N ASN B 213 -5.89 -9.43 -33.38
CA ASN B 213 -6.15 -8.48 -34.45
C ASN B 213 -7.08 -7.35 -34.04
N GLU B 214 -7.79 -7.54 -32.92
CA GLU B 214 -8.71 -6.53 -32.44
C GLU B 214 -8.19 -5.75 -31.24
N LEU B 215 -6.88 -5.80 -31.03
CA LEU B 215 -6.23 -4.94 -30.05
C LEU B 215 -5.91 -3.60 -30.70
N LYS B 216 -5.33 -2.69 -29.93
CA LYS B 216 -5.04 -1.35 -30.44
C LYS B 216 -3.62 -0.89 -30.07
N PRO B 217 -2.62 -1.34 -30.83
CA PRO B 217 -1.22 -0.97 -30.60
C PRO B 217 -1.00 0.53 -30.77
N GLY B 218 -0.05 1.08 -30.01
CA GLY B 218 0.28 2.49 -30.13
C GLY B 218 1.59 2.69 -30.88
N ASN B 219 2.37 3.67 -30.44
CA ASN B 219 3.69 3.91 -31.02
C ASN B 219 4.74 4.17 -29.95
N LEU B 220 4.59 3.51 -28.80
CA LEU B 220 5.47 3.71 -27.67
C LEU B 220 6.88 3.19 -27.94
N LEU B 221 6.99 2.21 -28.84
CA LEU B 221 8.28 1.61 -29.16
C LEU B 221 9.17 2.55 -29.99
N LYS B 222 8.57 3.61 -30.52
CA LYS B 222 9.31 4.57 -31.34
C LYS B 222 9.60 5.84 -30.57
N ASP B 223 8.90 6.04 -29.46
CA ASP B 223 9.06 7.24 -28.64
C ASP B 223 10.41 7.27 -27.94
N LYS B 224 11.47 7.48 -28.72
CA LYS B 224 12.85 7.40 -28.26
C LYS B 224 13.13 8.21 -26.99
N ASP B 225 12.38 9.28 -26.78
CA ASP B 225 12.55 10.11 -25.60
C ASP B 225 12.06 9.38 -24.34
N ARG B 226 10.88 8.79 -24.42
CA ARG B 226 10.29 8.07 -23.30
C ARG B 226 11.08 6.83 -22.92
N LEU B 227 11.59 6.12 -23.92
CA LEU B 227 12.34 4.89 -23.68
C LEU B 227 13.69 5.18 -23.04
N LYS B 228 14.19 6.40 -23.23
CA LYS B 228 15.47 6.80 -22.67
C LYS B 228 15.37 7.07 -21.17
N ASN B 229 14.25 7.65 -20.75
CA ASN B 229 14.06 8.02 -19.35
C ASN B 229 13.08 7.12 -18.60
N LEU B 230 13.29 5.82 -18.70
CA LEU B 230 12.52 4.85 -17.93
C LEU B 230 13.25 4.53 -16.65
N ASP B 231 12.51 4.38 -15.55
CA ASP B 231 13.11 3.93 -14.30
C ASP B 231 13.53 2.47 -14.47
N GLU B 232 14.83 2.22 -14.54
CA GLU B 232 15.35 0.89 -14.83
C GLU B 232 14.92 -0.16 -13.80
N GLN B 233 14.32 -1.24 -14.29
CA GLN B 233 13.90 -2.35 -13.44
C GLN B 233 14.71 -3.60 -13.74
N LEU B 234 15.55 -3.53 -14.76
CA LEU B 234 16.39 -4.67 -15.14
C LEU B 234 17.86 -4.43 -14.76
N SER B 235 18.73 -5.30 -15.27
CA SER B 235 20.16 -5.22 -14.98
C SER B 235 20.78 -3.98 -15.60
N GLU C 10 2.83 28.97 15.90
CA GLU C 10 2.79 28.28 14.61
C GLU C 10 2.96 29.28 13.47
N GLU C 11 2.71 30.56 13.77
CA GLU C 11 2.68 31.63 12.77
C GLU C 11 3.88 31.74 11.81
N ASN C 12 5.09 31.49 12.32
CA ASN C 12 6.30 31.69 11.50
C ASN C 12 6.52 30.59 10.47
N ILE C 13 6.43 29.33 10.92
CA ILE C 13 6.72 28.20 10.05
C ILE C 13 5.57 27.95 9.08
N GLN C 14 4.34 28.17 9.56
CA GLN C 14 3.14 27.97 8.75
C GLN C 14 3.16 28.86 7.51
N GLU C 15 3.64 30.09 7.69
CA GLU C 15 3.72 31.04 6.60
C GLU C 15 4.76 30.61 5.57
N LYS C 16 5.76 29.87 6.02
CA LYS C 16 6.79 29.34 5.14
C LYS C 16 6.22 28.20 4.29
N ILE C 17 5.38 27.38 4.91
CA ILE C 17 4.70 26.29 4.21
C ILE C 17 3.64 26.87 3.30
N ALA C 18 3.04 27.98 3.72
CA ALA C 18 2.00 28.65 2.93
C ALA C 18 2.53 29.11 1.58
N PHE C 19 3.78 29.55 1.56
CA PHE C 19 4.41 30.03 0.33
C PHE C 19 4.65 28.88 -0.65
N ILE C 20 4.68 27.65 -0.11
CA ILE C 20 4.89 26.47 -0.94
C ILE C 20 3.63 26.12 -1.73
N PHE C 21 2.47 26.25 -1.09
CA PHE C 21 1.21 25.86 -1.72
C PHE C 21 0.46 27.03 -2.37
N ASN C 22 0.78 28.25 -1.98
CA ASN C 22 0.17 29.42 -2.59
C ASN C 22 0.57 29.56 -4.05
N ASN C 23 -0.43 29.79 -4.90
CA ASN C 23 -0.21 29.96 -6.33
C ASN C 23 0.48 28.75 -6.98
N LEU C 24 0.13 27.57 -6.51
CA LEU C 24 0.64 26.33 -7.09
C LEU C 24 -0.10 26.01 -8.38
N SER C 25 0.65 25.61 -9.40
CA SER C 25 0.06 25.21 -10.67
C SER C 25 0.88 24.08 -11.29
N GLN C 26 0.46 23.61 -12.45
CA GLN C 26 1.18 22.56 -13.15
C GLN C 26 2.50 23.09 -13.73
N SER C 27 2.63 24.41 -13.76
CA SER C 27 3.81 25.07 -14.29
C SER C 27 4.96 25.05 -13.28
N ASN C 28 4.66 25.46 -12.06
CA ASN C 28 5.68 25.59 -11.02
C ASN C 28 5.81 24.37 -10.12
N MET C 29 4.95 23.37 -10.35
CA MET C 29 4.86 22.19 -9.49
C MET C 29 6.20 21.52 -9.17
N THR C 30 7.00 21.28 -10.21
CA THR C 30 8.29 20.61 -10.03
C THR C 30 9.24 21.44 -9.17
N GLN C 31 9.22 22.76 -9.37
CA GLN C 31 10.07 23.66 -8.61
C GLN C 31 9.54 23.84 -7.18
N LYS C 32 8.22 23.86 -7.05
CA LYS C 32 7.57 23.97 -5.74
C LYS C 32 7.88 22.78 -4.86
N VAL C 33 7.99 21.59 -5.48
CA VAL C 33 8.30 20.37 -4.77
C VAL C 33 9.73 20.39 -4.22
N GLU C 34 10.67 20.80 -5.07
CA GLU C 34 12.07 20.89 -4.69
C GLU C 34 12.30 21.97 -3.65
N GLU C 35 11.43 22.99 -3.65
CA GLU C 35 11.51 24.04 -2.64
C GLU C 35 11.00 23.54 -1.30
N LEU C 36 10.01 22.65 -1.34
CA LEU C 36 9.44 22.07 -0.13
C LEU C 36 10.45 21.14 0.54
N LYS C 37 11.30 20.51 -0.26
CA LYS C 37 12.31 19.60 0.26
C LYS C 37 13.66 20.29 0.40
N GLU C 38 13.62 21.60 0.67
CA GLU C 38 14.85 22.38 0.83
C GLU C 38 14.66 23.47 1.88
N THR C 39 13.55 24.20 1.79
CA THR C 39 13.24 25.26 2.74
C THR C 39 12.65 24.70 4.02
N VAL C 40 12.20 23.45 3.96
CA VAL C 40 11.61 22.79 5.11
C VAL C 40 12.32 21.46 5.36
N LYS C 41 12.92 21.33 6.55
CA LYS C 41 13.65 20.10 6.85
C LYS C 41 12.73 18.95 7.24
N GLU C 42 13.25 17.73 7.08
CA GLU C 42 12.50 16.50 7.24
C GLU C 42 11.68 16.42 8.52
N GLU C 43 12.19 17.04 9.59
CA GLU C 43 11.53 16.97 10.89
C GLU C 43 10.20 17.73 10.93
N PHE C 44 9.95 18.58 9.93
CA PHE C 44 8.77 19.44 9.95
C PHE C 44 7.59 18.90 9.14
N MET C 45 7.83 17.81 8.41
CA MET C 45 6.80 17.22 7.54
C MET C 45 5.45 16.89 8.19
N PRO C 46 5.43 16.44 9.47
CA PRO C 46 4.13 16.24 10.10
C PRO C 46 3.28 17.51 10.18
N TRP C 47 3.93 18.68 10.24
CA TRP C 47 3.20 19.94 10.26
C TRP C 47 2.73 20.30 8.86
N VAL C 48 3.60 20.06 7.88
CA VAL C 48 3.28 20.31 6.49
C VAL C 48 2.07 19.50 6.05
N SER C 49 2.03 18.24 6.48
CA SER C 49 0.91 17.36 6.16
C SER C 49 -0.35 17.81 6.89
N GLN C 50 -0.16 18.51 8.01
CA GLN C 50 -1.29 18.97 8.81
C GLN C 50 -1.87 20.27 8.25
N TYR C 51 -1.00 21.12 7.73
CA TYR C 51 -1.42 22.36 7.10
C TYR C 51 -2.21 22.04 5.83
N LEU C 52 -1.65 21.15 5.02
CA LEU C 52 -2.24 20.74 3.75
C LEU C 52 -3.67 20.26 3.89
N VAL C 53 -3.89 19.29 4.77
CA VAL C 53 -5.20 18.68 4.94
C VAL C 53 -6.20 19.63 5.61
N MET C 54 -5.79 20.21 6.73
CA MET C 54 -6.71 20.98 7.57
C MET C 54 -7.04 22.36 6.99
N LYS C 55 -6.04 23.03 6.42
CA LYS C 55 -6.22 24.42 6.01
C LYS C 55 -6.34 24.65 4.50
N ARG C 56 -5.93 23.66 3.70
CA ARG C 56 -6.00 23.80 2.24
C ARG C 56 -7.00 22.83 1.63
N VAL C 57 -6.70 21.54 1.76
CA VAL C 57 -7.55 20.47 1.22
C VAL C 57 -9.02 20.59 1.60
N SER C 58 -9.28 20.96 2.86
CA SER C 58 -10.64 20.96 3.38
C SER C 58 -11.53 22.06 2.79
N ILE C 59 -10.93 23.07 2.18
CA ILE C 59 -11.69 24.18 1.62
C ILE C 59 -11.34 24.52 0.18
N GLU C 60 -10.42 23.77 -0.41
CA GLU C 60 -10.03 23.99 -1.80
C GLU C 60 -10.20 22.74 -2.66
N PRO C 61 -11.45 22.28 -2.84
CA PRO C 61 -11.70 21.06 -3.62
C PRO C 61 -11.38 21.26 -5.11
N ASN C 62 -11.27 22.51 -5.53
CA ASN C 62 -10.90 22.82 -6.90
C ASN C 62 -9.40 22.66 -7.10
N PHE C 63 -8.67 22.47 -6.00
CA PHE C 63 -7.22 22.28 -6.06
C PHE C 63 -6.80 20.85 -5.70
N HIS C 64 -7.79 20.00 -5.44
CA HIS C 64 -7.52 18.62 -5.04
C HIS C 64 -6.65 17.84 -6.04
N SER C 65 -6.86 18.09 -7.33
CA SER C 65 -6.06 17.42 -8.35
C SER C 65 -4.63 17.97 -8.37
N LEU C 66 -4.49 19.25 -8.06
CA LEU C 66 -3.17 19.86 -7.98
C LEU C 66 -2.39 19.36 -6.77
N TYR C 67 -3.10 19.23 -5.64
CA TYR C 67 -2.47 18.76 -4.41
C TYR C 67 -2.17 17.27 -4.49
N SER C 68 -2.98 16.53 -5.24
CA SER C 68 -2.76 15.11 -5.45
C SER C 68 -1.57 14.89 -6.38
N ASN C 69 -1.44 15.76 -7.36
CA ASN C 69 -0.33 15.68 -8.31
C ASN C 69 0.96 16.13 -7.65
N PHE C 70 0.84 16.97 -6.63
CA PHE C 70 1.98 17.41 -5.85
C PHE C 70 2.57 16.23 -5.11
N LEU C 71 1.70 15.40 -4.54
CA LEU C 71 2.11 14.20 -3.82
C LEU C 71 2.80 13.21 -4.75
N ASP C 72 2.29 13.10 -5.98
CA ASP C 72 2.86 12.22 -6.97
C ASP C 72 4.26 12.65 -7.38
N THR C 73 4.47 13.96 -7.45
CA THR C 73 5.78 14.50 -7.81
C THR C 73 6.74 14.40 -6.63
N LEU C 74 6.22 14.61 -5.43
CA LEU C 74 7.03 14.55 -4.22
C LEU C 74 7.63 13.16 -4.01
N LYS C 75 6.87 12.13 -4.34
CA LYS C 75 7.31 10.74 -4.22
C LYS C 75 7.82 10.40 -2.82
N ASN C 76 7.05 10.79 -1.81
CA ASN C 76 7.43 10.54 -0.43
C ASN C 76 6.35 9.73 0.30
N PRO C 77 6.44 8.39 0.23
CA PRO C 77 5.48 7.49 0.86
C PRO C 77 5.27 7.75 2.34
N GLU C 78 6.31 8.20 3.05
CA GLU C 78 6.18 8.53 4.46
C GLU C 78 5.28 9.73 4.65
N PHE C 79 5.44 10.71 3.76
CA PHE C 79 4.62 11.91 3.79
C PHE C 79 3.19 11.59 3.36
N ASN C 80 3.05 10.72 2.37
CA ASN C 80 1.73 10.31 1.90
C ASN C 80 0.93 9.63 3.01
N LYS C 81 1.62 8.84 3.81
CA LYS C 81 1.00 8.17 4.94
C LYS C 81 0.62 9.19 6.01
N MET C 82 1.49 10.18 6.21
CA MET C 82 1.19 11.29 7.11
C MET C 82 -0.08 12.00 6.67
N VAL C 83 -0.12 12.38 5.39
CA VAL C 83 -1.29 13.04 4.82
C VAL C 83 -2.55 12.20 4.92
N LEU C 84 -2.43 10.90 4.65
CA LEU C 84 -3.57 10.00 4.73
C LEU C 84 -4.08 9.86 6.16
N ASN C 85 -3.18 9.59 7.09
CA ASN C 85 -3.53 9.51 8.50
C ASN C 85 -4.11 10.82 9.02
N GLU C 86 -3.58 11.93 8.50
CA GLU C 86 -4.09 13.25 8.86
C GLU C 86 -5.48 13.49 8.28
N THR C 87 -5.74 12.89 7.13
CA THR C 87 -7.04 13.01 6.48
C THR C 87 -8.11 12.30 7.31
N TYR C 88 -7.80 11.09 7.75
CA TYR C 88 -8.71 10.31 8.58
C TYR C 88 -9.07 11.03 9.88
N ARG C 89 -8.07 11.65 10.49
CA ARG C 89 -8.28 12.41 11.72
C ARG C 89 -9.30 13.53 11.53
N ASN C 90 -9.05 14.38 10.53
CA ASN C 90 -9.94 15.50 10.23
C ASN C 90 -11.36 15.06 9.88
N ILE C 91 -11.49 13.89 9.26
CA ILE C 91 -12.80 13.33 8.97
C ILE C 91 -13.48 12.91 10.26
N LYS C 92 -12.75 12.19 11.10
CA LYS C 92 -13.28 11.67 12.37
C LYS C 92 -13.72 12.78 13.33
N VAL C 93 -13.13 13.95 13.18
CA VAL C 93 -13.56 15.12 13.95
C VAL C 93 -14.98 15.49 13.57
N LEU C 94 -15.21 15.64 12.28
CA LEU C 94 -16.51 16.06 11.76
C LEU C 94 -17.58 14.98 11.92
N LEU C 95 -17.17 13.72 11.84
CA LEU C 95 -18.10 12.61 11.97
C LEU C 95 -18.65 12.49 13.39
N THR C 96 -17.77 12.67 14.37
CA THR C 96 -18.14 12.47 15.77
C THR C 96 -18.51 13.78 16.46
N SER C 97 -18.87 14.78 15.68
CA SER C 97 -19.23 16.10 16.22
C SER C 97 -20.71 16.19 16.55
N ASP C 98 -21.12 17.36 17.04
CA ASP C 98 -22.52 17.59 17.39
C ASP C 98 -23.28 18.15 16.19
N LYS C 99 -24.20 17.34 15.67
CA LYS C 99 -24.96 17.70 14.48
C LYS C 99 -26.05 18.72 14.80
N ASN C 103 -25.89 23.70 10.77
CA ASN C 103 -24.47 23.82 10.47
C ASN C 103 -24.10 23.28 9.09
N PHE C 104 -24.27 24.12 8.08
CA PHE C 104 -23.96 23.80 6.69
C PHE C 104 -22.46 23.60 6.52
N SER C 105 -21.69 24.57 7.01
CA SER C 105 -20.24 24.64 6.78
C SER C 105 -19.51 23.32 7.02
N ASP C 106 -19.85 22.65 8.11
CA ASP C 106 -19.20 21.39 8.46
C ASP C 106 -19.55 20.28 7.47
N ARG C 107 -20.79 20.28 6.99
CA ARG C 107 -21.21 19.28 6.01
C ARG C 107 -20.40 19.34 4.74
N SER C 108 -20.02 20.56 4.33
CA SER C 108 -19.27 20.78 3.11
C SER C 108 -17.80 20.42 3.31
N LEU C 109 -17.29 20.68 4.52
CA LEU C 109 -15.91 20.34 4.84
C LEU C 109 -15.74 18.83 4.83
N LEU C 110 -16.74 18.13 5.35
CA LEU C 110 -16.73 16.67 5.38
C LEU C 110 -16.73 16.10 3.96
N LYS C 111 -17.50 16.73 3.08
CA LYS C 111 -17.56 16.31 1.68
C LYS C 111 -16.23 16.48 0.97
N ASN C 112 -15.64 17.66 1.09
CA ASN C 112 -14.34 17.95 0.50
C ASN C 112 -13.26 16.98 0.97
N LEU C 113 -13.25 16.68 2.27
CA LEU C 113 -12.29 15.74 2.83
C LEU C 113 -12.53 14.34 2.28
N GLY C 114 -13.80 13.97 2.15
CA GLY C 114 -14.15 12.69 1.57
C GLY C 114 -13.74 12.61 0.11
N HIS C 115 -13.93 13.71 -0.61
CA HIS C 115 -13.53 13.78 -2.00
C HIS C 115 -12.02 13.66 -2.10
N TRP C 116 -11.31 14.37 -1.22
CA TRP C 116 -9.86 14.30 -1.16
C TRP C 116 -9.41 12.90 -0.75
N LEU C 117 -10.15 12.30 0.18
CA LEU C 117 -9.85 10.94 0.63
C LEU C 117 -9.80 10.02 -0.58
N GLY C 118 -10.94 9.83 -1.23
CA GLY C 118 -11.04 8.99 -2.42
C GLY C 118 -9.99 9.26 -3.48
N MET C 119 -9.56 10.51 -3.60
CA MET C 119 -8.56 10.87 -4.59
C MET C 119 -7.18 10.33 -4.26
N ILE C 120 -6.84 10.27 -2.97
CA ILE C 120 -5.52 9.78 -2.58
C ILE C 120 -5.53 8.31 -2.17
N THR C 121 -6.73 7.75 -2.00
CA THR C 121 -6.84 6.31 -1.73
C THR C 121 -7.22 5.51 -2.98
N LEU C 122 -8.48 5.62 -3.41
CA LEU C 122 -9.01 4.77 -4.48
C LEU C 122 -8.34 5.02 -5.83
N ALA C 123 -8.29 6.29 -6.24
CA ALA C 123 -7.75 6.66 -7.55
C ALA C 123 -6.29 6.23 -7.71
N LYS C 124 -5.62 5.97 -6.59
CA LYS C 124 -4.23 5.52 -6.62
C LYS C 124 -4.17 4.03 -6.32
N ASN C 125 -5.32 3.37 -6.40
CA ASN C 125 -5.43 1.93 -6.21
C ASN C 125 -4.98 1.46 -4.83
N LYS C 126 -5.16 2.31 -3.83
CA LYS C 126 -4.88 1.97 -2.45
C LYS C 126 -6.19 1.91 -1.68
N PRO C 127 -6.35 0.90 -0.83
CA PRO C 127 -7.65 0.68 -0.18
C PRO C 127 -7.93 1.61 1.00
N ILE C 128 -9.20 1.71 1.37
CA ILE C 128 -9.61 2.35 2.62
C ILE C 128 -9.82 1.25 3.64
N LEU C 129 -8.82 1.04 4.50
CA LEU C 129 -8.88 -0.02 5.49
C LEU C 129 -9.98 0.24 6.51
N HIS C 130 -10.64 -0.83 6.95
CA HIS C 130 -11.74 -0.73 7.90
C HIS C 130 -11.24 -0.28 9.28
N THR C 131 -9.97 -0.56 9.55
CA THR C 131 -9.34 -0.14 10.80
C THR C 131 -9.34 1.37 10.88
N ASP C 132 -9.13 2.02 9.73
CA ASP C 132 -9.19 3.47 9.64
C ASP C 132 -10.64 3.93 9.48
N LEU C 133 -11.29 3.47 8.42
CA LEU C 133 -12.66 3.84 8.15
C LEU C 133 -13.45 2.67 7.57
N ASP C 134 -14.55 2.33 8.22
CA ASP C 134 -15.43 1.26 7.74
C ASP C 134 -16.65 1.88 7.08
N VAL C 135 -16.54 2.15 5.78
CA VAL C 135 -17.56 2.89 5.03
C VAL C 135 -18.95 2.25 5.10
N LYS C 136 -18.99 0.92 4.98
CA LYS C 136 -20.26 0.20 5.04
C LYS C 136 -20.89 0.33 6.42
N SER C 137 -20.11 0.02 7.45
CA SER C 137 -20.53 0.18 8.85
C SER C 137 -20.96 1.62 9.12
N LEU C 138 -20.25 2.57 8.55
CA LEU C 138 -20.55 3.99 8.72
C LEU C 138 -21.97 4.30 8.22
N LEU C 139 -22.34 3.71 7.10
CA LEU C 139 -23.67 3.91 6.53
C LEU C 139 -24.75 3.27 7.40
N LEU C 140 -24.53 2.01 7.76
CA LEU C 140 -25.47 1.27 8.61
C LEU C 140 -25.67 1.97 9.95
N GLU C 141 -24.55 2.38 10.55
CA GLU C 141 -24.56 3.09 11.81
C GLU C 141 -25.33 4.40 11.71
N ALA C 142 -25.13 5.10 10.60
CA ALA C 142 -25.79 6.38 10.38
C ALA C 142 -27.30 6.22 10.26
N TYR C 143 -27.74 5.07 9.75
CA TYR C 143 -29.16 4.82 9.56
C TYR C 143 -29.91 4.68 10.88
N VAL C 144 -29.34 3.93 11.81
CA VAL C 144 -30.00 3.66 13.08
C VAL C 144 -30.14 4.91 13.95
N LYS C 145 -29.39 5.96 13.60
CA LYS C 145 -29.33 7.16 14.42
C LYS C 145 -30.22 8.29 13.89
N GLY C 146 -30.80 8.08 12.71
CA GLY C 146 -31.69 9.06 12.14
C GLY C 146 -31.09 9.77 10.94
N GLN C 147 -31.93 10.55 10.26
CA GLN C 147 -31.54 11.26 9.04
C GLN C 147 -30.66 12.46 9.31
N GLN C 148 -30.59 12.87 10.56
CA GLN C 148 -29.65 13.90 10.99
C GLN C 148 -28.24 13.44 10.66
N GLU C 149 -28.04 12.13 10.73
CA GLU C 149 -26.74 11.52 10.54
C GLU C 149 -26.42 11.23 9.07
N LEU C 150 -27.36 10.62 8.36
CA LEU C 150 -27.16 10.30 6.95
C LEU C 150 -26.98 11.55 6.10
N LEU C 151 -27.58 12.65 6.55
CA LEU C 151 -27.45 13.94 5.88
C LEU C 151 -25.98 14.38 5.86
N TYR C 152 -25.20 13.87 6.80
CA TYR C 152 -23.76 14.10 6.85
C TYR C 152 -23.02 13.00 6.10
N VAL C 153 -23.36 11.75 6.42
CA VAL C 153 -22.61 10.60 5.94
C VAL C 153 -22.79 10.29 4.45
N VAL C 154 -24.04 10.25 3.99
CA VAL C 154 -24.33 9.87 2.61
C VAL C 154 -23.65 10.73 1.54
N PRO C 155 -23.77 12.07 1.62
CA PRO C 155 -23.05 12.87 0.61
C PRO C 155 -21.55 12.75 0.76
N PHE C 156 -21.08 12.47 1.97
CA PHE C 156 -19.67 12.25 2.24
C PHE C 156 -19.17 10.98 1.54
N VAL C 157 -19.95 9.92 1.65
CA VAL C 157 -19.61 8.64 1.01
C VAL C 157 -19.72 8.78 -0.51
N ALA C 158 -20.68 9.58 -0.95
CA ALA C 158 -20.85 9.85 -2.37
C ALA C 158 -19.59 10.49 -2.95
N LYS C 159 -18.99 11.41 -2.19
CA LYS C 159 -17.80 12.12 -2.65
C LYS C 159 -16.53 11.27 -2.67
N VAL C 160 -16.43 10.29 -1.77
CA VAL C 160 -15.27 9.42 -1.75
C VAL C 160 -15.36 8.35 -2.83
N LEU C 161 -16.56 7.82 -3.05
CA LEU C 161 -16.77 6.79 -4.06
C LEU C 161 -16.68 7.31 -5.49
N GLU C 162 -16.74 8.63 -5.65
CA GLU C 162 -16.64 9.25 -6.96
C GLU C 162 -15.32 8.94 -7.65
N SER C 163 -14.33 8.56 -6.87
CA SER C 163 -13.00 8.29 -7.40
C SER C 163 -12.83 6.83 -7.86
N SER C 164 -13.83 6.01 -7.56
CA SER C 164 -13.78 4.60 -7.93
C SER C 164 -13.76 4.42 -9.44
N ILE C 165 -14.46 5.29 -10.16
CA ILE C 165 -14.52 5.23 -11.62
C ILE C 165 -13.17 5.62 -12.23
N ARG C 166 -12.37 6.36 -11.46
CA ARG C 166 -11.03 6.73 -11.89
C ARG C 166 -10.00 5.78 -11.30
N SER C 167 -10.49 4.71 -10.69
CA SER C 167 -9.62 3.69 -10.13
C SER C 167 -9.60 2.46 -11.02
N VAL C 168 -8.43 1.85 -11.14
CA VAL C 168 -8.25 0.69 -11.98
C VAL C 168 -8.69 -0.58 -11.23
N VAL C 169 -8.83 -0.44 -9.92
CA VAL C 169 -9.13 -1.57 -9.05
C VAL C 169 -10.53 -1.49 -8.45
N PHE C 170 -10.91 -0.29 -8.02
CA PHE C 170 -12.20 -0.08 -7.38
C PHE C 170 -13.24 0.51 -8.32
N ARG C 171 -13.25 0.05 -9.56
CA ARG C 171 -14.22 0.50 -10.55
C ARG C 171 -15.22 -0.63 -10.83
N PRO C 172 -16.50 -0.34 -10.60
CA PRO C 172 -17.54 -1.37 -10.77
C PRO C 172 -17.16 -2.50 -11.75
N PRO C 173 -17.55 -3.76 -11.43
CA PRO C 173 -18.26 -4.12 -10.19
C PRO C 173 -17.34 -4.67 -9.11
N ASN C 174 -16.58 -3.83 -8.46
CA ASN C 174 -15.73 -4.20 -7.34
C ASN C 174 -16.55 -4.67 -6.14
N PRO C 175 -16.22 -5.86 -5.61
CA PRO C 175 -16.94 -6.47 -4.49
C PRO C 175 -17.07 -5.53 -3.30
N TRP C 176 -16.01 -4.77 -3.02
CA TRP C 176 -16.00 -3.82 -1.92
C TRP C 176 -16.83 -2.58 -2.25
N THR C 177 -16.67 -2.07 -3.47
CA THR C 177 -17.40 -0.88 -3.91
C THR C 177 -18.89 -1.17 -4.05
N MET C 178 -19.22 -2.32 -4.64
CA MET C 178 -20.61 -2.69 -4.85
C MET C 178 -21.34 -2.95 -3.54
N ALA C 179 -20.60 -3.44 -2.55
CA ALA C 179 -21.17 -3.70 -1.23
C ALA C 179 -21.71 -2.41 -0.62
N ILE C 180 -20.95 -1.33 -0.79
CA ILE C 180 -21.37 -0.03 -0.30
C ILE C 180 -22.56 0.47 -1.12
N MET C 181 -22.47 0.34 -2.44
CA MET C 181 -23.54 0.79 -3.33
C MET C 181 -24.83 0.03 -3.07
N ASN C 182 -24.74 -1.27 -2.77
CA ASN C 182 -25.92 -2.06 -2.48
C ASN C 182 -26.57 -1.68 -1.15
N VAL C 183 -25.77 -1.22 -0.20
CA VAL C 183 -26.30 -0.69 1.05
C VAL C 183 -27.01 0.64 0.76
N LEU C 184 -26.41 1.45 -0.10
CA LEU C 184 -27.01 2.71 -0.52
C LEU C 184 -28.29 2.45 -1.31
N ALA C 185 -28.27 1.42 -2.14
CA ALA C 185 -29.46 1.04 -2.91
C ALA C 185 -30.57 0.64 -1.96
N GLU C 186 -30.20 -0.01 -0.87
CA GLU C 186 -31.15 -0.45 0.14
C GLU C 186 -31.72 0.76 0.89
N LEU C 187 -30.86 1.74 1.15
CA LEU C 187 -31.29 2.97 1.80
C LEU C 187 -32.25 3.76 0.90
N HIS C 188 -32.04 3.66 -0.40
CA HIS C 188 -32.81 4.41 -1.38
C HIS C 188 -34.29 4.04 -1.38
N GLN C 189 -34.58 2.79 -1.06
CA GLN C 189 -35.96 2.32 -1.08
C GLN C 189 -36.63 2.36 0.29
N GLU C 190 -36.06 3.15 1.20
CA GLU C 190 -36.70 3.43 2.48
C GLU C 190 -37.58 4.67 2.33
N HIS C 191 -38.87 4.50 2.53
CA HIS C 191 -39.85 5.56 2.26
C HIS C 191 -39.62 6.81 3.10
N ASP C 192 -39.01 6.63 4.27
CA ASP C 192 -38.78 7.74 5.20
C ASP C 192 -37.59 8.60 4.83
N LEU C 193 -36.64 8.02 4.10
CA LEU C 193 -35.42 8.73 3.71
C LEU C 193 -35.71 10.06 3.03
N LYS C 194 -34.97 11.10 3.44
CA LYS C 194 -35.12 12.43 2.86
C LYS C 194 -34.90 12.39 1.35
N LEU C 195 -35.73 13.13 0.62
CA LEU C 195 -35.72 13.11 -0.84
C LEU C 195 -34.40 13.57 -1.43
N ASN C 196 -33.76 14.54 -0.79
CA ASN C 196 -32.48 15.06 -1.28
C ASN C 196 -31.36 14.03 -1.14
N LEU C 197 -31.59 13.02 -0.31
CA LEU C 197 -30.65 11.92 -0.17
C LEU C 197 -30.91 10.83 -1.20
N LYS C 198 -32.18 10.65 -1.55
CA LYS C 198 -32.52 9.75 -2.65
C LYS C 198 -31.90 10.27 -3.94
N PHE C 199 -31.93 11.59 -4.09
CA PHE C 199 -31.31 12.25 -5.24
C PHE C 199 -29.79 12.06 -5.21
N GLU C 200 -29.20 12.25 -4.04
CA GLU C 200 -27.75 12.12 -3.85
C GLU C 200 -27.27 10.74 -4.30
N ILE C 201 -28.03 9.71 -3.93
CA ILE C 201 -27.71 8.33 -4.30
C ILE C 201 -27.88 8.12 -5.80
N GLU C 202 -28.94 8.68 -6.36
CA GLU C 202 -29.22 8.57 -7.78
C GLU C 202 -28.14 9.22 -8.64
N VAL C 203 -27.65 10.37 -8.21
CA VAL C 203 -26.58 11.06 -8.92
C VAL C 203 -25.27 10.29 -8.79
N LEU C 204 -25.05 9.69 -7.63
CA LEU C 204 -23.85 8.89 -7.40
C LEU C 204 -23.79 7.71 -8.35
N CYS C 205 -24.92 7.04 -8.55
CA CYS C 205 -25.00 5.91 -9.47
C CYS C 205 -24.63 6.33 -10.88
N LYS C 206 -25.18 7.46 -11.32
CA LYS C 206 -24.89 7.96 -12.66
C LYS C 206 -23.46 8.48 -12.77
N ASN C 207 -22.94 9.00 -11.66
CA ASN C 207 -21.54 9.42 -11.59
C ASN C 207 -20.61 8.22 -11.57
N LEU C 208 -21.20 7.03 -11.48
CA LEU C 208 -20.44 5.78 -11.42
C LEU C 208 -20.81 4.88 -12.59
N ALA C 209 -21.59 5.42 -13.52
CA ALA C 209 -22.07 4.69 -14.69
C ALA C 209 -22.86 3.43 -14.31
N LEU C 210 -23.64 3.54 -13.24
CA LEU C 210 -24.41 2.41 -12.73
C LEU C 210 -25.90 2.64 -12.89
N ASP C 211 -26.61 1.57 -13.22
CA ASP C 211 -28.07 1.61 -13.24
C ASP C 211 -28.56 1.23 -11.86
N ILE C 212 -29.26 2.15 -11.21
CA ILE C 212 -29.67 1.97 -9.82
C ILE C 212 -30.59 0.78 -9.62
N ASN C 213 -31.25 0.35 -10.70
CA ASN C 213 -32.15 -0.79 -10.65
C ASN C 213 -31.41 -2.11 -10.85
N GLU C 214 -30.20 -2.03 -11.40
CA GLU C 214 -29.36 -3.22 -11.59
C GLU C 214 -28.56 -3.53 -10.32
N LEU C 215 -28.79 -2.74 -9.27
CA LEU C 215 -28.15 -3.00 -7.99
C LEU C 215 -28.87 -4.12 -7.23
N LYS C 216 -28.33 -4.49 -6.08
CA LYS C 216 -28.83 -5.63 -5.31
C LYS C 216 -29.09 -5.28 -3.84
N PRO C 217 -30.16 -4.51 -3.56
CA PRO C 217 -30.48 -4.13 -2.17
C PRO C 217 -30.70 -5.34 -1.27
N GLY C 218 -29.88 -5.46 -0.23
CA GLY C 218 -30.00 -6.58 0.69
C GLY C 218 -31.06 -6.35 1.76
N ASN C 219 -30.83 -6.90 2.94
CA ASN C 219 -31.77 -6.74 4.05
C ASN C 219 -31.10 -6.20 5.31
N LEU C 220 -29.90 -5.64 5.14
CA LEU C 220 -29.09 -5.16 6.25
C LEU C 220 -29.78 -4.10 7.11
N LEU C 221 -30.67 -3.31 6.50
CA LEU C 221 -31.38 -2.27 7.23
C LEU C 221 -32.46 -2.84 8.15
N LYS C 222 -32.55 -4.17 8.18
CA LYS C 222 -33.52 -4.85 9.03
C LYS C 222 -32.84 -5.74 10.07
N ASP C 223 -31.61 -6.14 9.80
CA ASP C 223 -30.83 -6.94 10.73
C ASP C 223 -30.50 -6.12 11.97
N LYS C 224 -31.54 -5.79 12.74
CA LYS C 224 -31.40 -4.93 13.91
C LYS C 224 -30.47 -5.48 14.98
N ASP C 225 -30.28 -6.80 14.99
CA ASP C 225 -29.33 -7.43 15.89
C ASP C 225 -27.92 -6.96 15.58
N ARG C 226 -27.52 -7.09 14.32
CA ARG C 226 -26.18 -6.69 13.88
C ARG C 226 -26.00 -5.17 13.93
N LEU C 227 -27.10 -4.43 13.82
CA LEU C 227 -27.04 -2.98 13.81
C LEU C 227 -26.53 -2.40 15.13
N LYS C 228 -27.00 -2.95 16.24
CA LYS C 228 -26.59 -2.47 17.56
C LYS C 228 -25.16 -2.89 17.88
N ASN C 229 -24.72 -4.01 17.30
CA ASN C 229 -23.38 -4.53 17.54
C ASN C 229 -22.35 -4.04 16.53
N LEU C 230 -22.39 -2.74 16.24
CA LEU C 230 -21.46 -2.14 15.29
C LEU C 230 -20.49 -1.21 15.99
N ASP C 231 -19.21 -1.32 15.64
CA ASP C 231 -18.20 -0.43 16.18
C ASP C 231 -18.52 1.01 15.79
N GLU C 232 -18.95 1.80 16.76
CA GLU C 232 -19.35 3.18 16.52
C GLU C 232 -18.24 4.02 15.88
N GLN C 233 -18.63 4.83 14.89
CA GLN C 233 -17.70 5.73 14.23
C GLN C 233 -18.21 7.17 14.32
N LEU C 234 -19.29 7.34 15.08
CA LEU C 234 -19.89 8.67 15.25
C LEU C 234 -19.75 9.14 16.70
N SER C 235 -20.44 10.22 17.04
CA SER C 235 -20.43 10.76 18.40
C SER C 235 -20.86 9.75 19.46
N PHE D 3 -50.22 -2.84 -33.58
CA PHE D 3 -49.97 -1.81 -32.57
C PHE D 3 -49.16 -0.65 -33.16
N GLN D 4 -49.20 0.50 -32.49
CA GLN D 4 -48.46 1.67 -32.94
C GLN D 4 -47.74 2.34 -31.78
N GLY D 5 -47.17 3.52 -32.05
CA GLY D 5 -46.45 4.27 -31.04
C GLY D 5 -45.23 4.99 -31.59
N PRO D 6 -45.13 6.27 -31.27
CA PRO D 6 -44.00 7.09 -31.73
C PRO D 6 -42.94 7.26 -30.64
N HIS D 7 -43.26 6.89 -29.41
CA HIS D 7 -42.29 6.94 -28.31
C HIS D 7 -41.16 5.94 -28.54
N MET D 8 -41.45 4.91 -29.34
CA MET D 8 -40.45 3.90 -29.68
C MET D 8 -39.57 4.39 -30.84
N LEU D 9 -39.89 5.57 -31.35
CA LEU D 9 -39.04 6.24 -32.33
C LEU D 9 -37.98 7.04 -31.60
N GLU D 10 -38.35 7.57 -30.44
CA GLU D 10 -37.39 8.28 -29.59
C GLU D 10 -36.44 7.27 -29.01
N GLU D 11 -37.00 6.15 -28.55
CA GLU D 11 -36.23 5.10 -27.91
C GLU D 11 -35.24 4.45 -28.86
N ASN D 12 -35.55 4.46 -30.16
CA ASN D 12 -34.67 3.85 -31.13
C ASN D 12 -33.43 4.70 -31.40
N ILE D 13 -33.62 5.98 -31.67
CA ILE D 13 -32.51 6.88 -31.92
C ILE D 13 -31.70 7.13 -30.65
N GLN D 14 -32.39 7.18 -29.51
CA GLN D 14 -31.76 7.44 -28.23
C GLN D 14 -30.73 6.37 -27.87
N GLU D 15 -31.07 5.12 -28.14
CA GLU D 15 -30.18 4.00 -27.83
C GLU D 15 -28.96 3.98 -28.76
N LYS D 16 -29.16 4.44 -29.99
CA LYS D 16 -28.07 4.53 -30.95
C LYS D 16 -27.02 5.52 -30.49
N ILE D 17 -27.47 6.60 -29.86
CA ILE D 17 -26.57 7.62 -29.34
C ILE D 17 -26.01 7.23 -27.98
N ALA D 18 -26.87 6.65 -27.15
CA ALA D 18 -26.49 6.25 -25.79
C ALA D 18 -25.33 5.25 -25.80
N PHE D 19 -25.32 4.37 -26.79
CA PHE D 19 -24.30 3.34 -26.91
C PHE D 19 -22.91 3.97 -27.11
N ILE D 20 -22.87 5.12 -27.76
CA ILE D 20 -21.62 5.85 -27.97
C ILE D 20 -21.06 6.38 -26.65
N PHE D 21 -21.95 6.89 -25.80
CA PHE D 21 -21.52 7.54 -24.58
C PHE D 21 -21.41 6.60 -23.39
N ASN D 22 -22.15 5.50 -23.43
CA ASN D 22 -22.11 4.50 -22.36
C ASN D 22 -20.74 3.85 -22.22
N ASN D 23 -20.23 3.80 -21.00
CA ASN D 23 -18.92 3.21 -20.71
C ASN D 23 -17.78 3.84 -21.50
N LEU D 24 -17.85 5.16 -21.66
CA LEU D 24 -16.80 5.91 -22.33
C LEU D 24 -15.64 6.15 -21.37
N SER D 25 -14.42 5.92 -21.85
CA SER D 25 -13.23 6.16 -21.04
C SER D 25 -12.15 6.82 -21.89
N GLN D 26 -11.00 7.09 -21.28
CA GLN D 26 -9.88 7.67 -22.00
C GLN D 26 -9.28 6.63 -22.96
N SER D 27 -9.58 5.37 -22.69
CA SER D 27 -9.07 4.26 -23.50
C SER D 27 -9.78 4.18 -24.83
N ASN D 28 -11.10 3.97 -24.78
CA ASN D 28 -11.92 3.86 -25.99
C ASN D 28 -12.26 5.22 -26.59
N MET D 29 -11.62 6.26 -26.08
CA MET D 29 -11.88 7.65 -26.51
C MET D 29 -11.78 7.83 -28.01
N THR D 30 -10.58 7.60 -28.56
CA THR D 30 -10.36 7.75 -29.99
C THR D 30 -11.24 6.80 -30.79
N GLN D 31 -11.53 5.64 -30.21
CA GLN D 31 -12.40 4.68 -30.85
C GLN D 31 -13.80 5.27 -30.97
N LYS D 32 -14.44 5.46 -29.82
CA LYS D 32 -15.82 5.94 -29.72
C LYS D 32 -16.14 7.22 -30.49
N VAL D 33 -15.12 8.07 -30.69
CA VAL D 33 -15.28 9.23 -31.56
C VAL D 33 -15.48 8.77 -33.01
N GLU D 34 -14.80 7.70 -33.40
CA GLU D 34 -14.87 7.23 -34.78
C GLU D 34 -16.22 6.58 -35.10
N GLU D 35 -16.77 5.84 -34.13
CA GLU D 35 -18.05 5.19 -34.35
C GLU D 35 -19.18 6.22 -34.39
N LEU D 36 -19.00 7.33 -33.67
CA LEU D 36 -19.93 8.47 -33.77
C LEU D 36 -19.95 9.01 -35.20
N LYS D 37 -18.77 9.20 -35.76
CA LYS D 37 -18.66 9.75 -37.11
C LYS D 37 -19.14 8.76 -38.17
N GLU D 38 -19.10 7.48 -37.84
CA GLU D 38 -19.46 6.44 -38.80
C GLU D 38 -20.90 5.94 -38.66
N THR D 39 -21.34 5.72 -37.42
CA THR D 39 -22.66 5.15 -37.19
C THR D 39 -23.75 6.22 -37.04
N VAL D 40 -23.34 7.49 -37.01
CA VAL D 40 -24.30 8.59 -36.93
C VAL D 40 -24.04 9.61 -38.04
N LYS D 41 -25.07 9.89 -38.83
CA LYS D 41 -24.95 10.79 -39.98
C LYS D 41 -25.03 12.26 -39.57
N GLU D 42 -24.41 13.12 -40.36
CA GLU D 42 -24.31 14.56 -40.09
C GLU D 42 -25.64 15.23 -39.71
N GLU D 43 -26.72 14.80 -40.34
CA GLU D 43 -28.03 15.43 -40.12
C GLU D 43 -28.52 15.27 -38.68
N PHE D 44 -28.04 14.24 -37.99
CA PHE D 44 -28.54 13.92 -36.65
C PHE D 44 -27.69 14.51 -35.53
N MET D 45 -26.62 15.20 -35.88
CA MET D 45 -25.74 15.82 -34.88
C MET D 45 -26.42 16.79 -33.89
N PRO D 46 -27.43 17.56 -34.34
CA PRO D 46 -28.19 18.34 -33.36
C PRO D 46 -28.83 17.46 -32.27
N TRP D 47 -29.26 16.26 -32.63
CA TRP D 47 -29.83 15.34 -31.66
C TRP D 47 -28.77 14.83 -30.69
N VAL D 48 -27.59 14.52 -31.23
CA VAL D 48 -26.49 14.02 -30.43
C VAL D 48 -26.09 15.04 -29.38
N SER D 49 -25.98 16.30 -29.81
CA SER D 49 -25.65 17.39 -28.91
C SER D 49 -26.73 17.54 -27.85
N GLN D 50 -27.98 17.45 -28.29
CA GLN D 50 -29.11 17.57 -27.36
C GLN D 50 -29.10 16.45 -26.34
N TYR D 51 -28.92 15.22 -26.79
CA TYR D 51 -28.88 14.07 -25.88
C TYR D 51 -27.77 14.21 -24.84
N LEU D 52 -26.60 14.64 -25.27
CA LEU D 52 -25.44 14.78 -24.40
C LEU D 52 -25.67 15.74 -23.24
N VAL D 53 -26.08 16.97 -23.54
CA VAL D 53 -26.30 17.99 -22.53
C VAL D 53 -27.48 17.62 -21.64
N MET D 54 -28.58 17.27 -22.30
CA MET D 54 -29.87 17.08 -21.67
C MET D 54 -29.98 15.81 -20.83
N LYS D 55 -29.33 14.74 -21.28
CA LYS D 55 -29.48 13.44 -20.66
C LYS D 55 -28.22 12.92 -19.94
N ARG D 56 -27.07 13.51 -20.23
CA ARG D 56 -25.80 13.00 -19.69
C ARG D 56 -25.07 14.05 -18.86
N VAL D 57 -24.74 15.17 -19.50
CA VAL D 57 -24.02 16.26 -18.85
C VAL D 57 -24.72 16.78 -17.60
N SER D 58 -26.05 16.84 -17.66
CA SER D 58 -26.85 17.41 -16.58
C SER D 58 -26.76 16.67 -15.24
N ILE D 59 -26.59 15.35 -15.29
CA ILE D 59 -26.65 14.53 -14.07
C ILE D 59 -25.34 13.75 -13.83
N GLU D 60 -24.40 13.87 -14.74
CA GLU D 60 -23.11 13.19 -14.57
C GLU D 60 -21.93 14.17 -14.55
N PRO D 61 -21.81 14.96 -13.46
CA PRO D 61 -20.68 15.89 -13.36
C PRO D 61 -19.34 15.16 -13.24
N ASN D 62 -19.38 13.91 -12.77
CA ASN D 62 -18.18 13.12 -12.63
C ASN D 62 -17.58 12.72 -13.98
N PHE D 63 -18.38 12.88 -15.03
CA PHE D 63 -17.93 12.52 -16.38
C PHE D 63 -17.68 13.73 -17.28
N HIS D 64 -17.76 14.92 -16.72
CA HIS D 64 -17.58 16.15 -17.50
C HIS D 64 -16.19 16.25 -18.15
N SER D 65 -15.18 15.73 -17.48
CA SER D 65 -13.82 15.72 -18.04
C SER D 65 -13.75 14.83 -19.27
N LEU D 66 -14.37 13.66 -19.18
CA LEU D 66 -14.40 12.72 -20.30
C LEU D 66 -15.21 13.25 -21.47
N TYR D 67 -16.35 13.88 -21.17
CA TYR D 67 -17.20 14.43 -22.20
C TYR D 67 -16.57 15.65 -22.87
N SER D 68 -15.90 16.47 -22.09
CA SER D 68 -15.17 17.62 -22.64
C SER D 68 -14.01 17.15 -23.50
N ASN D 69 -13.48 15.97 -23.19
CA ASN D 69 -12.40 15.39 -23.97
C ASN D 69 -12.90 14.81 -25.28
N PHE D 70 -14.12 14.28 -25.25
CA PHE D 70 -14.77 13.77 -26.44
C PHE D 70 -14.85 14.89 -27.47
N LEU D 71 -15.16 16.09 -27.00
CA LEU D 71 -15.26 17.27 -27.87
C LEU D 71 -13.90 17.63 -28.44
N ASP D 72 -12.86 17.49 -27.62
CA ASP D 72 -11.50 17.81 -28.06
C ASP D 72 -10.98 16.78 -29.06
N THR D 73 -11.42 15.53 -28.92
CA THR D 73 -10.99 14.46 -29.82
C THR D 73 -11.78 14.51 -31.14
N LEU D 74 -13.07 14.83 -31.04
CA LEU D 74 -13.93 14.91 -32.21
C LEU D 74 -13.47 16.01 -33.17
N LYS D 75 -12.99 17.12 -32.59
CA LYS D 75 -12.50 18.26 -33.37
C LYS D 75 -13.53 18.76 -34.37
N ASN D 76 -14.75 18.98 -33.90
CA ASN D 76 -15.84 19.46 -34.74
C ASN D 76 -16.36 20.79 -34.21
N PRO D 77 -15.85 21.90 -34.74
CA PRO D 77 -16.29 23.25 -34.34
C PRO D 77 -17.78 23.45 -34.49
N GLU D 78 -18.39 22.81 -35.48
CA GLU D 78 -19.83 22.92 -35.70
C GLU D 78 -20.59 22.26 -34.56
N PHE D 79 -20.16 21.06 -34.17
CA PHE D 79 -20.80 20.31 -33.11
C PHE D 79 -20.57 20.96 -31.74
N ASN D 80 -19.37 21.50 -31.54
CA ASN D 80 -19.05 22.19 -30.30
C ASN D 80 -19.97 23.36 -30.02
N LYS D 81 -20.40 24.03 -31.09
CA LYS D 81 -21.27 25.18 -30.95
C LYS D 81 -22.72 24.76 -30.77
N MET D 82 -23.10 23.63 -31.37
CA MET D 82 -24.39 23.03 -31.09
C MET D 82 -24.50 22.72 -29.60
N VAL D 83 -23.44 22.10 -29.07
CA VAL D 83 -23.38 21.73 -27.66
C VAL D 83 -23.42 22.95 -26.74
N LEU D 84 -22.71 24.01 -27.11
CA LEU D 84 -22.69 25.22 -26.31
C LEU D 84 -24.06 25.89 -26.27
N ASN D 85 -24.68 26.05 -27.43
CA ASN D 85 -26.01 26.65 -27.52
C ASN D 85 -27.05 25.81 -26.79
N GLU D 86 -26.89 24.50 -26.84
CA GLU D 86 -27.80 23.59 -26.15
C GLU D 86 -27.59 23.68 -24.65
N THR D 87 -26.36 23.99 -24.24
CA THR D 87 -26.04 24.19 -22.84
C THR D 87 -26.74 25.43 -22.30
N TYR D 88 -26.71 26.51 -23.09
CA TYR D 88 -27.39 27.75 -22.72
C TYR D 88 -28.90 27.53 -22.63
N ARG D 89 -29.43 26.72 -23.54
CA ARG D 89 -30.86 26.42 -23.55
C ARG D 89 -31.32 25.75 -22.26
N ASN D 90 -30.62 24.70 -21.87
CA ASN D 90 -30.97 23.95 -20.67
C ASN D 90 -30.79 24.76 -19.40
N ILE D 91 -29.83 25.68 -19.41
CA ILE D 91 -29.63 26.59 -18.29
C ILE D 91 -30.82 27.54 -18.16
N LYS D 92 -31.27 28.10 -19.29
CA LYS D 92 -32.40 29.01 -19.30
C LYS D 92 -33.70 28.35 -18.85
N VAL D 93 -33.80 27.04 -19.05
CA VAL D 93 -34.95 26.27 -18.57
C VAL D 93 -35.06 26.39 -17.06
N LEU D 94 -33.91 26.33 -16.38
CA LEU D 94 -33.86 26.38 -14.93
C LEU D 94 -33.89 27.79 -14.39
N LEU D 95 -33.24 28.72 -15.10
CA LEU D 95 -33.19 30.11 -14.67
C LEU D 95 -34.57 30.77 -14.73
N THR D 96 -35.35 30.40 -15.74
CA THR D 96 -36.68 30.96 -15.92
C THR D 96 -37.76 30.07 -15.31
N SER D 97 -37.34 29.12 -14.48
CA SER D 97 -38.28 28.20 -13.83
C SER D 97 -38.90 28.86 -12.59
N ASP D 98 -39.89 28.20 -12.02
CA ASP D 98 -40.51 28.67 -10.79
C ASP D 98 -39.69 28.22 -9.58
N LYS D 99 -38.94 29.15 -9.01
CA LYS D 99 -37.98 28.84 -7.95
C LYS D 99 -38.63 28.27 -6.69
N ALA D 100 -37.91 27.37 -6.03
CA ALA D 100 -38.34 26.80 -4.75
C ALA D 100 -37.17 26.11 -4.06
N ALA D 101 -37.08 26.27 -2.74
CA ALA D 101 -36.04 25.64 -1.94
C ALA D 101 -36.34 24.15 -1.78
N ALA D 102 -37.54 23.76 -2.19
CA ALA D 102 -37.92 22.35 -2.20
C ALA D 102 -37.32 21.64 -3.42
N ASN D 103 -36.73 22.43 -4.31
CA ASN D 103 -36.12 21.90 -5.52
C ASN D 103 -34.61 21.74 -5.40
N PHE D 104 -34.16 20.85 -4.49
CA PHE D 104 -32.74 20.56 -4.37
C PHE D 104 -32.19 19.95 -5.65
N SER D 105 -33.00 19.11 -6.29
CA SER D 105 -32.63 18.47 -7.54
C SER D 105 -32.29 19.50 -8.62
N ASP D 106 -33.24 20.39 -8.90
CA ASP D 106 -33.04 21.42 -9.91
C ASP D 106 -31.86 22.34 -9.60
N ARG D 107 -31.69 22.66 -8.32
CA ARG D 107 -30.57 23.49 -7.90
C ARG D 107 -29.24 22.78 -8.16
N SER D 108 -29.23 21.47 -7.99
CA SER D 108 -28.04 20.67 -8.25
C SER D 108 -27.77 20.53 -9.74
N LEU D 109 -28.83 20.28 -10.50
CA LEU D 109 -28.72 20.10 -11.94
C LEU D 109 -28.24 21.39 -12.62
N LEU D 110 -28.68 22.53 -12.10
CA LEU D 110 -28.24 23.82 -12.60
C LEU D 110 -26.74 24.01 -12.39
N LYS D 111 -26.27 23.57 -11.23
CA LYS D 111 -24.85 23.66 -10.89
C LYS D 111 -24.00 22.78 -11.81
N ASN D 112 -24.51 21.59 -12.11
CA ASN D 112 -23.83 20.68 -13.02
C ASN D 112 -23.69 21.29 -14.41
N LEU D 113 -24.74 21.98 -14.85
CA LEU D 113 -24.69 22.68 -16.13
C LEU D 113 -23.72 23.85 -16.05
N GLY D 114 -23.69 24.52 -14.90
CA GLY D 114 -22.76 25.60 -14.69
C GLY D 114 -21.33 25.10 -14.70
N HIS D 115 -21.11 23.96 -14.06
CA HIS D 115 -19.80 23.34 -14.02
C HIS D 115 -19.36 22.91 -15.43
N TRP D 116 -20.30 22.34 -16.17
CA TRP D 116 -20.02 21.90 -17.53
C TRP D 116 -19.76 23.09 -18.45
N LEU D 117 -20.57 24.12 -18.32
CA LEU D 117 -20.42 25.33 -19.13
C LEU D 117 -19.00 25.84 -19.04
N GLY D 118 -18.57 26.17 -17.82
CA GLY D 118 -17.22 26.65 -17.57
C GLY D 118 -16.12 25.77 -18.12
N MET D 119 -16.36 24.47 -18.18
CA MET D 119 -15.37 23.53 -18.68
C MET D 119 -15.19 23.62 -20.19
N ILE D 120 -16.30 23.82 -20.90
CA ILE D 120 -16.24 23.92 -22.36
C ILE D 120 -16.15 25.37 -22.84
N THR D 121 -16.16 26.31 -21.88
CA THR D 121 -16.09 27.72 -22.22
C THR D 121 -14.81 28.40 -21.76
N LEU D 122 -14.69 28.60 -20.45
CA LEU D 122 -13.57 29.34 -19.88
C LEU D 122 -12.29 28.53 -19.89
N ALA D 123 -12.40 27.27 -19.51
CA ALA D 123 -11.26 26.36 -19.42
C ALA D 123 -10.56 26.15 -20.76
N LYS D 124 -11.25 26.46 -21.85
CA LYS D 124 -10.67 26.32 -23.18
C LYS D 124 -10.42 27.67 -23.83
N ASN D 125 -10.33 28.71 -23.00
CA ASN D 125 -10.08 30.07 -23.45
C ASN D 125 -11.14 30.61 -24.42
N LYS D 126 -12.41 30.39 -24.06
CA LYS D 126 -13.52 30.87 -24.87
C LYS D 126 -14.50 31.65 -24.01
N PRO D 127 -15.03 32.76 -24.54
CA PRO D 127 -15.89 33.66 -23.75
C PRO D 127 -17.29 33.13 -23.50
N ILE D 128 -17.90 33.61 -22.41
CA ILE D 128 -19.33 33.51 -22.24
C ILE D 128 -19.90 34.86 -22.66
N LEU D 129 -20.39 34.93 -23.90
CA LEU D 129 -20.95 36.17 -24.41
C LEU D 129 -22.17 36.58 -23.62
N HIS D 130 -22.27 37.88 -23.32
CA HIS D 130 -23.35 38.39 -22.49
C HIS D 130 -24.70 38.24 -23.18
N THR D 131 -24.66 38.14 -24.50
CA THR D 131 -25.88 37.95 -25.30
C THR D 131 -26.44 36.55 -25.08
N ASP D 132 -25.57 35.63 -24.65
CA ASP D 132 -25.98 34.27 -24.34
C ASP D 132 -26.29 34.13 -22.85
N LEU D 133 -25.42 34.69 -22.02
CA LEU D 133 -25.59 34.65 -20.58
C LEU D 133 -24.76 35.75 -19.93
N ASP D 134 -25.43 36.75 -19.36
CA ASP D 134 -24.75 37.82 -18.64
C ASP D 134 -24.59 37.42 -17.18
N VAL D 135 -23.45 36.84 -16.85
CA VAL D 135 -23.19 36.29 -15.53
C VAL D 135 -23.27 37.35 -14.43
N LYS D 136 -22.70 38.52 -14.70
CA LYS D 136 -22.68 39.59 -13.71
C LYS D 136 -24.08 40.15 -13.46
N SER D 137 -24.80 40.41 -14.54
CA SER D 137 -26.17 40.89 -14.44
C SER D 137 -27.07 39.85 -13.80
N LEU D 138 -26.73 38.58 -13.98
CA LEU D 138 -27.49 37.48 -13.39
C LEU D 138 -27.44 37.55 -11.87
N LEU D 139 -26.31 38.01 -11.33
CA LEU D 139 -26.15 38.17 -9.90
C LEU D 139 -26.91 39.39 -9.39
N LEU D 140 -26.81 40.49 -10.14
CA LEU D 140 -27.53 41.71 -9.80
C LEU D 140 -29.03 41.46 -9.73
N GLU D 141 -29.55 40.77 -10.74
CA GLU D 141 -30.96 40.44 -10.81
C GLU D 141 -31.41 39.54 -9.68
N ALA D 142 -30.56 38.58 -9.33
CA ALA D 142 -30.86 37.64 -8.27
C ALA D 142 -30.97 38.39 -6.95
N TYR D 143 -30.16 39.43 -6.81
CA TYR D 143 -30.16 40.24 -5.58
C TYR D 143 -31.46 41.00 -5.40
N VAL D 144 -31.98 41.59 -6.49
CA VAL D 144 -33.18 42.39 -6.42
C VAL D 144 -34.45 41.54 -6.30
N LYS D 145 -34.34 40.27 -6.69
CA LYS D 145 -35.52 39.40 -6.71
C LYS D 145 -35.73 38.63 -5.43
N GLY D 146 -34.64 38.35 -4.70
CA GLY D 146 -34.75 37.69 -3.41
C GLY D 146 -33.71 36.62 -3.14
N GLN D 147 -33.83 36.02 -1.95
CA GLN D 147 -32.90 34.99 -1.51
C GLN D 147 -33.10 33.67 -2.25
N GLN D 148 -34.30 33.49 -2.79
CA GLN D 148 -34.62 32.29 -3.56
C GLN D 148 -33.81 32.26 -4.85
N GLU D 149 -33.80 33.40 -5.55
CA GLU D 149 -33.02 33.55 -6.77
C GLU D 149 -31.53 33.46 -6.47
N LEU D 150 -31.10 34.09 -5.38
CA LEU D 150 -29.71 34.05 -4.96
C LEU D 150 -29.27 32.62 -4.60
N LEU D 151 -30.21 31.83 -4.09
CA LEU D 151 -29.93 30.45 -3.74
C LEU D 151 -29.66 29.61 -4.98
N TYR D 152 -30.40 29.89 -6.05
CA TYR D 152 -30.22 29.20 -7.32
C TYR D 152 -28.96 29.66 -8.03
N VAL D 153 -28.77 30.98 -8.09
CA VAL D 153 -27.77 31.61 -8.96
C VAL D 153 -26.33 31.58 -8.43
N VAL D 154 -26.15 31.91 -7.15
CA VAL D 154 -24.81 32.01 -6.58
C VAL D 154 -23.95 30.73 -6.68
N PRO D 155 -24.51 29.57 -6.25
CA PRO D 155 -23.71 28.34 -6.42
C PRO D 155 -23.51 27.99 -7.89
N PHE D 156 -24.45 28.40 -8.74
CA PHE D 156 -24.33 28.19 -10.18
C PHE D 156 -23.13 28.95 -10.73
N VAL D 157 -23.09 30.25 -10.47
CA VAL D 157 -21.99 31.11 -10.92
C VAL D 157 -20.65 30.59 -10.42
N ALA D 158 -20.64 30.11 -9.18
CA ALA D 158 -19.43 29.56 -8.58
C ALA D 158 -18.86 28.41 -9.42
N LYS D 159 -19.73 27.52 -9.86
CA LYS D 159 -19.32 26.35 -10.64
C LYS D 159 -18.74 26.70 -12.02
N VAL D 160 -19.21 27.78 -12.62
CA VAL D 160 -18.68 28.18 -13.93
C VAL D 160 -17.37 28.97 -13.77
N LEU D 161 -17.23 29.67 -12.64
CA LEU D 161 -16.02 30.44 -12.39
C LEU D 161 -14.89 29.59 -11.82
N GLU D 162 -15.22 28.37 -11.42
CA GLU D 162 -14.21 27.43 -10.95
C GLU D 162 -13.22 27.07 -12.04
N SER D 163 -13.65 27.21 -13.29
CA SER D 163 -12.82 26.81 -14.42
C SER D 163 -11.85 27.90 -14.86
N SER D 164 -12.04 29.11 -14.35
CA SER D 164 -11.19 30.23 -14.71
C SER D 164 -9.75 30.01 -14.28
N ILE D 165 -9.58 29.30 -13.15
CA ILE D 165 -8.25 29.01 -12.64
C ILE D 165 -7.51 28.03 -13.56
N ARG D 166 -8.28 27.25 -14.32
CA ARG D 166 -7.71 26.31 -15.27
C ARG D 166 -7.65 26.91 -16.67
N SER D 167 -7.57 28.23 -16.71
CA SER D 167 -7.49 28.95 -17.98
C SER D 167 -6.35 29.97 -17.94
N VAL D 168 -5.57 30.00 -19.02
CA VAL D 168 -4.46 30.94 -19.12
C VAL D 168 -4.99 32.36 -19.27
N VAL D 169 -6.20 32.48 -19.81
CA VAL D 169 -6.80 33.77 -20.09
C VAL D 169 -7.64 34.31 -18.94
N PHE D 170 -8.63 33.52 -18.51
CA PHE D 170 -9.64 34.00 -17.58
C PHE D 170 -9.27 33.91 -16.10
N ARG D 171 -8.05 33.44 -15.81
CA ARG D 171 -7.62 33.38 -14.42
C ARG D 171 -7.34 34.77 -13.88
N PRO D 172 -7.50 34.95 -12.56
CA PRO D 172 -7.15 36.21 -11.88
C PRO D 172 -5.74 36.65 -12.24
N PRO D 173 -5.54 37.95 -12.50
CA PRO D 173 -6.60 38.98 -12.45
C PRO D 173 -7.16 39.31 -13.83
N ASN D 174 -8.19 38.59 -14.25
CA ASN D 174 -8.86 38.87 -15.50
C ASN D 174 -10.02 39.84 -15.27
N PRO D 175 -10.10 40.91 -16.09
CA PRO D 175 -11.15 41.92 -15.94
C PRO D 175 -12.55 41.31 -15.89
N TRP D 176 -12.82 40.33 -16.75
CA TRP D 176 -14.11 39.67 -16.77
C TRP D 176 -14.34 38.88 -15.50
N THR D 177 -13.38 38.02 -15.16
CA THR D 177 -13.48 37.19 -13.96
C THR D 177 -13.55 38.03 -12.69
N MET D 178 -12.67 39.02 -12.59
CA MET D 178 -12.61 39.87 -11.40
C MET D 178 -13.83 40.77 -11.22
N ALA D 179 -14.40 41.24 -12.33
CA ALA D 179 -15.60 42.07 -12.27
C ALA D 179 -16.75 41.31 -11.64
N ILE D 180 -16.75 40.00 -11.86
CA ILE D 180 -17.77 39.13 -11.31
C ILE D 180 -17.47 38.81 -9.85
N MET D 181 -16.19 38.58 -9.55
CA MET D 181 -15.78 38.31 -8.18
C MET D 181 -16.00 39.51 -7.27
N ASN D 182 -15.80 40.70 -7.82
CA ASN D 182 -16.04 41.93 -7.05
C ASN D 182 -17.50 42.12 -6.70
N VAL D 183 -18.39 41.74 -7.62
CA VAL D 183 -19.82 41.81 -7.37
C VAL D 183 -20.22 40.85 -6.26
N LEU D 184 -19.61 39.67 -6.26
CA LEU D 184 -19.84 38.69 -5.20
C LEU D 184 -19.33 39.21 -3.88
N ALA D 185 -18.25 39.98 -3.92
CA ALA D 185 -17.66 40.56 -2.72
C ALA D 185 -18.58 41.61 -2.11
N GLU D 186 -19.30 42.33 -2.96
CA GLU D 186 -20.30 43.28 -2.51
C GLU D 186 -21.46 42.54 -1.86
N LEU D 187 -21.87 41.46 -2.49
CA LEU D 187 -22.95 40.62 -1.97
C LEU D 187 -22.58 40.00 -0.64
N HIS D 188 -21.30 39.67 -0.48
CA HIS D 188 -20.81 38.95 0.69
C HIS D 188 -21.05 39.66 2.02
N GLN D 189 -20.90 40.99 2.00
CA GLN D 189 -21.00 41.77 3.24
C GLN D 189 -22.40 42.31 3.50
N GLU D 190 -23.35 41.96 2.62
CA GLU D 190 -24.75 42.26 2.88
C GLU D 190 -25.21 41.37 4.03
N HIS D 191 -25.65 41.99 5.12
CA HIS D 191 -26.01 41.26 6.33
C HIS D 191 -27.22 40.36 6.11
N ASP D 192 -28.01 40.69 5.09
CA ASP D 192 -29.21 39.92 4.79
C ASP D 192 -28.93 38.69 3.93
N LEU D 193 -27.67 38.52 3.54
CA LEU D 193 -27.28 37.36 2.73
C LEU D 193 -27.23 36.11 3.58
N LYS D 194 -27.87 35.04 3.10
CA LYS D 194 -27.92 33.77 3.82
C LYS D 194 -26.52 33.22 4.08
N LEU D 195 -26.35 32.58 5.23
CA LEU D 195 -25.04 32.15 5.69
C LEU D 195 -24.36 31.14 4.76
N ASN D 196 -25.14 30.21 4.22
CA ASN D 196 -24.60 29.20 3.31
C ASN D 196 -24.16 29.81 1.98
N LEU D 197 -24.71 30.97 1.65
CA LEU D 197 -24.32 31.69 0.43
C LEU D 197 -23.04 32.50 0.66
N LYS D 198 -22.87 33.01 1.88
CA LYS D 198 -21.63 33.69 2.25
C LYS D 198 -20.48 32.68 2.24
N PHE D 199 -20.76 31.49 2.74
CA PHE D 199 -19.79 30.39 2.71
C PHE D 199 -19.43 30.05 1.28
N GLU D 200 -20.45 29.93 0.43
CA GLU D 200 -20.29 29.61 -0.98
C GLU D 200 -19.34 30.57 -1.68
N ILE D 201 -19.49 31.86 -1.38
CA ILE D 201 -18.65 32.90 -1.97
C ILE D 201 -17.21 32.81 -1.47
N GLU D 202 -17.05 32.40 -0.22
CA GLU D 202 -15.72 32.26 0.38
C GLU D 202 -14.94 31.09 -0.20
N VAL D 203 -15.61 29.96 -0.39
CA VAL D 203 -14.98 28.78 -0.94
C VAL D 203 -14.55 29.02 -2.39
N LEU D 204 -15.34 29.82 -3.11
CA LEU D 204 -15.03 30.17 -4.49
C LEU D 204 -13.74 30.99 -4.56
N CYS D 205 -13.60 31.95 -3.65
CA CYS D 205 -12.42 32.78 -3.57
C CYS D 205 -11.17 31.92 -3.36
N LYS D 206 -11.31 30.90 -2.52
CA LYS D 206 -10.19 30.00 -2.25
C LYS D 206 -10.01 28.98 -3.36
N ASN D 207 -11.09 28.64 -4.05
CA ASN D 207 -11.02 27.77 -5.22
C ASN D 207 -10.36 28.49 -6.39
N LEU D 208 -10.31 29.82 -6.31
CA LEU D 208 -9.66 30.63 -7.32
C LEU D 208 -8.35 31.21 -6.80
N ALA D 209 -7.92 30.72 -5.63
CA ALA D 209 -6.71 31.19 -4.97
C ALA D 209 -6.75 32.70 -4.73
N LEU D 210 -7.85 33.17 -4.15
CA LEU D 210 -8.02 34.61 -3.90
C LEU D 210 -8.33 34.90 -2.45
N ASP D 211 -7.90 36.05 -1.98
CA ASP D 211 -8.26 36.54 -0.66
C ASP D 211 -9.51 37.39 -0.81
N ILE D 212 -10.58 37.02 -0.11
CA ILE D 212 -11.84 37.74 -0.19
C ILE D 212 -11.71 39.18 0.32
N ASN D 213 -10.81 39.38 1.28
CA ASN D 213 -10.58 40.70 1.84
C ASN D 213 -9.71 41.57 0.94
N GLU D 214 -9.05 40.93 -0.02
CA GLU D 214 -8.21 41.63 -0.98
C GLU D 214 -9.01 42.08 -2.20
N LEU D 215 -10.24 41.57 -2.32
CA LEU D 215 -11.13 41.97 -3.39
C LEU D 215 -11.60 43.41 -3.19
N LYS D 216 -12.16 44.00 -4.24
CA LYS D 216 -12.54 45.42 -4.20
C LYS D 216 -14.03 45.61 -4.50
N PRO D 217 -14.88 45.41 -3.49
CA PRO D 217 -16.33 45.61 -3.64
C PRO D 217 -16.69 47.04 -4.02
N GLY D 218 -17.37 47.22 -5.14
CA GLY D 218 -17.84 48.54 -5.56
C GLY D 218 -19.15 48.89 -4.89
N ASN D 219 -20.00 49.61 -5.60
CA ASN D 219 -21.29 50.02 -5.05
C ASN D 219 -22.45 49.74 -6.00
N LEU D 220 -22.41 48.59 -6.65
CA LEU D 220 -23.44 48.21 -7.61
C LEU D 220 -24.75 47.83 -6.94
N LEU D 221 -24.67 47.28 -5.73
CA LEU D 221 -25.86 46.87 -5.01
C LEU D 221 -26.62 48.07 -4.46
N LYS D 222 -26.02 49.25 -4.56
CA LYS D 222 -26.63 50.49 -4.09
C LYS D 222 -27.13 51.33 -5.26
N ASP D 223 -26.70 50.99 -6.47
CA ASP D 223 -27.13 51.69 -7.66
C ASP D 223 -28.61 51.37 -7.95
N LYS D 224 -29.50 52.06 -7.24
CA LYS D 224 -30.93 51.84 -7.41
C LYS D 224 -31.43 52.41 -8.73
N ASP D 225 -30.53 52.49 -9.71
CA ASP D 225 -30.88 53.02 -11.02
C ASP D 225 -30.61 52.00 -12.12
N ARG D 226 -29.65 51.11 -11.87
CA ARG D 226 -29.29 50.08 -12.84
C ARG D 226 -30.02 48.77 -12.54
N LEU D 227 -30.28 48.52 -11.26
CA LEU D 227 -30.96 47.31 -10.82
C LEU D 227 -32.33 47.16 -11.46
N LYS D 228 -33.16 48.20 -11.37
CA LYS D 228 -34.50 48.17 -11.92
C LYS D 228 -34.48 48.01 -13.43
N ASN D 229 -33.50 48.65 -14.09
CA ASN D 229 -33.40 48.61 -15.54
C ASN D 229 -32.42 47.55 -16.04
N LEU D 230 -32.64 46.30 -15.64
CA LEU D 230 -31.82 45.18 -16.09
C LEU D 230 -32.58 44.32 -17.09
N ASP D 231 -31.84 43.62 -17.96
CA ASP D 231 -32.44 42.71 -18.93
C ASP D 231 -32.62 41.32 -18.30
N GLU D 232 -33.79 41.09 -17.71
CA GLU D 232 -34.04 39.90 -16.91
C GLU D 232 -33.69 38.56 -17.55
N GLN D 233 -33.03 37.71 -16.78
CA GLN D 233 -32.66 36.36 -17.21
C GLN D 233 -33.33 35.31 -16.33
N LEU D 234 -34.00 35.76 -15.29
CA LEU D 234 -34.66 34.86 -14.34
C LEU D 234 -36.18 34.91 -14.51
N SER D 235 -36.63 35.45 -15.64
CA SER D 235 -38.05 35.64 -15.89
C SER D 235 -38.83 34.33 -15.82
N GLU E 10 -8.99 24.99 13.98
CA GLU E 10 -8.62 24.06 15.05
C GLU E 10 -9.47 24.31 16.29
N GLU E 11 -10.04 25.51 16.37
CA GLU E 11 -10.82 25.98 17.52
C GLU E 11 -11.81 24.98 18.13
N ASN E 12 -12.29 24.06 17.30
CA ASN E 12 -13.30 23.10 17.72
C ASN E 12 -12.77 22.05 18.71
N ILE E 13 -11.75 21.31 18.28
CA ILE E 13 -11.13 20.31 19.15
C ILE E 13 -10.20 20.96 20.17
N GLN E 14 -9.56 22.05 19.76
CA GLN E 14 -8.56 22.73 20.59
C GLN E 14 -9.11 23.14 21.95
N GLU E 15 -10.29 23.75 21.95
CA GLU E 15 -10.93 24.19 23.18
C GLU E 15 -11.12 23.02 24.14
N LYS E 16 -11.62 21.90 23.60
CA LYS E 16 -11.85 20.70 24.38
C LYS E 16 -10.59 20.23 25.09
N ILE E 17 -9.45 20.38 24.41
CA ILE E 17 -8.16 20.04 24.98
C ILE E 17 -7.76 21.06 26.04
N ALA E 18 -8.16 22.31 25.83
CA ALA E 18 -7.78 23.39 26.75
C ALA E 18 -8.38 23.22 28.15
N PHE E 19 -9.66 22.83 28.20
CA PHE E 19 -10.33 22.64 29.49
C PHE E 19 -9.62 21.59 30.33
N ILE E 20 -9.04 20.60 29.65
CA ILE E 20 -8.30 19.54 30.30
C ILE E 20 -7.06 20.10 31.00
N PHE E 21 -6.37 21.01 30.32
CA PHE E 21 -5.12 21.55 30.83
C PHE E 21 -5.28 22.88 31.57
N ASN E 22 -6.36 23.60 31.30
CA ASN E 22 -6.70 24.77 32.11
C ASN E 22 -6.88 24.39 33.58
N ASN E 23 -6.68 25.37 34.47
CA ASN E 23 -6.82 25.14 35.90
C ASN E 23 -6.39 23.76 36.38
N LEU E 24 -5.30 23.22 35.80
CA LEU E 24 -4.76 21.94 36.24
C LEU E 24 -3.87 22.07 37.48
N SER E 25 -4.34 21.54 38.61
CA SER E 25 -3.56 21.52 39.83
C SER E 25 -3.15 20.08 40.15
N GLN E 26 -2.74 19.83 41.40
CA GLN E 26 -2.30 18.50 41.81
C GLN E 26 -3.43 17.67 42.42
N SER E 27 -4.56 18.33 42.69
CA SER E 27 -5.70 17.67 43.31
C SER E 27 -6.67 17.11 42.25
N ASN E 28 -7.04 17.96 41.30
CA ASN E 28 -7.92 17.57 40.21
C ASN E 28 -7.18 16.77 39.14
N MET E 29 -5.87 16.66 39.30
CA MET E 29 -5.00 16.12 38.28
C MET E 29 -5.37 14.71 37.82
N THR E 30 -5.52 13.80 38.77
CA THR E 30 -5.78 12.40 38.45
C THR E 30 -7.07 12.21 37.66
N GLN E 31 -8.01 13.15 37.80
CA GLN E 31 -9.30 13.04 37.10
C GLN E 31 -9.29 13.75 35.74
N LYS E 32 -8.39 14.71 35.58
CA LYS E 32 -8.18 15.37 34.29
C LYS E 32 -7.53 14.39 33.31
N VAL E 33 -6.61 13.58 33.84
CA VAL E 33 -5.98 12.51 33.07
C VAL E 33 -7.05 11.53 32.59
N GLU E 34 -8.00 11.22 33.47
CA GLU E 34 -9.13 10.35 33.11
C GLU E 34 -10.06 11.03 32.11
N GLU E 35 -10.39 12.29 32.37
CA GLU E 35 -11.27 13.06 31.50
C GLU E 35 -10.70 13.19 30.09
N LEU E 36 -9.37 13.20 30.00
CA LEU E 36 -8.69 13.28 28.71
C LEU E 36 -8.79 11.96 27.95
N LYS E 37 -8.71 10.85 28.68
CA LYS E 37 -8.79 9.52 28.07
C LYS E 37 -10.22 9.22 27.61
N GLU E 38 -11.17 10.03 28.07
CA GLU E 38 -12.57 9.83 27.73
C GLU E 38 -13.07 10.82 26.68
N THR E 39 -12.87 12.11 26.93
CA THR E 39 -13.39 13.14 26.05
C THR E 39 -12.54 13.33 24.79
N VAL E 40 -11.40 12.66 24.73
CA VAL E 40 -10.51 12.76 23.58
C VAL E 40 -10.09 11.38 23.08
N LYS E 41 -10.24 11.16 21.78
CA LYS E 41 -9.96 9.86 21.17
C LYS E 41 -8.48 9.62 20.92
N GLU E 42 -8.09 8.35 20.97
CA GLU E 42 -6.71 7.91 20.79
C GLU E 42 -6.10 8.45 19.49
N GLU E 43 -6.93 8.58 18.47
CA GLU E 43 -6.48 9.07 17.17
C GLU E 43 -6.10 10.55 17.21
N PHE E 44 -6.54 11.25 18.25
CA PHE E 44 -6.31 12.69 18.35
C PHE E 44 -5.12 13.07 19.24
N MET E 45 -4.49 12.06 19.85
CA MET E 45 -3.35 12.30 20.74
C MET E 45 -2.19 13.14 20.15
N PRO E 46 -1.84 12.92 18.87
CA PRO E 46 -0.82 13.80 18.27
C PRO E 46 -1.18 15.28 18.36
N TRP E 47 -2.47 15.61 18.30
CA TRP E 47 -2.93 16.98 18.40
C TRP E 47 -2.84 17.50 19.84
N VAL E 48 -3.14 16.63 20.79
CA VAL E 48 -2.99 16.97 22.21
C VAL E 48 -1.52 17.19 22.53
N SER E 49 -0.69 16.27 22.08
CA SER E 49 0.76 16.36 22.22
C SER E 49 1.28 17.68 21.67
N GLN E 50 0.63 18.17 20.62
CA GLN E 50 1.03 19.41 19.97
C GLN E 50 0.58 20.63 20.75
N TYR E 51 -0.65 20.59 21.26
CA TYR E 51 -1.20 21.71 22.04
C TYR E 51 -0.39 21.95 23.31
N LEU E 52 0.00 20.86 23.96
CA LEU E 52 0.78 20.93 25.20
C LEU E 52 2.12 21.61 24.98
N VAL E 53 2.94 21.01 24.11
CA VAL E 53 4.28 21.49 23.86
C VAL E 53 4.30 22.90 23.27
N MET E 54 3.36 23.18 22.36
CA MET E 54 3.38 24.46 21.65
C MET E 54 2.70 25.59 22.42
N LYS E 55 1.43 25.38 22.80
CA LYS E 55 0.62 26.46 23.38
C LYS E 55 0.71 26.58 24.90
N ARG E 56 1.30 25.59 25.56
CA ARG E 56 1.31 25.55 27.01
C ARG E 56 2.72 25.54 27.58
N VAL E 57 3.44 24.45 27.31
CA VAL E 57 4.79 24.25 27.79
C VAL E 57 5.74 25.42 27.46
N SER E 58 5.65 25.93 26.24
CA SER E 58 6.59 26.95 25.76
C SER E 58 6.47 28.29 26.47
N ILE E 59 5.30 28.58 27.04
CA ILE E 59 5.05 29.89 27.66
C ILE E 59 4.60 29.80 29.11
N GLU E 60 4.51 28.59 29.65
CA GLU E 60 4.12 28.41 31.04
C GLU E 60 5.12 27.54 31.79
N PRO E 61 6.30 28.08 32.09
CA PRO E 61 7.31 27.29 32.82
C PRO E 61 6.95 27.09 34.29
N ASN E 62 5.97 27.85 34.78
CA ASN E 62 5.51 27.70 36.16
C ASN E 62 4.54 26.53 36.31
N PHE E 63 4.34 25.78 35.23
CA PHE E 63 3.49 24.59 35.25
C PHE E 63 4.22 23.38 34.69
N HIS E 64 5.52 23.53 34.39
CA HIS E 64 6.30 22.44 33.83
C HIS E 64 6.32 21.21 34.72
N SER E 65 6.38 21.42 36.03
CA SER E 65 6.35 20.32 36.98
C SER E 65 5.01 19.61 36.90
N LEU E 66 3.94 20.39 36.87
CA LEU E 66 2.59 19.85 36.77
C LEU E 66 2.39 19.05 35.49
N TYR E 67 2.80 19.60 34.36
CA TYR E 67 2.65 18.93 33.07
C TYR E 67 3.55 17.70 33.00
N SER E 68 4.68 17.75 33.70
CA SER E 68 5.59 16.61 33.76
C SER E 68 4.96 15.46 34.52
N ASN E 69 4.29 15.78 35.61
CA ASN E 69 3.59 14.78 36.39
C ASN E 69 2.43 14.21 35.59
N PHE E 70 1.84 15.04 34.75
CA PHE E 70 0.71 14.64 33.91
C PHE E 70 1.09 13.44 33.06
N LEU E 71 2.30 13.47 32.50
CA LEU E 71 2.81 12.34 31.73
C LEU E 71 3.01 11.16 32.66
N ASP E 72 3.45 11.43 33.89
CA ASP E 72 3.71 10.39 34.87
C ASP E 72 2.43 9.68 35.31
N THR E 73 1.35 10.45 35.45
CA THR E 73 0.06 9.87 35.85
C THR E 73 -0.60 9.13 34.69
N LEU E 74 -0.57 9.74 33.51
CA LEU E 74 -1.17 9.16 32.31
C LEU E 74 -0.53 7.81 31.96
N LYS E 75 0.76 7.69 32.23
CA LYS E 75 1.52 6.45 31.96
C LYS E 75 1.34 5.94 30.54
N ASN E 76 1.40 6.86 29.57
CA ASN E 76 1.22 6.52 28.17
C ASN E 76 2.53 6.69 27.40
N PRO E 77 3.31 5.61 27.29
CA PRO E 77 4.65 5.64 26.67
C PRO E 77 4.62 6.07 25.20
N GLU E 78 3.55 5.75 24.48
CA GLU E 78 3.41 6.20 23.11
C GLU E 78 3.23 7.71 23.06
N PHE E 79 2.33 8.20 23.91
CA PHE E 79 2.06 9.64 23.99
C PHE E 79 3.27 10.42 24.49
N ASN E 80 4.07 9.78 25.34
CA ASN E 80 5.31 10.40 25.82
C ASN E 80 6.26 10.67 24.65
N LYS E 81 6.44 9.68 23.79
CA LYS E 81 7.31 9.83 22.63
C LYS E 81 6.75 10.86 21.66
N MET E 82 5.43 11.00 21.63
CA MET E 82 4.81 12.04 20.81
C MET E 82 5.21 13.41 21.33
N VAL E 83 5.08 13.59 22.65
CA VAL E 83 5.43 14.84 23.30
C VAL E 83 6.91 15.17 23.14
N LEU E 84 7.76 14.16 23.25
CA LEU E 84 9.20 14.35 23.10
C LEU E 84 9.57 14.78 21.68
N ASN E 85 9.09 14.03 20.69
CA ASN E 85 9.35 14.36 19.29
C ASN E 85 8.78 15.71 18.89
N GLU E 86 7.64 16.08 19.48
CA GLU E 86 7.04 17.38 19.24
C GLU E 86 7.90 18.48 19.86
N THR E 87 8.50 18.17 21.01
CA THR E 87 9.37 19.11 21.70
C THR E 87 10.63 19.37 20.88
N TYR E 88 11.20 18.30 20.32
CA TYR E 88 12.37 18.42 19.46
C TYR E 88 12.09 19.29 18.23
N ARG E 89 10.85 19.24 17.74
CA ARG E 89 10.44 20.01 16.58
C ARG E 89 10.39 21.50 16.87
N ASN E 90 9.66 21.88 17.92
CA ASN E 90 9.51 23.27 18.32
C ASN E 90 10.85 23.96 18.64
N ILE E 91 11.82 23.17 19.07
CA ILE E 91 13.17 23.67 19.37
C ILE E 91 13.96 23.93 18.07
N LYS E 92 13.93 22.97 17.16
CA LYS E 92 14.61 23.11 15.88
C LYS E 92 14.04 24.26 15.05
N VAL E 93 12.79 24.60 15.31
CA VAL E 93 12.17 25.78 14.69
C VAL E 93 12.94 27.03 15.08
N LEU E 94 13.13 27.21 16.37
CA LEU E 94 13.81 28.39 16.90
C LEU E 94 15.32 28.35 16.62
N LEU E 95 15.88 27.15 16.61
CA LEU E 95 17.30 26.97 16.35
C LEU E 95 17.66 27.33 14.91
N THR E 96 16.74 27.05 13.99
CA THR E 96 16.99 27.26 12.56
C THR E 96 16.33 28.53 12.04
N SER E 97 15.77 29.33 12.95
CA SER E 97 15.15 30.60 12.58
C SER E 97 16.21 31.66 12.34
N ASP E 98 15.79 32.85 11.92
CA ASP E 98 16.73 33.93 11.69
C ASP E 98 17.00 34.72 12.97
N LYS E 99 18.24 34.62 13.45
CA LYS E 99 18.60 35.16 14.76
C LYS E 99 18.58 36.68 14.81
N ALA E 100 18.31 37.21 16.00
CA ALA E 100 18.35 38.63 16.27
C ALA E 100 18.21 38.86 17.77
N ALA E 101 18.92 39.85 18.31
CA ALA E 101 18.82 40.18 19.72
C ALA E 101 17.43 40.74 20.04
N ALA E 102 16.85 41.40 19.04
CA ALA E 102 15.50 41.95 19.17
C ALA E 102 14.48 40.83 19.41
N ASN E 103 14.70 39.70 18.76
CA ASN E 103 13.86 38.53 19.00
C ASN E 103 14.08 37.97 20.40
N PHE E 104 13.40 38.57 21.38
CA PHE E 104 13.52 38.15 22.76
C PHE E 104 12.54 37.03 23.08
N SER E 105 11.33 37.16 22.58
CA SER E 105 10.29 36.14 22.71
C SER E 105 10.82 34.77 22.29
N ASP E 106 11.54 34.75 21.17
CA ASP E 106 12.16 33.52 20.66
C ASP E 106 13.16 32.95 21.65
N ARG E 107 13.95 33.82 22.28
CA ARG E 107 14.96 33.37 23.23
C ARG E 107 14.32 32.76 24.48
N SER E 108 13.23 33.37 24.94
CA SER E 108 12.51 32.86 26.11
C SER E 108 11.86 31.51 25.82
N LEU E 109 11.23 31.40 24.65
CA LEU E 109 10.58 30.16 24.25
C LEU E 109 11.59 29.02 24.18
N LEU E 110 12.76 29.31 23.61
CA LEU E 110 13.81 28.31 23.47
C LEU E 110 14.30 27.83 24.84
N LYS E 111 14.36 28.75 25.79
CA LYS E 111 14.77 28.41 27.15
C LYS E 111 13.73 27.52 27.84
N ASN E 112 12.46 27.89 27.71
CA ASN E 112 11.38 27.12 28.30
C ASN E 112 11.30 25.70 27.74
N LEU E 113 11.44 25.57 26.42
CA LEU E 113 11.46 24.26 25.79
C LEU E 113 12.67 23.45 26.25
N GLY E 114 13.81 24.14 26.38
CA GLY E 114 15.03 23.51 26.87
C GLY E 114 14.83 23.01 28.29
N HIS E 115 14.19 23.85 29.10
CA HIS E 115 13.86 23.49 30.48
C HIS E 115 12.98 22.25 30.50
N TRP E 116 11.90 22.32 29.73
CA TRP E 116 10.94 21.23 29.62
C TRP E 116 11.58 19.93 29.13
N LEU E 117 12.45 20.06 28.13
CA LEU E 117 13.15 18.91 27.58
C LEU E 117 13.96 18.17 28.65
N GLY E 118 14.69 18.93 29.46
CA GLY E 118 15.50 18.35 30.52
C GLY E 118 14.68 17.61 31.56
N MET E 119 13.47 18.10 31.82
CA MET E 119 12.59 17.46 32.78
C MET E 119 12.05 16.12 32.27
N ILE E 120 11.67 16.07 30.99
CA ILE E 120 11.08 14.86 30.43
C ILE E 120 12.13 13.93 29.82
N THR E 121 13.40 14.31 29.91
CA THR E 121 14.49 13.45 29.47
C THR E 121 15.45 13.16 30.62
N LEU E 122 16.30 14.13 30.92
CA LEU E 122 17.36 13.96 31.91
C LEU E 122 16.84 13.61 33.29
N ALA E 123 15.88 14.40 33.79
CA ALA E 123 15.33 14.21 35.13
C ALA E 123 14.67 12.85 35.31
N LYS E 124 14.19 12.27 34.21
CA LYS E 124 13.54 10.96 34.25
C LYS E 124 14.45 9.86 33.72
N ASN E 125 15.75 10.15 33.73
CA ASN E 125 16.77 9.17 33.32
C ASN E 125 16.58 8.64 31.91
N LYS E 126 16.02 9.47 31.05
CA LYS E 126 15.91 9.17 29.62
C LYS E 126 16.92 10.02 28.88
N PRO E 127 17.54 9.46 27.84
CA PRO E 127 18.59 10.18 27.11
C PRO E 127 18.08 11.29 26.19
N ILE E 128 18.99 12.22 25.87
CA ILE E 128 18.78 13.15 24.78
C ILE E 128 19.72 12.70 23.67
N LEU E 129 19.14 12.17 22.60
CA LEU E 129 19.94 11.50 21.58
C LEU E 129 20.52 12.45 20.50
N HIS E 130 21.78 12.23 20.17
CA HIS E 130 22.51 13.06 19.20
C HIS E 130 21.83 13.09 17.83
N THR E 131 21.10 12.03 17.51
CA THR E 131 20.36 11.97 16.26
C THR E 131 19.10 12.84 16.34
N ASP E 132 18.76 13.27 17.56
CA ASP E 132 17.62 14.17 17.75
C ASP E 132 18.11 15.57 18.13
N LEU E 133 19.15 15.61 18.95
CA LEU E 133 19.72 16.89 19.38
C LEU E 133 21.14 16.67 19.92
N ASP E 134 22.12 17.04 19.12
CA ASP E 134 23.52 16.91 19.52
C ASP E 134 23.96 18.15 20.30
N VAL E 135 23.59 18.18 21.58
CA VAL E 135 23.79 19.35 22.44
C VAL E 135 25.24 19.84 22.44
N LYS E 136 26.18 18.91 22.52
CA LYS E 136 27.60 19.24 22.48
C LYS E 136 27.97 19.94 21.17
N SER E 137 27.55 19.36 20.05
CA SER E 137 27.81 19.93 18.74
C SER E 137 27.10 21.26 18.55
N LEU E 138 25.91 21.38 19.12
CA LEU E 138 25.10 22.60 19.00
C LEU E 138 25.85 23.80 19.58
N LEU E 139 26.69 23.55 20.57
CA LEU E 139 27.54 24.58 21.15
C LEU E 139 28.66 24.95 20.18
N LEU E 140 29.29 23.94 19.60
CA LEU E 140 30.39 24.16 18.66
C LEU E 140 29.91 24.86 17.40
N GLU E 141 28.72 24.52 16.94
CA GLU E 141 28.15 25.15 15.75
C GLU E 141 27.80 26.60 16.03
N ALA E 142 27.29 26.86 17.22
CA ALA E 142 26.96 28.22 17.63
C ALA E 142 28.22 29.06 17.69
N TYR E 143 29.30 28.46 18.21
CA TYR E 143 30.59 29.12 18.32
C TYR E 143 31.07 29.71 17.00
N VAL E 144 31.17 28.88 15.98
CA VAL E 144 31.71 29.29 14.69
C VAL E 144 30.81 30.29 13.97
N LYS E 145 29.61 30.50 14.49
CA LYS E 145 28.65 31.41 13.87
C LYS E 145 28.48 32.72 14.64
N GLY E 146 29.38 32.97 15.59
CA GLY E 146 29.38 34.24 16.30
C GLY E 146 28.40 34.34 17.44
N GLN E 147 28.50 35.43 18.20
CA GLN E 147 27.76 35.61 19.45
C GLN E 147 26.23 35.61 19.30
N GLN E 148 25.75 35.72 18.06
CA GLN E 148 24.31 35.80 17.83
C GLN E 148 23.62 34.47 18.12
N GLU E 149 24.33 33.37 17.88
CA GLU E 149 23.81 32.04 18.17
C GLU E 149 24.09 31.62 19.60
N LEU E 150 25.25 32.02 20.11
CA LEU E 150 25.60 31.76 21.51
C LEU E 150 24.59 32.40 22.45
N LEU E 151 24.03 33.53 22.02
CA LEU E 151 23.00 34.22 22.79
C LEU E 151 21.76 33.36 22.90
N TYR E 152 21.52 32.55 21.87
CA TYR E 152 20.39 31.62 21.87
C TYR E 152 20.75 30.28 22.51
N VAL E 153 21.77 29.63 21.95
CA VAL E 153 22.12 28.26 22.32
C VAL E 153 22.55 28.07 23.77
N VAL E 154 23.43 28.94 24.26
CA VAL E 154 23.99 28.77 25.61
C VAL E 154 22.95 28.80 26.76
N PRO E 155 22.08 29.81 26.81
CA PRO E 155 21.07 29.78 27.87
C PRO E 155 20.14 28.57 27.72
N PHE E 156 19.90 28.17 26.48
CA PHE E 156 19.09 26.99 26.17
C PHE E 156 19.70 25.72 26.74
N VAL E 157 20.98 25.51 26.46
CA VAL E 157 21.72 24.35 26.96
C VAL E 157 21.74 24.32 28.48
N ALA E 158 21.92 25.49 29.08
CA ALA E 158 21.91 25.62 30.53
C ALA E 158 20.58 25.18 31.11
N LYS E 159 19.50 25.45 30.37
CA LYS E 159 18.15 25.14 30.82
C LYS E 159 17.86 23.64 30.88
N VAL E 160 18.37 22.89 29.91
CA VAL E 160 18.14 21.44 29.90
C VAL E 160 19.05 20.73 30.90
N LEU E 161 20.25 21.28 31.11
CA LEU E 161 21.21 20.64 32.00
C LEU E 161 20.90 20.90 33.48
N GLU E 162 19.96 21.82 33.74
CA GLU E 162 19.54 22.09 35.11
C GLU E 162 18.81 20.92 35.74
N SER E 163 18.48 19.92 34.91
CA SER E 163 17.78 18.73 35.40
C SER E 163 18.74 17.57 35.59
N SER E 164 19.99 17.74 35.18
CA SER E 164 20.99 16.70 35.37
C SER E 164 21.24 16.47 36.85
N ILE E 165 21.06 17.51 37.65
CA ILE E 165 21.26 17.42 39.09
C ILE E 165 20.11 16.64 39.75
N ARG E 166 19.00 16.50 39.04
CA ARG E 166 17.87 15.74 39.54
C ARG E 166 17.79 14.37 38.88
N SER E 167 18.89 13.96 38.26
CA SER E 167 18.97 12.66 37.60
C SER E 167 19.93 11.72 38.32
N VAL E 168 19.51 10.48 38.54
CA VAL E 168 20.33 9.50 39.23
C VAL E 168 21.53 9.13 38.37
N VAL E 169 21.38 9.23 37.06
CA VAL E 169 22.43 8.80 36.15
C VAL E 169 23.23 9.99 35.58
N PHE E 170 22.55 11.10 35.34
CA PHE E 170 23.15 12.25 34.67
C PHE E 170 23.82 13.28 35.58
N ARG E 171 23.56 13.20 36.89
CA ARG E 171 24.28 14.04 37.84
C ARG E 171 25.78 13.90 37.66
N PRO E 172 26.53 15.01 37.82
CA PRO E 172 27.99 14.96 37.82
C PRO E 172 28.49 13.82 38.70
N PRO E 173 29.52 13.08 38.26
CA PRO E 173 30.34 13.29 37.06
C PRO E 173 29.95 12.44 35.85
N ASN E 174 28.82 12.74 35.22
CA ASN E 174 28.39 11.99 34.04
C ASN E 174 29.22 12.34 32.80
N PRO E 175 29.76 11.31 32.12
CA PRO E 175 30.66 11.47 30.97
C PRO E 175 30.05 12.29 29.83
N TRP E 176 28.72 12.36 29.80
CA TRP E 176 28.00 13.12 28.78
C TRP E 176 27.68 14.52 29.29
N THR E 177 27.23 14.59 30.54
CA THR E 177 26.98 15.88 31.18
C THR E 177 28.29 16.65 31.27
N MET E 178 29.36 15.95 31.62
CA MET E 178 30.69 16.56 31.74
C MET E 178 31.24 17.06 30.42
N ALA E 179 31.04 16.29 29.36
CA ALA E 179 31.53 16.64 28.04
C ALA E 179 30.96 17.97 27.59
N ILE E 180 29.70 18.22 27.94
CA ILE E 180 29.03 19.47 27.59
C ILE E 180 29.56 20.62 28.45
N MET E 181 29.66 20.39 29.76
CA MET E 181 30.18 21.40 30.68
C MET E 181 31.62 21.77 30.34
N ASN E 182 32.43 20.77 29.98
CA ASN E 182 33.82 20.99 29.62
C ASN E 182 33.96 21.87 28.38
N VAL E 183 32.99 21.80 27.48
CA VAL E 183 32.96 22.67 26.31
C VAL E 183 32.52 24.07 26.73
N LEU E 184 31.57 24.12 27.66
CA LEU E 184 31.10 25.39 28.21
C LEU E 184 32.22 26.10 28.97
N ALA E 185 33.11 25.32 29.55
CA ALA E 185 34.27 25.87 30.26
C ALA E 185 35.28 26.42 29.26
N GLU E 186 35.35 25.77 28.10
CA GLU E 186 36.27 26.19 27.05
C GLU E 186 35.77 27.48 26.39
N LEU E 187 34.45 27.68 26.41
CA LEU E 187 33.85 28.91 25.90
C LEU E 187 34.03 30.04 26.89
N HIS E 188 34.22 29.69 28.16
CA HIS E 188 34.26 30.67 29.23
C HIS E 188 35.55 31.46 29.24
N GLN E 189 36.62 30.87 28.71
CA GLN E 189 37.92 31.53 28.68
C GLN E 189 38.15 32.25 27.36
N GLU E 190 37.24 32.04 26.41
CA GLU E 190 37.27 32.79 25.16
C GLU E 190 36.85 34.23 25.45
N HIS E 191 37.84 35.13 25.43
CA HIS E 191 37.65 36.56 25.67
C HIS E 191 36.52 37.19 24.87
N ASP E 192 36.23 36.59 23.71
CA ASP E 192 35.28 37.15 22.75
C ASP E 192 33.83 36.95 23.20
N LEU E 193 33.64 35.98 24.08
CA LEU E 193 32.32 35.69 24.64
C LEU E 193 31.79 36.90 25.38
N LYS E 194 30.51 37.20 25.16
CA LYS E 194 29.87 38.32 25.85
C LYS E 194 29.79 38.01 27.34
N LEU E 195 29.76 39.06 28.16
CA LEU E 195 29.87 38.91 29.61
C LEU E 195 28.66 38.21 30.25
N ASN E 196 27.49 38.39 29.67
CA ASN E 196 26.29 37.75 30.19
C ASN E 196 26.31 36.24 29.95
N LEU E 197 26.98 35.83 28.88
CA LEU E 197 27.10 34.41 28.57
C LEU E 197 28.20 33.75 29.40
N LYS E 198 29.14 34.56 29.89
CA LYS E 198 30.13 34.07 30.83
C LYS E 198 29.43 33.83 32.16
N PHE E 199 28.57 34.78 32.53
CA PHE E 199 27.79 34.70 33.76
C PHE E 199 26.84 33.50 33.69
N GLU E 200 26.20 33.33 32.54
CA GLU E 200 25.24 32.25 32.32
C GLU E 200 25.87 30.89 32.57
N ILE E 201 27.12 30.72 32.13
CA ILE E 201 27.85 29.48 32.33
C ILE E 201 28.19 29.27 33.80
N GLU E 202 28.53 30.36 34.49
CA GLU E 202 28.93 30.28 35.89
C GLU E 202 27.76 29.96 36.82
N VAL E 203 26.59 30.50 36.50
CA VAL E 203 25.38 30.20 37.27
C VAL E 203 25.01 28.73 37.08
N LEU E 204 25.20 28.23 35.87
CA LEU E 204 24.92 26.83 35.56
C LEU E 204 25.84 25.92 36.37
N CYS E 205 27.12 26.30 36.44
CA CYS E 205 28.08 25.55 37.23
C CYS E 205 27.66 25.52 38.70
N LYS E 206 27.10 26.64 39.17
CA LYS E 206 26.58 26.72 40.52
C LYS E 206 25.30 25.89 40.66
N ASN E 207 24.50 25.87 39.61
CA ASN E 207 23.24 25.13 39.60
C ASN E 207 23.45 23.63 39.50
N LEU E 208 24.65 23.23 39.08
CA LEU E 208 25.01 21.82 39.00
C LEU E 208 25.94 21.44 40.15
N ALA E 209 26.07 22.36 41.11
CA ALA E 209 26.98 22.19 42.25
C ALA E 209 28.40 21.85 41.79
N LEU E 210 28.90 22.63 40.84
CA LEU E 210 30.24 22.44 40.30
C LEU E 210 31.08 23.70 40.46
N ASP E 211 32.39 23.53 40.43
CA ASP E 211 33.32 24.64 40.45
C ASP E 211 33.83 24.78 39.04
N ILE E 212 33.69 25.98 38.47
CA ILE E 212 34.02 26.21 37.07
C ILE E 212 35.50 25.96 36.76
N ASN E 213 36.34 26.01 37.80
CA ASN E 213 37.77 25.81 37.63
C ASN E 213 38.20 24.36 37.89
N GLU E 214 37.29 23.55 38.40
CA GLU E 214 37.57 22.12 38.61
C GLU E 214 37.28 21.37 37.32
N LEU E 215 36.58 22.03 36.41
CA LEU E 215 36.27 21.45 35.10
C LEU E 215 37.54 21.22 34.29
N LYS E 216 37.43 20.38 33.26
CA LYS E 216 38.57 20.04 32.42
C LYS E 216 38.34 20.45 30.97
N PRO E 217 38.53 21.75 30.67
CA PRO E 217 38.28 22.26 29.31
C PRO E 217 39.30 21.72 28.32
N GLY E 218 38.82 21.17 27.21
CA GLY E 218 39.69 20.67 26.17
C GLY E 218 40.10 21.76 25.21
N ASN E 219 40.50 21.37 24.00
CA ASN E 219 40.86 22.33 22.96
C ASN E 219 40.15 22.05 21.65
N LEU E 220 38.82 21.85 21.73
CA LEU E 220 38.03 21.58 20.54
C LEU E 220 37.88 22.80 19.65
N LEU E 221 37.82 23.98 20.26
CA LEU E 221 37.64 25.23 19.52
C LEU E 221 38.85 25.56 18.65
N LYS E 222 39.96 24.88 18.91
CA LYS E 222 41.17 25.04 18.11
C LYS E 222 41.23 24.00 16.99
N ASP E 223 40.44 22.95 17.12
CA ASP E 223 40.33 21.94 16.07
C ASP E 223 39.41 22.48 14.98
N LYS E 224 39.95 23.34 14.14
CA LYS E 224 39.15 24.04 13.14
C LYS E 224 38.63 23.12 12.03
N ASP E 225 39.30 21.99 11.84
CA ASP E 225 38.88 21.02 10.83
C ASP E 225 37.50 20.47 11.15
N ARG E 226 37.35 20.01 12.38
CA ARG E 226 36.09 19.46 12.87
C ARG E 226 34.97 20.50 12.87
N LEU E 227 35.31 21.72 13.26
CA LEU E 227 34.33 22.80 13.41
C LEU E 227 33.54 23.11 12.13
N LYS E 228 34.10 22.75 10.97
CA LYS E 228 33.40 22.94 9.71
C LYS E 228 32.60 21.70 9.36
N ASN E 229 33.14 20.54 9.68
CA ASN E 229 32.51 19.26 9.35
C ASN E 229 31.37 18.89 10.31
N LEU E 230 30.77 19.90 10.93
CA LEU E 230 29.67 19.69 11.85
C LEU E 230 28.34 19.54 11.11
N ASP E 231 27.55 18.54 11.50
CA ASP E 231 26.20 18.41 11.01
C ASP E 231 25.37 19.56 11.56
N GLU E 232 25.01 20.50 10.70
CA GLU E 232 24.38 21.75 11.13
C GLU E 232 22.99 21.56 11.71
N GLN E 233 22.75 22.22 12.84
CA GLN E 233 21.47 22.17 13.53
C GLN E 233 20.88 23.58 13.66
N LEU E 234 21.65 24.57 13.25
CA LEU E 234 21.21 25.96 13.29
C LEU E 234 20.89 26.47 11.89
N SER E 235 20.52 27.75 11.80
CA SER E 235 20.19 28.35 10.52
C SER E 235 21.43 28.53 9.65
N PHE F 3 18.69 -29.16 -16.78
CA PHE F 3 18.75 -29.31 -15.33
C PHE F 3 18.27 -28.03 -14.63
N GLN F 4 17.71 -28.17 -13.43
CA GLN F 4 17.11 -27.04 -12.74
C GLN F 4 17.39 -27.07 -11.22
N GLY F 5 17.42 -25.90 -10.60
CA GLY F 5 17.63 -25.79 -9.17
C GLY F 5 17.18 -24.46 -8.58
N PRO F 6 16.54 -24.51 -7.40
CA PRO F 6 16.01 -23.33 -6.70
C PRO F 6 16.93 -22.83 -5.59
N HIS F 7 17.91 -23.65 -5.19
CA HIS F 7 18.85 -23.27 -4.15
C HIS F 7 19.72 -22.11 -4.63
N MET F 8 19.92 -22.06 -5.95
CA MET F 8 20.66 -20.97 -6.59
C MET F 8 20.12 -19.61 -6.19
N LEU F 9 18.80 -19.44 -6.29
CA LEU F 9 18.12 -18.18 -5.96
C LEU F 9 18.56 -17.60 -4.63
N GLU F 10 18.83 -18.47 -3.67
CA GLU F 10 19.32 -18.05 -2.36
C GLU F 10 20.84 -17.86 -2.34
N GLU F 11 21.58 -18.88 -2.77
CA GLU F 11 23.03 -18.89 -2.63
C GLU F 11 23.75 -17.78 -3.40
N ASN F 12 23.12 -17.28 -4.45
CA ASN F 12 23.78 -16.33 -5.34
C ASN F 12 23.61 -14.87 -4.95
N ILE F 13 22.95 -14.64 -3.82
CA ILE F 13 22.95 -13.34 -3.18
C ILE F 13 23.62 -13.50 -1.85
N GLN F 14 23.67 -14.74 -1.38
CA GLN F 14 24.25 -15.07 -0.09
C GLN F 14 25.73 -14.73 -0.15
N GLU F 15 26.36 -15.08 -1.26
CA GLU F 15 27.78 -14.80 -1.46
C GLU F 15 28.00 -13.31 -1.74
N LYS F 16 26.95 -12.64 -2.21
CA LYS F 16 27.02 -11.20 -2.46
C LYS F 16 27.08 -10.44 -1.14
N ILE F 17 26.25 -10.85 -0.18
CA ILE F 17 26.25 -10.25 1.14
C ILE F 17 27.45 -10.73 1.95
N ALA F 18 27.78 -12.02 1.80
CA ALA F 18 28.91 -12.60 2.51
C ALA F 18 30.20 -11.86 2.24
N PHE F 19 30.34 -11.37 1.00
CA PHE F 19 31.52 -10.60 0.61
C PHE F 19 31.66 -9.36 1.46
N ILE F 20 30.55 -8.68 1.73
CA ILE F 20 30.56 -7.47 2.52
C ILE F 20 31.08 -7.71 3.93
N PHE F 21 30.56 -8.74 4.59
CA PHE F 21 30.96 -9.07 5.95
C PHE F 21 32.16 -10.01 5.96
N ASN F 22 32.33 -10.77 4.87
CA ASN F 22 33.45 -11.70 4.76
C ASN F 22 34.78 -10.97 4.61
N ASN F 23 35.55 -10.92 5.69
CA ASN F 23 36.83 -10.23 5.68
C ASN F 23 36.67 -8.72 5.76
N LEU F 24 36.26 -8.23 6.92
CA LEU F 24 36.04 -6.81 7.13
C LEU F 24 36.84 -6.30 8.32
N SER F 25 37.28 -5.04 8.24
CA SER F 25 38.06 -4.43 9.30
C SER F 25 37.63 -2.98 9.48
N GLN F 26 38.34 -2.24 10.31
CA GLN F 26 38.08 -0.82 10.47
C GLN F 26 38.70 -0.04 9.31
N SER F 27 39.58 -0.71 8.57
CA SER F 27 40.21 -0.10 7.40
C SER F 27 39.21 0.00 6.25
N ASN F 28 38.66 -1.14 5.86
CA ASN F 28 37.75 -1.21 4.71
C ASN F 28 36.30 -0.91 5.06
N MET F 29 36.04 -0.55 6.32
CA MET F 29 34.68 -0.27 6.78
C MET F 29 33.96 0.77 5.95
N THR F 30 34.58 1.93 5.77
CA THR F 30 34.01 3.00 4.95
C THR F 30 33.80 2.56 3.52
N GLN F 31 34.70 1.70 3.02
CA GLN F 31 34.60 1.17 1.68
C GLN F 31 33.44 0.18 1.57
N LYS F 32 33.41 -0.77 2.50
CA LYS F 32 32.39 -1.83 2.52
C LYS F 32 30.97 -1.29 2.64
N VAL F 33 30.78 -0.28 3.47
CA VAL F 33 29.46 0.32 3.68
C VAL F 33 28.91 0.94 2.39
N GLU F 34 29.77 1.67 1.68
CA GLU F 34 29.38 2.25 0.39
C GLU F 34 29.13 1.16 -0.65
N GLU F 35 29.92 0.09 -0.58
CA GLU F 35 29.78 -1.03 -1.49
C GLU F 35 28.47 -1.79 -1.24
N LEU F 36 28.09 -1.87 0.03
CA LEU F 36 26.84 -2.52 0.41
C LEU F 36 25.65 -1.72 -0.13
N LYS F 37 25.82 -0.40 -0.21
CA LYS F 37 24.79 0.47 -0.76
C LYS F 37 24.81 0.48 -2.28
N GLU F 38 25.80 -0.19 -2.85
CA GLU F 38 25.98 -0.21 -4.31
C GLU F 38 25.56 -1.55 -4.92
N THR F 39 26.09 -2.64 -4.37
CA THR F 39 25.83 -3.98 -4.88
C THR F 39 24.50 -4.56 -4.39
N VAL F 40 24.01 -4.04 -3.27
CA VAL F 40 22.76 -4.53 -2.69
C VAL F 40 21.70 -3.44 -2.66
N LYS F 41 20.59 -3.70 -3.35
CA LYS F 41 19.50 -2.73 -3.41
C LYS F 41 18.76 -2.61 -2.07
N GLU F 42 17.93 -1.58 -1.96
CA GLU F 42 17.21 -1.28 -0.72
C GLU F 42 16.17 -2.34 -0.39
N GLU F 43 15.52 -2.88 -1.41
CA GLU F 43 14.50 -3.91 -1.23
C GLU F 43 15.06 -5.18 -0.59
N PHE F 44 16.39 -5.32 -0.65
CA PHE F 44 17.05 -6.51 -0.13
C PHE F 44 17.58 -6.36 1.30
N MET F 45 17.39 -5.18 1.88
CA MET F 45 17.85 -4.94 3.26
C MET F 45 17.32 -5.90 4.34
N PRO F 46 16.05 -6.34 4.24
CA PRO F 46 15.61 -7.35 5.21
C PRO F 46 16.41 -8.65 5.13
N TRP F 47 16.86 -9.00 3.93
CA TRP F 47 17.67 -10.19 3.72
C TRP F 47 19.06 -9.99 4.32
N VAL F 48 19.62 -8.81 4.11
CA VAL F 48 20.93 -8.45 4.67
C VAL F 48 20.88 -8.48 6.18
N SER F 49 19.86 -7.83 6.73
CA SER F 49 19.62 -7.81 8.17
C SER F 49 19.53 -9.22 8.73
N GLN F 50 18.77 -10.07 8.04
CA GLN F 50 18.57 -11.45 8.46
C GLN F 50 19.86 -12.27 8.39
N TYR F 51 20.65 -12.04 7.35
CA TYR F 51 21.93 -12.73 7.21
C TYR F 51 22.89 -12.35 8.33
N LEU F 52 22.91 -11.06 8.66
CA LEU F 52 23.80 -10.55 9.70
C LEU F 52 23.51 -11.20 11.05
N VAL F 53 22.25 -11.18 11.46
CA VAL F 53 21.87 -11.68 12.77
C VAL F 53 21.96 -13.21 12.84
N MET F 54 21.54 -13.90 11.79
CA MET F 54 21.43 -15.36 11.83
C MET F 54 22.71 -16.11 11.47
N LYS F 55 23.55 -15.51 10.62
CA LYS F 55 24.77 -16.17 10.16
C LYS F 55 26.05 -15.62 10.80
N ARG F 56 26.00 -14.40 11.29
CA ARG F 56 27.20 -13.76 11.87
C ARG F 56 27.10 -13.56 13.38
N VAL F 57 26.46 -12.46 13.78
CA VAL F 57 26.36 -12.09 15.19
C VAL F 57 26.11 -13.27 16.13
N SER F 58 25.40 -14.28 15.64
CA SER F 58 25.08 -15.44 16.45
C SER F 58 26.29 -16.34 16.75
N ILE F 59 27.23 -16.42 15.82
CA ILE F 59 28.38 -17.32 16.00
C ILE F 59 29.72 -16.61 16.14
N GLU F 60 29.73 -15.31 15.91
CA GLU F 60 30.98 -14.54 15.97
C GLU F 60 30.88 -13.36 16.92
N PRO F 61 31.00 -13.63 18.23
CA PRO F 61 30.91 -12.57 19.24
C PRO F 61 32.14 -11.66 19.23
N ASN F 62 33.25 -12.17 18.71
CA ASN F 62 34.47 -11.39 18.60
C ASN F 62 34.32 -10.27 17.58
N PHE F 63 33.34 -10.41 16.69
CA PHE F 63 33.11 -9.44 15.63
C PHE F 63 31.92 -8.54 15.93
N HIS F 64 31.44 -8.59 17.16
CA HIS F 64 30.28 -7.78 17.55
C HIS F 64 30.59 -6.29 17.59
N SER F 65 31.76 -5.95 18.14
CA SER F 65 32.22 -4.57 18.18
C SER F 65 32.29 -4.02 16.75
N LEU F 66 32.66 -4.89 15.84
CA LEU F 66 32.81 -4.56 14.43
C LEU F 66 31.47 -4.29 13.76
N TYR F 67 30.60 -5.30 13.72
CA TYR F 67 29.29 -5.17 13.08
C TYR F 67 28.47 -4.03 13.66
N SER F 68 28.71 -3.71 14.93
CA SER F 68 28.02 -2.61 15.58
C SER F 68 28.50 -1.28 15.02
N ASN F 69 29.80 -1.19 14.74
CA ASN F 69 30.37 0.00 14.12
C ASN F 69 29.93 0.14 12.67
N PHE F 70 29.68 -0.99 12.02
CA PHE F 70 29.18 -1.01 10.66
C PHE F 70 27.81 -0.32 10.61
N LEU F 71 26.95 -0.68 11.57
CA LEU F 71 25.63 -0.08 11.66
C LEU F 71 25.74 1.42 11.92
N ASP F 72 26.76 1.80 12.69
CA ASP F 72 27.00 3.20 13.02
C ASP F 72 27.57 3.96 11.83
N THR F 73 28.36 3.27 11.01
CA THR F 73 28.92 3.86 9.81
C THR F 73 27.83 4.05 8.75
N LEU F 74 27.04 3.00 8.54
CA LEU F 74 25.97 3.01 7.54
C LEU F 74 24.95 4.11 7.83
N LYS F 75 24.68 4.34 9.12
CA LYS F 75 23.72 5.35 9.56
C LYS F 75 22.34 5.15 8.95
N ASN F 76 21.87 3.91 8.94
CA ASN F 76 20.51 3.63 8.46
C ASN F 76 19.62 3.19 9.61
N PRO F 77 18.73 4.10 10.06
CA PRO F 77 17.75 3.79 11.11
C PRO F 77 16.79 2.66 10.72
N GLU F 78 16.30 2.66 9.47
CA GLU F 78 15.41 1.60 9.02
C GLU F 78 16.08 0.24 9.11
N PHE F 79 17.33 0.17 8.66
CA PHE F 79 18.08 -1.08 8.69
C PHE F 79 18.42 -1.51 10.11
N ASN F 80 18.67 -0.53 10.98
CA ASN F 80 18.96 -0.80 12.38
C ASN F 80 17.82 -1.56 13.07
N LYS F 81 16.60 -1.09 12.86
CA LYS F 81 15.42 -1.70 13.48
C LYS F 81 15.13 -3.07 12.86
N MET F 82 15.44 -3.23 11.58
CA MET F 82 15.35 -4.54 10.95
C MET F 82 16.27 -5.52 11.67
N VAL F 83 17.50 -5.08 11.92
CA VAL F 83 18.48 -5.88 12.66
C VAL F 83 18.01 -6.12 14.09
N LEU F 84 17.42 -5.10 14.71
CA LEU F 84 16.92 -5.23 16.08
C LEU F 84 15.76 -6.21 16.15
N ASN F 85 14.76 -6.02 15.30
CA ASN F 85 13.60 -6.92 15.25
C ASN F 85 13.99 -8.34 14.87
N GLU F 86 15.00 -8.47 14.01
CA GLU F 86 15.51 -9.78 13.64
C GLU F 86 16.22 -10.43 14.82
N THR F 87 16.89 -9.61 15.63
CA THR F 87 17.59 -10.09 16.82
C THR F 87 16.61 -10.69 17.82
N TYR F 88 15.50 -9.99 18.04
CA TYR F 88 14.48 -10.48 18.98
C TYR F 88 13.87 -11.79 18.51
N ARG F 89 13.74 -11.95 17.20
CA ARG F 89 13.21 -13.19 16.63
C ARG F 89 14.10 -14.38 16.98
N ASN F 90 15.39 -14.25 16.67
CA ASN F 90 16.35 -15.33 16.93
C ASN F 90 16.49 -15.66 18.41
N ILE F 91 16.31 -14.65 19.26
CA ILE F 91 16.36 -14.87 20.70
C ILE F 91 15.11 -15.61 21.15
N LYS F 92 13.96 -15.21 20.62
CA LYS F 92 12.68 -15.84 20.96
C LYS F 92 12.66 -17.32 20.59
N VAL F 93 13.36 -17.69 19.54
CA VAL F 93 13.46 -19.09 19.13
C VAL F 93 14.12 -19.93 20.21
N LEU F 94 15.33 -19.54 20.59
CA LEU F 94 16.09 -20.25 21.60
C LEU F 94 15.40 -20.18 22.95
N LEU F 95 14.73 -19.06 23.21
CA LEU F 95 14.00 -18.88 24.45
C LEU F 95 12.80 -19.82 24.55
N THR F 96 12.22 -20.18 23.41
CA THR F 96 11.06 -21.06 23.40
C THR F 96 11.40 -22.45 22.88
N SER F 97 12.70 -22.73 22.80
CA SER F 97 13.16 -24.07 22.43
C SER F 97 13.12 -24.98 23.64
N ASP F 98 13.37 -26.27 23.44
CA ASP F 98 13.43 -27.20 24.56
C ASP F 98 14.79 -27.18 25.24
N LYS F 99 14.82 -26.65 26.46
CA LYS F 99 16.06 -26.45 27.19
C LYS F 99 16.68 -27.77 27.66
N ALA F 100 17.98 -27.90 27.43
CA ALA F 100 18.76 -28.99 28.00
C ALA F 100 20.17 -28.48 28.26
N ALA F 101 20.69 -28.78 29.45
CA ALA F 101 22.02 -28.33 29.83
C ALA F 101 23.10 -28.80 28.86
N ALA F 102 22.89 -29.99 28.28
CA ALA F 102 23.83 -30.56 27.33
C ALA F 102 23.89 -29.76 26.04
N ASN F 103 22.80 -29.08 25.71
CA ASN F 103 22.77 -28.23 24.52
C ASN F 103 23.71 -27.04 24.65
N PHE F 104 24.97 -27.24 24.28
CA PHE F 104 26.00 -26.21 24.40
C PHE F 104 25.87 -25.13 23.33
N SER F 105 25.72 -25.55 22.07
CA SER F 105 25.56 -24.63 20.94
C SER F 105 24.42 -23.63 21.15
N ASP F 106 23.26 -24.13 21.56
CA ASP F 106 22.10 -23.28 21.81
C ASP F 106 22.37 -22.24 22.90
N ARG F 107 23.04 -22.65 23.97
CA ARG F 107 23.37 -21.72 25.05
C ARG F 107 24.38 -20.67 24.61
N SER F 108 25.36 -21.08 23.80
CA SER F 108 26.35 -20.17 23.26
C SER F 108 25.69 -19.15 22.33
N LEU F 109 24.87 -19.65 21.40
CA LEU F 109 24.16 -18.80 20.45
C LEU F 109 23.25 -17.80 21.16
N LEU F 110 22.58 -18.25 22.22
CA LEU F 110 21.72 -17.36 22.99
C LEU F 110 22.54 -16.27 23.67
N LYS F 111 23.66 -16.66 24.27
CA LYS F 111 24.56 -15.71 24.93
C LYS F 111 25.13 -14.71 23.93
N ASN F 112 25.49 -15.19 22.75
CA ASN F 112 26.02 -14.31 21.70
C ASN F 112 24.99 -13.27 21.27
N LEU F 113 23.76 -13.70 21.05
CA LEU F 113 22.69 -12.80 20.63
C LEU F 113 22.35 -11.80 21.73
N GLY F 114 22.36 -12.27 22.98
CA GLY F 114 22.13 -11.41 24.12
C GLY F 114 23.20 -10.35 24.26
N HIS F 115 24.43 -10.73 23.95
CA HIS F 115 25.55 -9.79 23.95
C HIS F 115 25.33 -8.71 22.90
N TRP F 116 24.95 -9.15 21.71
CA TRP F 116 24.69 -8.27 20.58
C TRP F 116 23.52 -7.33 20.84
N LEU F 117 22.46 -7.86 21.45
CA LEU F 117 21.28 -7.08 21.77
C LEU F 117 21.64 -5.91 22.68
N GLY F 118 22.47 -6.18 23.68
CA GLY F 118 22.92 -5.14 24.59
C GLY F 118 23.78 -4.10 23.88
N MET F 119 24.53 -4.54 22.88
CA MET F 119 25.42 -3.64 22.14
C MET F 119 24.68 -2.68 21.22
N ILE F 120 23.54 -3.11 20.69
CA ILE F 120 22.79 -2.28 19.74
C ILE F 120 21.61 -1.57 20.39
N THR F 121 21.41 -1.81 21.69
CA THR F 121 20.35 -1.12 22.42
C THR F 121 20.90 -0.26 23.55
N LEU F 122 21.27 -0.92 24.64
CA LEU F 122 21.73 -0.24 25.84
C LEU F 122 22.99 0.59 25.58
N ALA F 123 23.97 -0.02 24.92
CA ALA F 123 25.24 0.64 24.63
C ALA F 123 25.07 1.84 23.70
N LYS F 124 23.90 1.96 23.09
CA LYS F 124 23.60 3.08 22.20
C LYS F 124 22.45 3.91 22.73
N ASN F 125 22.26 3.86 24.06
CA ASN F 125 21.29 4.70 24.75
C ASN F 125 19.85 4.48 24.32
N LYS F 126 19.57 3.30 23.79
CA LYS F 126 18.22 2.92 23.37
C LYS F 126 17.69 1.84 24.30
N PRO F 127 16.45 1.99 24.78
CA PRO F 127 15.91 1.03 25.75
C PRO F 127 15.57 -0.31 25.12
N ILE F 128 15.48 -1.33 25.97
CA ILE F 128 14.93 -2.61 25.56
C ILE F 128 13.47 -2.66 26.01
N LEU F 129 12.56 -2.60 25.05
CA LEU F 129 11.13 -2.53 25.37
C LEU F 129 10.59 -3.85 25.88
N HIS F 130 9.83 -3.79 26.96
CA HIS F 130 9.22 -4.98 27.56
C HIS F 130 8.20 -5.59 26.62
N THR F 131 7.75 -4.82 25.64
CA THR F 131 6.86 -5.31 24.61
C THR F 131 7.61 -6.27 23.70
N ASP F 132 8.94 -6.19 23.74
CA ASP F 132 9.81 -7.07 22.97
C ASP F 132 10.46 -8.10 23.88
N LEU F 133 10.99 -7.63 25.01
CA LEU F 133 11.64 -8.51 25.97
C LEU F 133 11.64 -7.91 27.37
N ASP F 134 10.84 -8.47 28.26
CA ASP F 134 10.81 -8.05 29.65
C ASP F 134 11.88 -8.84 30.40
N VAL F 135 13.09 -8.27 30.45
CA VAL F 135 14.24 -8.93 31.06
C VAL F 135 14.00 -9.29 32.53
N LYS F 136 13.39 -8.37 33.26
CA LYS F 136 13.10 -8.60 34.68
C LYS F 136 12.19 -9.81 34.88
N SER F 137 11.20 -9.94 34.00
CA SER F 137 10.26 -11.06 34.06
C SER F 137 10.87 -12.36 33.54
N LEU F 138 11.73 -12.24 32.54
CA LEU F 138 12.38 -13.40 31.94
C LEU F 138 13.22 -14.14 32.98
N LEU F 139 13.70 -13.40 33.97
CA LEU F 139 14.43 -13.99 35.08
C LEU F 139 13.47 -14.74 35.99
N LEU F 140 12.43 -14.06 36.43
CA LEU F 140 11.44 -14.64 37.34
C LEU F 140 10.76 -15.88 36.74
N GLU F 141 10.56 -15.86 35.44
CA GLU F 141 9.94 -16.99 34.75
C GLU F 141 10.91 -18.17 34.67
N ALA F 142 12.19 -17.88 34.47
CA ALA F 142 13.20 -18.92 34.40
C ALA F 142 13.41 -19.56 35.77
N TYR F 143 13.07 -18.80 36.81
CA TYR F 143 13.19 -19.28 38.18
C TYR F 143 12.24 -20.44 38.46
N VAL F 144 10.97 -20.26 38.12
CA VAL F 144 9.95 -21.26 38.44
C VAL F 144 10.04 -22.50 37.56
N LYS F 145 10.46 -22.33 36.31
CA LYS F 145 10.52 -23.44 35.38
C LYS F 145 11.69 -24.36 35.72
N GLY F 146 12.57 -23.88 36.57
CA GLY F 146 13.62 -24.73 37.13
C GLY F 146 15.04 -24.35 36.72
N GLN F 147 15.98 -25.18 37.17
CA GLN F 147 17.40 -24.93 37.00
C GLN F 147 17.82 -24.81 35.52
N GLN F 148 17.21 -25.61 34.66
CA GLN F 148 17.59 -25.65 33.25
C GLN F 148 17.14 -24.41 32.46
N GLU F 149 16.12 -23.72 32.95
CA GLU F 149 15.77 -22.40 32.39
C GLU F 149 16.68 -21.33 32.98
N LEU F 150 16.96 -21.44 34.27
CA LEU F 150 17.90 -20.55 34.94
C LEU F 150 19.27 -20.61 34.26
N LEU F 151 19.64 -21.80 33.79
CA LEU F 151 20.93 -22.01 33.17
C LEU F 151 21.03 -21.33 31.81
N TYR F 152 19.91 -21.20 31.13
CA TYR F 152 19.84 -20.55 29.82
C TYR F 152 19.78 -19.03 29.98
N VAL F 153 18.96 -18.57 30.91
CA VAL F 153 18.59 -17.15 30.99
C VAL F 153 19.60 -16.26 31.70
N VAL F 154 20.11 -16.68 32.86
CA VAL F 154 21.05 -15.87 33.63
C VAL F 154 22.33 -15.47 32.85
N PRO F 155 22.98 -16.42 32.15
CA PRO F 155 24.08 -15.98 31.29
C PRO F 155 23.62 -15.06 30.17
N PHE F 156 22.43 -15.32 29.62
CA PHE F 156 21.86 -14.49 28.57
C PHE F 156 21.68 -13.05 29.05
N VAL F 157 20.94 -12.89 30.15
CA VAL F 157 20.71 -11.57 30.75
C VAL F 157 22.02 -10.86 31.06
N ALA F 158 22.99 -11.63 31.55
CA ALA F 158 24.31 -11.09 31.89
C ALA F 158 24.97 -10.40 30.70
N LYS F 159 24.82 -10.97 29.52
CA LYS F 159 25.49 -10.45 28.32
C LYS F 159 24.85 -9.18 27.76
N VAL F 160 23.54 -9.01 27.94
CA VAL F 160 22.89 -7.78 27.51
C VAL F 160 23.23 -6.63 28.46
N LEU F 161 23.52 -6.97 29.71
CA LEU F 161 23.83 -5.98 30.73
C LEU F 161 25.32 -5.61 30.77
N GLU F 162 26.15 -6.40 30.10
CA GLU F 162 27.58 -6.08 29.94
C GLU F 162 27.78 -4.77 29.18
N SER F 163 26.73 -4.32 28.51
CA SER F 163 26.79 -3.09 27.73
C SER F 163 26.21 -1.91 28.49
N SER F 164 25.62 -2.16 29.65
CA SER F 164 25.06 -1.08 30.46
C SER F 164 26.16 -0.13 30.93
N ILE F 165 27.38 -0.65 30.97
CA ILE F 165 28.54 0.16 31.35
C ILE F 165 28.89 1.16 30.25
N ARG F 166 28.95 0.66 29.01
CA ARG F 166 29.29 1.52 27.88
C ARG F 166 28.10 2.37 27.46
N SER F 167 27.05 2.35 28.28
CA SER F 167 25.92 3.24 28.12
C SER F 167 26.13 4.47 28.98
N VAL F 168 25.49 5.56 28.60
CA VAL F 168 25.57 6.79 29.36
C VAL F 168 24.29 6.94 30.18
N VAL F 169 23.29 6.16 29.80
CA VAL F 169 21.97 6.24 30.42
C VAL F 169 21.71 5.06 31.34
N PHE F 170 22.14 3.88 30.91
CA PHE F 170 21.79 2.64 31.59
C PHE F 170 22.83 2.16 32.59
N ARG F 171 23.87 2.97 32.81
CA ARG F 171 24.88 2.65 33.80
C ARG F 171 24.28 2.73 35.19
N PRO F 172 24.83 1.97 36.16
CA PRO F 172 24.43 2.12 37.55
C PRO F 172 24.57 3.57 38.00
N PRO F 173 23.64 4.06 38.83
CA PRO F 173 22.50 3.36 39.41
C PRO F 173 21.20 3.63 38.64
N ASN F 174 21.05 3.06 37.45
CA ASN F 174 19.84 3.24 36.66
C ASN F 174 18.71 2.34 37.16
N PRO F 175 17.58 2.94 37.58
CA PRO F 175 16.43 2.22 38.12
C PRO F 175 16.02 0.99 37.33
N TRP F 176 16.13 1.03 36.00
CA TRP F 176 15.82 -0.14 35.19
C TRP F 176 16.95 -1.14 35.30
N THR F 177 18.18 -0.65 35.18
CA THR F 177 19.35 -1.53 35.25
C THR F 177 19.43 -2.17 36.63
N MET F 178 19.24 -1.37 37.68
CA MET F 178 19.34 -1.85 39.05
C MET F 178 18.21 -2.79 39.44
N ALA F 179 17.02 -2.56 38.89
CA ALA F 179 15.87 -3.41 39.18
C ALA F 179 16.15 -4.85 38.75
N ILE F 180 16.78 -5.00 37.59
CA ILE F 180 17.20 -6.31 37.11
C ILE F 180 18.32 -6.84 37.99
N MET F 181 19.23 -5.96 38.38
CA MET F 181 20.36 -6.31 39.22
C MET F 181 19.93 -6.85 40.57
N ASN F 182 18.88 -6.25 41.14
CA ASN F 182 18.37 -6.67 42.44
C ASN F 182 17.69 -8.03 42.39
N VAL F 183 17.02 -8.31 41.27
CA VAL F 183 16.44 -9.64 41.05
C VAL F 183 17.55 -10.67 40.96
N LEU F 184 18.66 -10.29 40.34
CA LEU F 184 19.84 -11.15 40.26
C LEU F 184 20.49 -11.31 41.63
N ALA F 185 20.48 -10.22 42.41
CA ALA F 185 21.03 -10.25 43.76
C ALA F 185 20.15 -11.11 44.66
N GLU F 186 18.85 -10.97 44.48
CA GLU F 186 17.88 -11.75 45.23
C GLU F 186 18.03 -13.23 44.90
N LEU F 187 18.30 -13.51 43.63
CA LEU F 187 18.62 -14.87 43.19
C LEU F 187 19.90 -15.36 43.84
N HIS F 188 20.92 -14.51 43.83
CA HIS F 188 22.24 -14.86 44.37
C HIS F 188 22.13 -15.43 45.79
N GLN F 189 21.22 -14.87 46.58
CA GLN F 189 20.96 -15.35 47.93
C GLN F 189 19.91 -16.47 47.93
N GLU F 190 20.26 -17.59 47.31
CA GLU F 190 19.38 -18.74 47.21
C GLU F 190 20.27 -19.98 47.11
N HIS F 191 20.31 -20.76 48.18
CA HIS F 191 21.23 -21.88 48.30
C HIS F 191 21.13 -22.93 47.16
N ASP F 192 19.99 -22.97 46.48
CA ASP F 192 19.75 -23.91 45.38
C ASP F 192 20.33 -23.43 44.04
N LEU F 193 20.60 -22.12 43.97
CA LEU F 193 21.20 -21.51 42.78
C LEU F 193 22.59 -22.04 42.48
N LYS F 194 22.74 -22.61 41.27
CA LYS F 194 23.97 -23.26 40.86
C LYS F 194 25.15 -22.31 40.97
N LEU F 195 26.35 -22.90 41.14
CA LEU F 195 27.56 -22.13 41.41
C LEU F 195 27.93 -21.21 40.25
N ASN F 196 27.91 -21.75 39.04
CA ASN F 196 28.31 -21.02 37.85
C ASN F 196 27.35 -19.90 37.53
N LEU F 197 26.15 -19.98 38.11
CA LEU F 197 25.17 -18.92 38.03
C LEU F 197 25.40 -17.91 39.15
N LYS F 198 25.83 -18.39 40.32
CA LYS F 198 26.25 -17.50 41.40
C LYS F 198 27.52 -16.78 40.98
N PHE F 199 28.42 -17.52 40.35
CA PHE F 199 29.68 -16.99 39.84
C PHE F 199 29.40 -15.93 38.80
N GLU F 200 28.44 -16.22 37.92
CA GLU F 200 28.08 -15.34 36.82
C GLU F 200 27.59 -13.98 37.30
N ILE F 201 26.78 -13.99 38.36
CA ILE F 201 26.23 -12.77 38.92
C ILE F 201 27.31 -11.94 39.61
N GLU F 202 28.29 -12.62 40.19
CA GLU F 202 29.43 -11.94 40.79
C GLU F 202 30.26 -11.24 39.73
N VAL F 203 30.65 -11.98 38.70
CA VAL F 203 31.46 -11.47 37.60
C VAL F 203 30.78 -10.27 36.95
N LEU F 204 29.45 -10.31 36.88
CA LEU F 204 28.71 -9.21 36.29
C LEU F 204 28.73 -7.96 37.18
N CYS F 205 28.61 -8.15 38.49
CA CYS F 205 28.73 -7.02 39.43
C CYS F 205 30.09 -6.34 39.33
N LYS F 206 31.12 -7.13 39.01
CA LYS F 206 32.46 -6.60 38.81
C LYS F 206 32.56 -5.84 37.49
N ASN F 207 32.07 -6.46 36.42
CA ASN F 207 32.09 -5.84 35.09
C ASN F 207 31.27 -4.56 35.03
N LEU F 208 30.32 -4.43 35.96
CA LEU F 208 29.50 -3.23 36.05
C LEU F 208 29.96 -2.33 37.19
N ALA F 209 31.11 -2.68 37.76
CA ALA F 209 31.70 -1.94 38.88
C ALA F 209 30.71 -1.77 40.04
N LEU F 210 30.16 -2.88 40.50
CA LEU F 210 29.21 -2.87 41.61
C LEU F 210 29.67 -3.82 42.70
N ASP F 211 29.27 -3.54 43.93
CA ASP F 211 29.47 -4.48 45.02
C ASP F 211 28.17 -5.26 45.20
N ILE F 212 28.27 -6.58 45.08
CA ILE F 212 27.10 -7.45 45.15
C ILE F 212 26.41 -7.36 46.51
N ASN F 213 27.17 -7.00 47.54
CA ASN F 213 26.63 -6.84 48.88
C ASN F 213 26.14 -5.42 49.14
N GLU F 214 26.20 -4.58 48.10
CA GLU F 214 25.72 -3.21 48.20
C GLU F 214 24.39 -3.07 47.47
N LEU F 215 23.99 -4.15 46.80
CA LEU F 215 22.71 -4.19 46.11
C LEU F 215 21.57 -4.32 47.12
N LYS F 216 20.34 -4.23 46.64
CA LYS F 216 19.18 -4.27 47.53
C LYS F 216 18.14 -5.29 47.08
N PRO F 217 18.40 -6.58 47.38
CA PRO F 217 17.50 -7.67 47.00
C PRO F 217 16.14 -7.55 47.69
N GLY F 218 15.07 -7.59 46.91
CA GLY F 218 13.73 -7.51 47.46
C GLY F 218 13.22 -8.88 47.86
N ASN F 219 11.92 -9.11 47.69
CA ASN F 219 11.32 -10.41 47.99
C ASN F 219 10.39 -10.87 46.87
N LEU F 220 10.79 -10.59 45.63
CA LEU F 220 9.98 -10.94 44.46
C LEU F 220 9.89 -12.45 44.28
N LEU F 221 10.96 -13.15 44.65
CA LEU F 221 11.00 -14.60 44.54
C LEU F 221 10.06 -15.25 45.56
N LYS F 222 9.52 -14.44 46.47
CA LYS F 222 8.60 -14.92 47.49
C LYS F 222 7.14 -14.69 47.10
N ASP F 223 6.92 -13.83 46.10
CA ASP F 223 5.58 -13.51 45.65
C ASP F 223 5.08 -14.56 44.66
N LYS F 224 4.50 -15.63 45.20
CA LYS F 224 4.01 -16.74 44.39
C LYS F 224 2.90 -16.33 43.42
N ASP F 225 2.01 -15.45 43.89
CA ASP F 225 0.87 -15.00 43.10
C ASP F 225 1.30 -14.33 41.79
N ARG F 226 2.20 -13.37 41.90
CA ARG F 226 2.75 -12.69 40.73
C ARG F 226 3.57 -13.66 39.89
N LEU F 227 4.26 -14.56 40.58
CA LEU F 227 5.15 -15.52 39.96
C LEU F 227 4.41 -16.47 39.02
N LYS F 228 3.15 -16.74 39.34
CA LYS F 228 2.34 -17.65 38.52
C LYS F 228 1.59 -16.92 37.41
N ASN F 229 1.49 -15.60 37.53
CA ASN F 229 0.79 -14.80 36.53
C ASN F 229 1.73 -13.95 35.69
N LEU F 230 2.77 -14.60 35.15
CA LEU F 230 3.74 -13.92 34.30
C LEU F 230 3.43 -14.21 32.84
N ASP F 231 3.65 -13.21 31.99
CA ASP F 231 3.56 -13.42 30.55
C ASP F 231 4.74 -14.26 30.10
N GLU F 232 4.49 -15.53 29.77
CA GLU F 232 5.55 -16.47 29.46
C GLU F 232 6.35 -16.10 28.21
N GLN F 233 7.66 -16.02 28.37
CA GLN F 233 8.55 -15.71 27.26
C GLN F 233 9.42 -16.92 26.93
N LEU F 234 9.41 -17.90 27.83
CA LEU F 234 10.10 -19.16 27.60
C LEU F 234 9.13 -20.20 27.05
N SER F 235 9.63 -21.39 26.75
CA SER F 235 8.79 -22.44 26.20
C SER F 235 7.76 -22.92 27.22
#